data_5IJB
#
_entry.id   5IJB
#
_cell.length_a   128.320
_cell.length_b   128.320
_cell.length_c   277.507
_cell.angle_alpha   90.00
_cell.angle_beta   90.00
_cell.angle_gamma   90.00
#
_symmetry.space_group_name_H-M   'P 43 21 2'
#
loop_
_entity.id
_entity.type
_entity.pdbx_description
1 polymer 'Toll-like receptor 4, Variable lymphocyte receptor B chimera'
2 polymer 'Lymphocyte antigen 96'
3 branched 2-acetamido-2-deoxy-beta-D-glucopyranose-(1-4)-2-acetamido-2-deoxy-beta-D-glucopyranose
4 non-polymer 2-acetamido-2-deoxy-beta-D-glucopyranose
#
loop_
_entity_poly.entity_id
_entity_poly.type
_entity_poly.pdbx_seq_one_letter_code
_entity_poly.pdbx_strand_id
1 'polypeptide(L)'
;NPCIEVVPNITYQCMDQKLSKVPDDIPSSTKNIDLSFNPLKILKSYSFSNFSELQWLDLSRCEIETIEDKAWHGLHHLSN
LILTGNPIQSFSPGSFSGLTSLENLVAVETKLASLESFPIGQLITLKKLNVAHNFIHSCKLPAYFSNLTNLVHVDLSYNY
IQTITVNDLQFLRENPQVNLSLDMSLNPIDFIQDQAFQGIKLHELTLRGNFNSSNIMKTCLQNLAGLHVHRLILGEFKDE
RNLEIFEPSIMEGLCDVTIDEFRLTYTNDFSDDIVKFHCLANVSAMSLAGVSIKYLEDVPKHFKWQSLSIIRCQLKQFPT
LDLPFLKSLTLTMNKGSISFKKVALPSLSYLDLSRNALSFSGCCSYSDLGTNSLRHLDLSFNGAIIMSANFMGLEELQHL
DFQHSTLKRVTEFSAFLSLEKLLYLDISYTNTKIDFDGIFLGLTSLNTLKMAGNSFKDNTLSNVFANTTNLTFLDLSKCQ
LEQISWGVFDTLHRLQLLNMSHNNLLFLDSSHYNQLYSLKELALDTNQLKSVPDGIFDRLTSLQKIWLHTNPWDCSCPRI
DYLSRWLNKNSQKEQGSAKCSGSGKPVRSIICPT
;
A,B
2 'polypeptide(L)'
;EKQQWFCNSSDAIISYSYCDHLKFPISISSEPCIRLRGTNGFVHVEFIPRGNLKYLYFNLFISVNSIELPKRKEVLCHGH
DDDYSFCRALKGETVNTSIPFSFEGILFPKGHYRCVAEAIAGDTEEKLFCLNFTIIHRRDVNKGENLYFQ
;
C,D
#
loop_
_chem_comp.id
_chem_comp.type
_chem_comp.name
_chem_comp.formula
NAG D-saccharide, beta linking 2-acetamido-2-deoxy-beta-D-glucopyranose 'C8 H15 N O6'
#
# COMPACT_ATOMS: atom_id res chain seq x y z
N PRO A 2 29.60 36.65 -17.07
CA PRO A 2 29.67 35.90 -18.33
C PRO A 2 29.28 34.40 -18.21
N CYS A 3 30.20 33.57 -17.74
CA CYS A 3 29.99 32.11 -17.68
C CYS A 3 29.16 31.71 -16.48
N ILE A 4 28.71 30.46 -16.45
CA ILE A 4 28.02 29.90 -15.30
C ILE A 4 29.06 29.24 -14.43
N GLU A 5 28.86 29.31 -13.12
CA GLU A 5 29.88 28.90 -12.18
C GLU A 5 29.51 27.60 -11.48
N VAL A 6 29.09 26.61 -12.27
CA VAL A 6 28.61 25.33 -11.72
C VAL A 6 29.36 24.92 -10.46
N VAL A 7 30.68 25.07 -10.49
CA VAL A 7 31.51 24.84 -9.32
C VAL A 7 32.40 26.06 -9.08
N PRO A 8 32.21 26.74 -7.94
CA PRO A 8 33.00 27.90 -7.56
C PRO A 8 34.51 27.74 -7.82
N ASN A 9 35.03 28.56 -8.73
CA ASN A 9 36.46 28.64 -9.05
C ASN A 9 37.12 27.35 -9.55
N ILE A 10 36.34 26.46 -10.14
CA ILE A 10 36.88 25.19 -10.64
C ILE A 10 36.30 24.88 -12.03
N THR A 11 34.99 24.68 -12.06
CA THR A 11 34.30 24.30 -13.28
C THR A 11 33.48 25.48 -13.75
N TYR A 12 33.46 25.69 -15.06
CA TYR A 12 32.60 26.69 -15.65
C TYR A 12 31.81 26.19 -16.84
N GLN A 13 30.82 26.99 -17.21
CA GLN A 13 29.88 26.61 -18.23
C GLN A 13 29.65 27.84 -19.08
N CYS A 14 30.54 28.01 -20.05
CA CYS A 14 30.52 29.18 -20.92
C CYS A 14 29.82 28.88 -22.22
N MET A 15 29.10 27.77 -22.25
CA MET A 15 28.40 27.35 -23.47
C MET A 15 27.48 28.45 -23.99
N ASP A 16 27.30 28.48 -25.29
CA ASP A 16 26.37 29.41 -25.96
C ASP A 16 26.25 30.76 -25.25
N GLN A 17 27.38 31.47 -25.13
CA GLN A 17 27.41 32.82 -24.58
C GLN A 17 27.74 33.85 -25.66
N LYS A 18 27.40 33.55 -26.91
CA LYS A 18 27.75 34.42 -28.04
C LYS A 18 29.10 35.12 -27.84
N LEU A 19 30.09 34.42 -27.32
CA LEU A 19 31.38 35.03 -27.01
C LEU A 19 32.31 35.20 -28.22
N SER A 20 32.41 36.45 -28.67
CA SER A 20 33.28 36.86 -29.79
C SER A 20 34.69 36.28 -29.64
N LYS A 21 35.29 36.52 -28.49
CA LYS A 21 36.65 36.08 -28.20
C LYS A 21 36.59 35.05 -27.09
N VAL A 22 37.74 34.71 -26.53
CA VAL A 22 37.81 34.09 -25.20
C VAL A 22 37.53 35.20 -24.18
N PRO A 23 37.06 34.85 -22.96
CA PRO A 23 36.97 35.86 -21.90
C PRO A 23 38.23 35.89 -21.04
N ASP A 24 38.54 37.06 -20.50
CA ASP A 24 39.75 37.28 -19.69
C ASP A 24 39.47 37.27 -18.18
N ASP A 25 38.27 37.69 -17.78
CA ASP A 25 37.89 37.80 -16.36
C ASP A 25 37.73 36.45 -15.64
N ILE A 26 38.14 35.37 -16.28
CA ILE A 26 37.93 34.03 -15.73
C ILE A 26 39.09 33.67 -14.79
N PRO A 27 38.78 33.02 -13.67
CA PRO A 27 39.78 32.50 -12.76
C PRO A 27 40.81 31.61 -13.45
N SER A 28 42.01 31.55 -12.86
CA SER A 28 43.13 30.74 -13.33
C SER A 28 43.25 29.40 -12.63
N SER A 29 42.54 29.24 -11.51
CA SER A 29 42.56 28.00 -10.73
C SER A 29 41.90 26.84 -11.48
N THR A 30 40.89 27.20 -12.30
CA THR A 30 39.98 26.26 -12.99
C THR A 30 40.64 25.03 -13.65
N LYS A 31 40.07 23.86 -13.42
CA LYS A 31 40.51 22.62 -14.05
C LYS A 31 39.60 22.23 -15.23
N ASN A 32 38.51 22.97 -15.41
CA ASN A 32 37.54 22.67 -16.45
C ASN A 32 36.88 23.92 -17.03
N ILE A 33 36.73 23.94 -18.34
CA ILE A 33 35.82 24.88 -18.95
C ILE A 33 35.23 24.36 -20.25
N ASP A 34 33.91 24.46 -20.36
CA ASP A 34 33.20 24.20 -21.59
C ASP A 34 32.94 25.53 -22.31
N LEU A 35 33.58 25.67 -23.46
CA LEU A 35 33.45 26.84 -24.32
C LEU A 35 32.67 26.58 -25.59
N SER A 36 32.04 25.41 -25.68
CA SER A 36 31.34 25.04 -26.89
C SER A 36 30.36 26.10 -27.37
N PHE A 37 30.01 26.05 -28.64
CA PHE A 37 28.92 26.85 -29.18
C PHE A 37 29.11 28.38 -29.20
N ASN A 38 30.33 28.85 -28.92
CA ASN A 38 30.65 30.29 -28.95
C ASN A 38 31.39 30.62 -30.25
N PRO A 39 31.09 31.78 -30.88
CA PRO A 39 31.76 32.07 -32.16
C PRO A 39 33.20 32.55 -31.99
N LEU A 40 34.13 31.61 -31.81
CA LEU A 40 35.56 31.92 -31.65
C LEU A 40 36.32 32.06 -32.97
N LYS A 41 35.79 31.47 -34.05
CA LYS A 41 36.27 31.72 -35.42
C LYS A 41 37.75 31.29 -35.70
N ILE A 42 38.71 31.93 -35.03
CA ILE A 42 40.13 31.54 -35.07
C ILE A 42 40.48 31.07 -33.67
N LEU A 43 41.58 30.33 -33.54
CA LEU A 43 42.14 30.06 -32.22
C LEU A 43 43.47 30.78 -32.12
N LYS A 44 43.52 31.75 -31.23
CA LYS A 44 44.64 32.71 -31.21
C LYS A 44 45.89 32.04 -30.66
N SER A 45 47.05 32.60 -31.01
CA SER A 45 48.29 32.15 -30.44
C SER A 45 48.34 32.69 -29.04
N TYR A 46 48.49 31.79 -28.07
CA TYR A 46 48.42 32.12 -26.65
C TYR A 46 46.98 32.40 -26.19
N SER A 47 45.97 31.97 -26.96
CA SER A 47 44.54 32.25 -26.64
C SER A 47 44.14 31.77 -25.24
N PHE A 48 44.90 30.82 -24.69
CA PHE A 48 44.69 30.32 -23.32
C PHE A 48 45.99 30.24 -22.55
N SER A 49 46.98 31.06 -22.94
CA SER A 49 48.32 30.96 -22.35
C SER A 49 48.37 31.26 -20.86
N ASN A 50 47.59 32.25 -20.43
CA ASN A 50 47.50 32.59 -19.01
C ASN A 50 46.95 31.40 -18.19
N PHE A 51 45.78 30.86 -18.58
CA PHE A 51 45.18 29.68 -17.92
C PHE A 51 46.17 28.53 -18.04
N SER A 52 46.37 27.74 -16.98
CA SER A 52 47.43 26.71 -17.00
C SER A 52 47.33 25.63 -15.92
N GLU A 53 46.11 25.23 -15.58
CA GLU A 53 45.88 24.07 -14.72
C GLU A 53 44.67 23.27 -15.20
N LEU A 54 44.41 23.37 -16.49
CA LEU A 54 43.16 22.90 -17.08
C LEU A 54 43.30 21.44 -17.48
N GLN A 55 42.37 20.60 -17.02
CA GLN A 55 42.37 19.17 -17.35
C GLN A 55 41.42 18.86 -18.51
N TRP A 56 40.34 19.61 -18.56
CA TRP A 56 39.30 19.41 -19.54
C TRP A 56 39.06 20.75 -20.19
N LEU A 57 39.20 20.78 -21.51
CA LEU A 57 38.88 21.94 -22.31
C LEU A 57 38.04 21.47 -23.49
N ASP A 58 36.92 22.15 -23.73
CA ASP A 58 35.96 21.72 -24.73
C ASP A 58 35.58 22.85 -25.63
N LEU A 59 35.87 22.72 -26.92
CA LEU A 59 35.61 23.77 -27.88
C LEU A 59 34.75 23.26 -29.00
N SER A 60 33.83 22.36 -28.67
CA SER A 60 32.96 21.81 -29.69
C SER A 60 32.25 22.94 -30.42
N ARG A 61 31.94 22.72 -31.68
CA ARG A 61 31.16 23.65 -32.50
C ARG A 61 31.51 25.13 -32.28
N CYS A 62 32.79 25.43 -32.11
CA CYS A 62 33.25 26.80 -31.96
C CYS A 62 33.74 27.42 -33.29
N GLU A 63 33.12 27.04 -34.40
CA GLU A 63 33.35 27.70 -35.71
C GLU A 63 34.83 27.86 -36.12
N ILE A 64 35.73 27.15 -35.44
CA ILE A 64 37.18 27.31 -35.61
C ILE A 64 37.65 26.88 -36.99
N GLU A 65 38.44 27.73 -37.64
CA GLU A 65 39.01 27.45 -38.98
C GLU A 65 40.55 27.43 -39.01
N THR A 66 41.19 27.82 -37.91
CA THR A 66 42.62 28.10 -37.91
C THR A 66 43.22 27.94 -36.52
N ILE A 67 44.07 26.93 -36.37
CA ILE A 67 44.82 26.75 -35.14
C ILE A 67 46.22 27.26 -35.39
N GLU A 68 46.44 28.51 -35.01
CA GLU A 68 47.76 29.08 -35.11
C GLU A 68 48.72 28.28 -34.22
N ASP A 69 49.88 27.97 -34.80
CA ASP A 69 51.05 27.52 -34.06
C ASP A 69 51.07 28.07 -32.63
N LYS A 70 51.20 27.18 -31.64
CA LYS A 70 51.40 27.55 -30.24
C LYS A 70 50.15 28.19 -29.57
N ALA A 71 48.97 27.79 -30.03
CA ALA A 71 47.70 28.28 -29.47
C ALA A 71 47.46 27.80 -28.05
N TRP A 72 47.64 26.50 -27.84
CA TRP A 72 47.41 25.89 -26.53
C TRP A 72 48.59 26.11 -25.61
N HIS A 73 49.50 27.01 -25.97
CA HIS A 73 50.85 26.88 -25.46
C HIS A 73 50.96 26.70 -23.93
N GLY A 74 50.08 27.36 -23.16
CA GLY A 74 50.19 27.33 -21.69
C GLY A 74 49.59 26.17 -20.89
N LEU A 75 48.95 25.22 -21.57
CA LEU A 75 48.11 24.19 -20.91
C LEU A 75 48.80 22.84 -20.74
N HIS A 76 49.77 22.77 -19.82
CA HIS A 76 50.60 21.57 -19.67
C HIS A 76 49.97 20.46 -18.79
N HIS A 77 48.78 20.71 -18.23
CA HIS A 77 48.06 19.72 -17.43
C HIS A 77 46.79 19.22 -18.11
N LEU A 78 46.61 19.58 -19.37
CA LEU A 78 45.42 19.18 -20.12
C LEU A 78 45.48 17.71 -20.57
N SER A 79 44.43 16.96 -20.21
CA SER A 79 44.29 15.54 -20.54
C SER A 79 43.23 15.29 -21.63
N ASN A 80 42.29 16.22 -21.74
CA ASN A 80 41.19 16.08 -22.66
C ASN A 80 40.98 17.38 -23.40
N LEU A 81 41.13 17.30 -24.70
CA LEU A 81 40.81 18.40 -25.57
C LEU A 81 39.80 17.86 -26.55
N ILE A 82 38.77 18.65 -26.78
CA ILE A 82 37.68 18.25 -27.62
C ILE A 82 37.47 19.33 -28.66
N LEU A 83 37.45 18.92 -29.93
CA LEU A 83 37.31 19.87 -31.05
C LEU A 83 36.16 19.54 -31.99
N THR A 84 35.25 18.68 -31.56
CA THR A 84 34.19 18.23 -32.40
C THR A 84 33.59 19.34 -33.24
N GLY A 85 33.44 19.14 -34.54
CA GLY A 85 32.60 20.03 -35.35
C GLY A 85 33.13 21.42 -35.62
N ASN A 86 34.46 21.57 -35.64
CA ASN A 86 35.11 22.78 -36.14
C ASN A 86 35.65 22.55 -37.55
N PRO A 87 35.40 23.46 -38.52
CA PRO A 87 35.94 23.21 -39.88
C PRO A 87 37.42 23.51 -40.03
N ILE A 88 38.26 22.80 -39.27
CA ILE A 88 39.71 23.02 -39.21
C ILE A 88 40.33 22.20 -40.32
N GLN A 89 40.01 22.53 -41.57
CA GLN A 89 40.29 21.64 -42.68
C GLN A 89 41.65 20.89 -42.56
N SER A 90 42.67 21.58 -42.06
CA SER A 90 44.04 21.06 -42.03
C SER A 90 44.74 21.54 -40.78
N PHE A 91 45.57 20.69 -40.20
CA PHE A 91 46.28 21.01 -38.96
C PHE A 91 47.77 21.18 -39.21
N SER A 92 48.27 22.40 -38.97
CA SER A 92 49.69 22.72 -39.17
C SER A 92 50.59 21.87 -38.29
N PRO A 93 51.77 21.49 -38.82
CA PRO A 93 52.78 20.86 -37.99
C PRO A 93 53.07 21.69 -36.74
N GLY A 94 53.04 21.04 -35.58
CA GLY A 94 53.10 21.76 -34.31
C GLY A 94 51.87 22.62 -34.03
N SER A 95 50.72 22.22 -34.57
CA SER A 95 49.44 22.85 -34.22
C SER A 95 49.11 22.58 -32.76
N PHE A 96 49.48 21.39 -32.28
CA PHE A 96 49.23 21.00 -30.89
C PHE A 96 50.46 21.25 -30.04
N SER A 97 51.62 20.74 -30.49
CA SER A 97 52.86 20.73 -29.71
C SER A 97 52.86 21.87 -28.69
N GLY A 98 52.88 21.50 -27.41
CA GLY A 98 52.54 22.41 -26.31
C GLY A 98 51.83 21.66 -25.20
N LEU A 99 50.97 20.72 -25.59
CA LEU A 99 50.17 19.91 -24.65
C LEU A 99 50.93 18.66 -24.16
N THR A 100 51.40 18.68 -22.92
CA THR A 100 52.30 17.61 -22.42
C THR A 100 51.58 16.35 -21.87
N SER A 101 50.40 16.52 -21.27
CA SER A 101 49.74 15.45 -20.51
C SER A 101 48.44 14.94 -21.14
N LEU A 102 48.23 15.26 -22.42
CA LEU A 102 46.98 14.94 -23.13
C LEU A 102 46.79 13.44 -23.33
N GLU A 103 45.61 12.97 -22.91
CA GLU A 103 45.26 11.56 -22.96
C GLU A 103 44.14 11.28 -23.98
N ASN A 104 43.33 12.29 -24.25
CA ASN A 104 42.16 12.16 -25.10
C ASN A 104 42.05 13.30 -26.12
N LEU A 105 42.34 13.02 -27.39
CA LEU A 105 42.07 14.01 -28.42
C LEU A 105 40.81 13.68 -29.22
N VAL A 106 39.85 14.60 -29.22
CA VAL A 106 38.66 14.42 -30.03
C VAL A 106 38.69 15.43 -31.17
N ALA A 107 38.69 14.91 -32.40
CA ALA A 107 38.73 15.75 -33.60
C ALA A 107 37.63 15.30 -34.51
N VAL A 108 36.50 15.00 -33.91
CA VAL A 108 35.37 14.52 -34.67
C VAL A 108 34.81 15.63 -35.54
N GLU A 109 34.42 15.28 -36.75
CA GLU A 109 33.87 16.24 -37.70
C GLU A 109 34.68 17.53 -37.87
N THR A 110 36.02 17.38 -37.94
CA THR A 110 36.94 18.49 -38.25
C THR A 110 37.43 18.50 -39.72
N LYS A 111 36.55 18.12 -40.65
CA LYS A 111 36.88 18.12 -42.05
C LYS A 111 38.29 17.56 -42.34
N LEU A 112 38.60 16.39 -41.79
CA LEU A 112 39.96 15.87 -41.89
C LEU A 112 40.06 14.81 -42.99
N ALA A 113 41.19 14.85 -43.71
CA ALA A 113 41.39 14.09 -44.96
C ALA A 113 42.28 12.85 -44.81
N SER A 114 43.26 12.89 -43.89
CA SER A 114 43.99 11.69 -43.49
C SER A 114 44.78 11.85 -42.23
N LEU A 115 45.26 10.71 -41.75
CA LEU A 115 46.09 10.65 -40.54
C LEU A 115 47.51 11.08 -40.80
N GLU A 116 48.05 10.78 -41.98
CA GLU A 116 49.50 10.95 -42.23
C GLU A 116 49.95 12.40 -41.99
N SER A 117 49.19 13.36 -42.51
CA SER A 117 49.48 14.79 -42.33
C SER A 117 49.25 15.24 -40.90
N PHE A 118 48.41 14.50 -40.18
CA PHE A 118 47.93 14.87 -38.85
C PHE A 118 49.06 14.98 -37.79
N PRO A 119 49.34 16.20 -37.32
CA PRO A 119 50.57 16.57 -36.60
C PRO A 119 50.71 16.09 -35.14
N ILE A 120 50.41 14.82 -34.90
CA ILE A 120 50.22 14.37 -33.53
C ILE A 120 51.31 13.43 -33.03
N GLY A 121 52.30 13.13 -33.88
CA GLY A 121 53.38 12.23 -33.53
C GLY A 121 54.15 12.65 -32.28
N GLN A 122 53.89 13.88 -31.82
CA GLN A 122 54.59 14.47 -30.69
C GLN A 122 54.05 14.04 -29.31
N LEU A 123 52.87 13.45 -29.30
CA LEU A 123 52.09 13.27 -28.07
C LEU A 123 52.27 11.89 -27.45
N ILE A 124 53.11 11.82 -26.42
CA ILE A 124 53.52 10.52 -25.88
C ILE A 124 52.40 9.93 -25.00
N THR A 125 51.74 10.78 -24.20
CA THR A 125 50.79 10.31 -23.18
C THR A 125 49.36 10.12 -23.71
N LEU A 126 49.19 10.18 -25.03
CA LEU A 126 47.88 10.04 -25.65
C LEU A 126 47.38 8.60 -25.60
N LYS A 127 46.13 8.46 -25.20
CA LYS A 127 45.49 7.16 -24.99
C LYS A 127 44.39 6.90 -26.01
N LYS A 128 43.54 7.88 -26.25
CA LYS A 128 42.48 7.74 -27.21
C LYS A 128 42.51 8.86 -28.21
N LEU A 129 42.27 8.50 -29.46
CA LEU A 129 42.13 9.46 -30.51
C LEU A 129 40.80 9.20 -31.23
N ASN A 130 39.99 10.23 -31.30
CA ASN A 130 38.73 10.08 -31.93
C ASN A 130 38.63 11.02 -33.13
N VAL A 131 38.63 10.40 -34.33
CA VAL A 131 38.57 11.15 -35.56
C VAL A 131 37.41 10.68 -36.42
N ALA A 132 36.37 10.18 -35.79
CA ALA A 132 35.20 9.77 -36.54
C ALA A 132 34.53 10.95 -37.24
N HIS A 133 33.58 10.65 -38.12
CA HIS A 133 32.86 11.67 -38.90
C HIS A 133 33.82 12.61 -39.61
N ASN A 134 34.70 12.07 -40.45
CA ASN A 134 35.67 12.89 -41.20
C ASN A 134 35.66 12.56 -42.71
N PHE A 135 36.63 13.06 -43.48
CA PHE A 135 36.68 12.75 -44.91
C PHE A 135 37.75 11.71 -45.25
N ILE A 136 38.23 10.97 -44.25
CA ILE A 136 39.23 9.93 -44.48
C ILE A 136 38.72 8.80 -45.39
N HIS A 137 39.51 8.54 -46.42
CA HIS A 137 39.26 7.46 -47.36
C HIS A 137 40.17 6.26 -47.11
N SER A 138 41.11 6.34 -46.15
CA SER A 138 42.07 5.24 -45.88
C SER A 138 42.15 4.70 -44.46
N CYS A 139 42.34 3.38 -44.33
CA CYS A 139 42.60 2.75 -43.02
C CYS A 139 44.11 2.58 -42.66
N LYS A 140 44.98 3.27 -43.40
CA LYS A 140 46.42 3.14 -43.19
C LYS A 140 46.79 3.69 -41.81
N LEU A 141 47.25 2.78 -40.97
CA LEU A 141 47.86 3.12 -39.70
C LEU A 141 49.20 3.75 -40.00
N PRO A 142 49.36 5.03 -39.66
CA PRO A 142 50.58 5.71 -39.97
C PRO A 142 51.77 5.10 -39.28
N ALA A 143 52.93 5.43 -39.84
CA ALA A 143 54.23 5.10 -39.29
C ALA A 143 54.44 5.77 -37.93
N TYR A 144 54.00 7.03 -37.77
CA TYR A 144 54.20 7.73 -36.49
C TYR A 144 53.59 7.04 -35.25
N PHE A 145 52.71 6.06 -35.43
CA PHE A 145 52.17 5.33 -34.30
C PHE A 145 53.26 4.81 -33.39
N SER A 146 54.28 4.17 -33.97
CA SER A 146 55.48 3.76 -33.22
C SER A 146 55.83 4.69 -32.03
N ASN A 147 55.84 6.00 -32.29
CA ASN A 147 56.15 6.99 -31.24
C ASN A 147 55.11 7.01 -30.13
N LEU A 148 53.84 6.80 -30.48
CA LEU A 148 52.68 6.95 -29.56
C LEU A 148 52.46 5.76 -28.63
N THR A 149 53.49 5.43 -27.86
CA THR A 149 53.46 4.39 -26.83
C THR A 149 52.10 4.12 -26.13
N ASN A 150 51.36 5.16 -25.69
CA ASN A 150 50.15 4.95 -24.85
C ASN A 150 48.80 4.80 -25.54
N LEU A 151 48.76 5.13 -26.83
CA LEU A 151 47.51 5.09 -27.62
C LEU A 151 46.93 3.69 -27.78
N VAL A 152 45.70 3.48 -27.33
CA VAL A 152 45.03 2.16 -27.41
C VAL A 152 43.65 2.11 -28.11
N HIS A 153 43.08 3.26 -28.41
CA HIS A 153 41.81 3.32 -29.09
C HIS A 153 41.90 4.38 -30.16
N VAL A 154 41.69 3.96 -31.40
CA VAL A 154 41.48 4.88 -32.50
C VAL A 154 40.06 4.67 -33.01
N ASP A 155 39.36 5.76 -33.30
CA ASP A 155 38.00 5.65 -33.78
C ASP A 155 37.87 6.27 -35.17
N LEU A 156 37.75 5.40 -36.17
CA LEU A 156 37.61 5.83 -37.54
C LEU A 156 36.16 5.73 -38.10
N SER A 157 35.15 5.91 -37.24
CA SER A 157 33.76 5.82 -37.71
C SER A 157 33.31 6.90 -38.70
N TYR A 158 32.14 6.64 -39.28
CA TYR A 158 31.47 7.55 -40.22
C TYR A 158 32.49 8.24 -41.11
N ASN A 159 33.37 7.44 -41.71
CA ASN A 159 34.35 7.95 -42.64
C ASN A 159 34.01 7.46 -44.03
N TYR A 160 34.98 7.47 -44.94
CA TYR A 160 34.73 7.04 -46.33
C TYR A 160 35.59 5.84 -46.74
N ILE A 161 36.09 5.09 -45.76
CA ILE A 161 36.93 3.93 -46.05
C ILE A 161 36.16 2.82 -46.77
N GLN A 162 36.74 2.35 -47.87
CA GLN A 162 36.20 1.27 -48.69
C GLN A 162 37.10 0.02 -48.69
N THR A 163 38.35 0.16 -48.27
CA THR A 163 39.28 -0.95 -48.36
C THR A 163 40.30 -0.96 -47.26
N ILE A 164 40.55 -2.18 -46.82
CA ILE A 164 41.51 -2.49 -45.79
C ILE A 164 42.50 -3.38 -46.52
N THR A 165 43.71 -2.87 -46.71
CA THR A 165 44.78 -3.64 -47.35
C THR A 165 45.77 -4.23 -46.34
N VAL A 166 46.66 -5.09 -46.84
CA VAL A 166 47.83 -5.58 -46.08
C VAL A 166 48.72 -4.43 -45.62
N ASN A 167 48.96 -3.51 -46.53
CA ASN A 167 49.85 -2.39 -46.33
C ASN A 167 49.23 -1.41 -45.36
N ASP A 168 47.91 -1.24 -45.44
CA ASP A 168 47.18 -0.38 -44.51
C ASP A 168 47.57 -0.76 -43.08
N LEU A 169 47.41 -2.02 -42.75
CA LEU A 169 47.63 -2.47 -41.39
C LEU A 169 49.06 -2.90 -41.14
N GLN A 170 49.93 -2.64 -42.11
CA GLN A 170 51.33 -3.03 -42.01
C GLN A 170 51.96 -2.59 -40.68
N PHE A 171 51.63 -1.39 -40.19
CA PHE A 171 52.23 -0.94 -38.94
C PHE A 171 52.17 -2.01 -37.87
N LEU A 172 51.07 -2.74 -37.80
CA LEU A 172 50.87 -3.73 -36.75
C LEU A 172 51.70 -5.00 -36.90
N ARG A 173 52.07 -5.43 -38.12
CA ARG A 173 52.99 -6.58 -38.25
C ARG A 173 54.38 -6.25 -37.73
N GLU A 174 54.79 -5.00 -37.85
CA GLU A 174 55.99 -4.51 -37.18
C GLU A 174 55.83 -4.51 -35.66
N ASN A 175 54.60 -4.33 -35.20
CA ASN A 175 54.35 -4.13 -33.79
C ASN A 175 53.32 -5.07 -33.22
N PRO A 176 53.73 -6.31 -32.90
CA PRO A 176 52.84 -7.22 -32.16
C PRO A 176 52.89 -6.98 -30.65
N GLN A 177 53.74 -6.04 -30.22
CA GLN A 177 53.79 -5.61 -28.84
C GLN A 177 53.18 -4.22 -28.76
N VAL A 178 51.89 -4.16 -29.12
CA VAL A 178 51.08 -2.92 -29.14
C VAL A 178 49.59 -3.23 -28.85
N ASN A 179 49.03 -2.61 -27.81
CA ASN A 179 47.60 -2.76 -27.50
C ASN A 179 46.81 -1.66 -28.20
N LEU A 180 45.84 -2.04 -29.02
CA LEU A 180 45.07 -1.08 -29.82
C LEU A 180 43.67 -1.62 -30.16
N SER A 181 42.65 -0.77 -30.12
CA SER A 181 41.32 -1.13 -30.60
C SER A 181 40.89 -0.19 -31.71
N LEU A 182 40.10 -0.71 -32.63
CA LEU A 182 39.64 0.10 -33.73
C LEU A 182 38.15 0.04 -33.94
N ASP A 183 37.54 1.19 -34.02
CA ASP A 183 36.18 1.25 -34.41
C ASP A 183 36.11 1.67 -35.87
N MET A 184 35.59 0.76 -36.70
CA MET A 184 35.49 1.01 -38.12
C MET A 184 34.03 1.08 -38.58
N SER A 185 33.14 1.45 -37.70
CA SER A 185 31.73 1.32 -38.06
C SER A 185 31.36 2.44 -39.04
N LEU A 186 30.20 2.29 -39.68
CA LEU A 186 29.68 3.24 -40.69
C LEU A 186 30.61 3.64 -41.85
N ASN A 187 31.47 2.69 -42.23
CA ASN A 187 32.37 2.82 -43.37
C ASN A 187 31.85 1.87 -44.45
N PRO A 188 31.74 2.36 -45.71
CA PRO A 188 31.29 1.44 -46.75
C PRO A 188 32.40 0.52 -47.29
N ILE A 189 32.94 -0.32 -46.41
CA ILE A 189 33.93 -1.33 -46.78
C ILE A 189 33.27 -2.36 -47.67
N ASP A 190 33.94 -2.64 -48.80
CA ASP A 190 33.53 -3.68 -49.77
C ASP A 190 34.59 -4.77 -49.95
N PHE A 191 35.85 -4.34 -50.02
CA PHE A 191 36.95 -5.22 -50.36
C PHE A 191 37.94 -5.09 -49.20
N ILE A 192 38.17 -6.23 -48.54
CA ILE A 192 39.26 -6.43 -47.59
C ILE A 192 40.21 -7.46 -48.21
N GLN A 193 41.50 -7.12 -48.33
CA GLN A 193 42.40 -7.85 -49.24
C GLN A 193 42.79 -9.27 -48.81
N ASP A 194 42.91 -10.17 -49.78
CA ASP A 194 43.35 -11.54 -49.51
C ASP A 194 44.49 -11.42 -48.53
N GLN A 195 44.33 -12.06 -47.37
CA GLN A 195 45.42 -12.20 -46.43
C GLN A 195 45.86 -10.84 -45.83
N ALA A 196 44.92 -9.90 -45.76
CA ALA A 196 45.18 -8.55 -45.22
C ALA A 196 45.29 -8.53 -43.71
N PHE A 197 44.73 -9.54 -43.04
CA PHE A 197 44.76 -9.62 -41.56
C PHE A 197 45.69 -10.72 -41.06
N GLN A 198 46.74 -10.99 -41.83
CA GLN A 198 47.75 -11.95 -41.45
C GLN A 198 48.65 -11.34 -40.39
N GLY A 199 48.92 -12.12 -39.35
CA GLY A 199 49.91 -11.78 -38.33
C GLY A 199 49.67 -10.47 -37.62
N ILE A 200 48.41 -10.17 -37.31
CA ILE A 200 48.10 -8.97 -36.56
C ILE A 200 47.12 -9.22 -35.39
N LYS A 201 47.40 -8.55 -34.27
CA LYS A 201 46.53 -8.56 -33.09
C LYS A 201 45.72 -7.25 -33.02
N LEU A 202 44.46 -7.35 -32.62
CA LEU A 202 43.69 -6.19 -32.18
C LEU A 202 42.96 -6.58 -30.91
N HIS A 203 42.65 -5.57 -30.10
CA HIS A 203 41.96 -5.77 -28.84
C HIS A 203 40.44 -5.85 -29.06
N GLU A 204 39.83 -4.75 -29.52
CA GLU A 204 38.48 -4.86 -30.06
C GLU A 204 38.33 -4.23 -31.45
N LEU A 205 37.66 -4.98 -32.31
CA LEU A 205 37.35 -4.50 -33.63
C LEU A 205 35.85 -4.32 -33.67
N THR A 206 35.45 -3.18 -34.21
CA THR A 206 34.04 -2.84 -34.24
C THR A 206 33.60 -2.62 -35.69
N LEU A 207 32.76 -3.50 -36.18
CA LEU A 207 32.28 -3.38 -37.53
C LEU A 207 30.77 -3.49 -37.53
N ARG A 208 30.11 -2.35 -37.59
CA ARG A 208 28.68 -2.32 -37.69
C ARG A 208 28.26 -1.28 -38.73
N GLY A 209 27.14 -1.55 -39.39
CA GLY A 209 26.60 -0.68 -40.44
C GLY A 209 27.57 -0.39 -41.56
N ASN A 210 28.48 -1.31 -41.83
CA ASN A 210 29.38 -1.20 -42.97
C ASN A 210 28.71 -1.79 -44.19
N PHE A 211 28.45 -3.08 -44.11
CA PHE A 211 28.21 -3.90 -45.26
C PHE A 211 26.80 -3.88 -45.78
N ASN A 212 26.70 -3.70 -47.10
CA ASN A 212 25.43 -3.52 -47.80
C ASN A 212 24.76 -4.84 -48.22
N SER A 213 25.60 -5.78 -48.62
CA SER A 213 25.15 -7.07 -49.13
C SER A 213 25.84 -8.20 -48.40
N SER A 214 25.24 -9.38 -48.43
CA SER A 214 25.76 -10.54 -47.72
C SER A 214 27.08 -11.04 -48.30
N ASN A 215 27.20 -11.11 -49.63
CA ASN A 215 28.39 -11.66 -50.29
C ASN A 215 29.56 -10.69 -50.21
N ILE A 216 29.24 -9.41 -50.05
CA ILE A 216 30.22 -8.38 -49.71
C ILE A 216 30.67 -8.59 -48.27
N MET A 217 29.67 -8.67 -47.38
CA MET A 217 29.93 -8.95 -45.98
C MET A 217 30.63 -10.27 -45.81
N LYS A 218 30.16 -11.27 -46.55
CA LYS A 218 30.66 -12.62 -46.38
C LYS A 218 32.11 -12.68 -46.85
N THR A 219 32.35 -12.17 -48.06
CA THR A 219 33.71 -12.13 -48.57
C THR A 219 34.58 -11.37 -47.54
N CYS A 220 34.15 -10.18 -47.15
CA CYS A 220 34.93 -9.39 -46.23
C CYS A 220 35.32 -10.19 -44.98
N LEU A 221 34.35 -10.88 -44.38
CA LEU A 221 34.65 -11.66 -43.18
C LEU A 221 35.63 -12.80 -43.47
N GLN A 222 35.62 -13.33 -44.70
CA GLN A 222 36.57 -14.39 -45.03
C GLN A 222 38.01 -13.88 -44.93
N ASN A 223 38.27 -12.69 -45.46
CA ASN A 223 39.63 -12.13 -45.46
C ASN A 223 40.07 -11.49 -44.13
N LEU A 224 39.15 -11.52 -43.16
CA LEU A 224 39.53 -11.25 -41.79
C LEU A 224 40.48 -12.34 -41.28
N ALA A 225 40.59 -13.44 -42.03
CA ALA A 225 41.43 -14.58 -41.65
C ALA A 225 42.83 -14.18 -41.15
N GLY A 226 43.33 -14.95 -40.18
CA GLY A 226 44.63 -14.73 -39.57
C GLY A 226 44.68 -13.77 -38.38
N LEU A 227 43.52 -13.46 -37.81
CA LEU A 227 43.36 -12.41 -36.78
C LEU A 227 43.06 -12.89 -35.33
N HIS A 228 43.70 -12.23 -34.36
CA HIS A 228 43.36 -12.36 -32.94
C HIS A 228 42.70 -11.08 -32.45
N VAL A 229 41.40 -11.15 -32.18
CA VAL A 229 40.65 -10.06 -31.52
C VAL A 229 40.34 -10.53 -30.12
N HIS A 230 40.42 -9.65 -29.14
CA HIS A 230 39.84 -9.94 -27.84
C HIS A 230 38.33 -9.83 -27.98
N ARG A 231 37.88 -8.88 -28.80
CA ARG A 231 36.47 -8.60 -28.83
C ARG A 231 35.99 -8.08 -30.15
N LEU A 232 35.07 -8.81 -30.73
CA LEU A 232 34.59 -8.53 -32.08
C LEU A 232 33.14 -8.10 -32.02
N ILE A 233 32.84 -6.87 -32.40
CA ILE A 233 31.48 -6.40 -32.32
C ILE A 233 30.94 -6.25 -33.74
N LEU A 234 29.75 -6.79 -33.96
CA LEU A 234 29.28 -6.99 -35.30
C LEU A 234 27.79 -6.70 -35.36
N GLY A 235 27.34 -5.87 -36.29
CA GLY A 235 25.90 -5.61 -36.39
C GLY A 235 25.52 -4.50 -37.34
N GLU A 236 24.37 -3.89 -37.13
CA GLU A 236 23.99 -2.71 -37.89
C GLU A 236 23.01 -1.86 -37.11
N PHE A 237 22.56 -0.76 -37.68
CA PHE A 237 21.66 0.11 -36.95
C PHE A 237 20.38 0.25 -37.72
N LYS A 238 19.27 0.43 -36.99
CA LYS A 238 17.96 0.61 -37.62
C LYS A 238 17.89 1.82 -38.56
N ASP A 239 18.94 2.64 -38.64
CA ASP A 239 18.89 3.86 -39.44
C ASP A 239 20.02 3.91 -40.46
N GLU A 240 20.12 2.88 -41.30
CA GLU A 240 21.34 2.68 -42.06
C GLU A 240 21.27 1.83 -43.31
N ARG A 241 22.42 1.78 -43.98
CA ARG A 241 22.71 0.71 -44.94
C ARG A 241 22.54 -0.61 -44.20
N ASN A 242 21.61 -1.42 -44.70
CA ASN A 242 21.11 -2.60 -44.00
C ASN A 242 20.87 -3.85 -44.86
N LEU A 243 21.34 -5.00 -44.39
CA LEU A 243 21.46 -6.20 -45.24
C LEU A 243 20.14 -6.76 -45.76
N GLU A 244 20.14 -7.20 -47.03
CA GLU A 244 19.00 -7.91 -47.61
C GLU A 244 18.69 -9.13 -46.76
N ILE A 245 19.68 -10.00 -46.64
CA ILE A 245 19.55 -11.23 -45.85
C ILE A 245 20.77 -11.43 -44.95
N PHE A 246 20.55 -12.11 -43.81
CA PHE A 246 21.61 -12.49 -42.88
C PHE A 246 21.50 -13.98 -42.54
N GLU A 247 22.45 -14.78 -43.03
CA GLU A 247 22.49 -16.23 -42.77
C GLU A 247 23.73 -16.57 -41.90
N PRO A 248 23.74 -17.76 -41.27
CA PRO A 248 24.92 -18.17 -40.50
C PRO A 248 26.13 -18.44 -41.38
N SER A 249 25.88 -18.71 -42.66
CA SER A 249 26.93 -19.04 -43.63
C SER A 249 27.92 -17.88 -43.83
N ILE A 250 27.46 -16.68 -43.50
CA ILE A 250 28.34 -15.52 -43.58
C ILE A 250 29.37 -15.55 -42.46
N MET A 251 28.99 -16.21 -41.36
CA MET A 251 29.88 -16.41 -40.23
C MET A 251 31.09 -17.23 -40.62
N GLU A 252 30.98 -18.09 -41.63
CA GLU A 252 32.15 -18.77 -42.18
C GLU A 252 33.27 -17.74 -42.32
N GLY A 253 34.51 -18.19 -42.24
CA GLY A 253 35.64 -17.26 -42.23
C GLY A 253 36.02 -16.94 -40.81
N LEU A 254 35.01 -16.66 -39.99
CA LEU A 254 35.22 -16.53 -38.55
C LEU A 254 35.94 -17.73 -37.95
N CYS A 255 35.92 -18.87 -38.65
CA CYS A 255 36.51 -20.09 -38.13
C CYS A 255 38.03 -20.00 -38.19
N ASP A 256 38.51 -19.15 -39.10
CA ASP A 256 39.94 -18.85 -39.20
C ASP A 256 40.39 -17.85 -38.12
N VAL A 257 39.64 -16.76 -37.94
CA VAL A 257 39.99 -15.75 -36.93
C VAL A 257 39.81 -16.33 -35.53
N THR A 258 40.74 -16.06 -34.63
CA THR A 258 40.53 -16.45 -33.24
C THR A 258 39.90 -15.27 -32.51
N ILE A 259 38.95 -15.58 -31.64
CA ILE A 259 38.12 -14.60 -30.98
C ILE A 259 38.02 -14.95 -29.49
N ASP A 260 38.19 -13.96 -28.61
CA ASP A 260 37.86 -14.18 -27.19
C ASP A 260 36.41 -13.86 -26.91
N GLU A 261 35.99 -12.67 -27.32
CA GLU A 261 34.68 -12.18 -26.96
C GLU A 261 33.90 -11.69 -28.17
N PHE A 262 33.04 -12.53 -28.69
CA PHE A 262 32.22 -12.16 -29.84
C PHE A 262 30.99 -11.39 -29.37
N ARG A 263 30.57 -10.38 -30.12
CA ARG A 263 29.41 -9.62 -29.71
C ARG A 263 28.52 -9.18 -30.85
N LEU A 264 27.36 -9.79 -30.94
CA LEU A 264 26.47 -9.49 -32.02
C LEU A 264 25.55 -8.38 -31.54
N THR A 265 25.16 -7.47 -32.44
CA THR A 265 24.21 -6.40 -32.11
C THR A 265 23.03 -6.37 -33.10
N TYR A 266 22.26 -5.27 -33.11
CA TYR A 266 21.06 -5.23 -33.94
C TYR A 266 21.32 -5.71 -35.36
N THR A 267 20.46 -6.60 -35.83
CA THR A 267 20.45 -7.03 -37.22
C THR A 267 19.02 -7.14 -37.70
N ASN A 268 18.76 -6.66 -38.91
CA ASN A 268 17.41 -6.61 -39.47
C ASN A 268 16.84 -7.98 -39.66
N ASP A 269 17.56 -8.80 -40.42
CA ASP A 269 17.18 -10.18 -40.66
C ASP A 269 17.91 -11.05 -39.65
N PHE A 270 17.23 -12.09 -39.16
CA PHE A 270 17.83 -12.94 -38.16
C PHE A 270 17.20 -14.32 -38.11
N SER A 271 18.04 -15.33 -37.85
CA SER A 271 17.61 -16.67 -37.49
C SER A 271 18.36 -17.00 -36.24
N ASP A 272 17.77 -17.82 -35.40
CA ASP A 272 18.40 -18.18 -34.13
C ASP A 272 19.72 -18.90 -34.42
N ASP A 273 19.66 -20.03 -35.12
CA ASP A 273 20.83 -20.87 -35.46
C ASP A 273 22.21 -20.20 -35.55
N ILE A 274 22.24 -18.90 -35.82
CA ILE A 274 23.49 -18.14 -35.99
C ILE A 274 24.39 -18.05 -34.74
N VAL A 275 23.79 -18.12 -33.55
CA VAL A 275 24.58 -18.11 -32.33
C VAL A 275 25.00 -19.53 -31.97
N LYS A 276 24.21 -20.49 -32.44
CA LYS A 276 24.57 -21.91 -32.43
C LYS A 276 25.66 -22.25 -33.44
N PHE A 277 25.86 -21.38 -34.44
CA PHE A 277 26.87 -21.58 -35.51
C PHE A 277 28.25 -22.00 -34.96
N HIS A 278 28.89 -22.90 -35.68
CA HIS A 278 30.00 -23.68 -35.14
C HIS A 278 31.34 -22.93 -35.00
N CYS A 279 31.49 -21.84 -35.74
CA CYS A 279 32.75 -21.13 -35.70
C CYS A 279 32.77 -20.31 -34.46
N LEU A 280 31.58 -19.96 -33.96
CA LEU A 280 31.42 -19.34 -32.64
C LEU A 280 31.56 -20.31 -31.48
N ALA A 281 31.99 -21.54 -31.72
CA ALA A 281 32.04 -22.58 -30.66
C ALA A 281 33.13 -22.36 -29.61
N ASN A 282 34.29 -21.86 -30.03
CA ASN A 282 35.46 -21.82 -29.16
C ASN A 282 35.71 -20.43 -28.63
N VAL A 283 34.64 -19.64 -28.58
CA VAL A 283 34.70 -18.25 -28.09
C VAL A 283 34.63 -18.26 -26.54
N SER A 284 35.38 -17.41 -25.85
CA SER A 284 35.36 -17.46 -24.37
C SER A 284 34.29 -16.57 -23.69
N ALA A 285 33.52 -15.81 -24.50
CA ALA A 285 32.40 -14.98 -24.03
C ALA A 285 31.45 -14.48 -25.16
N MET A 286 30.37 -15.21 -25.41
CA MET A 286 29.36 -14.81 -26.39
C MET A 286 28.50 -13.70 -25.79
N SER A 287 27.97 -12.80 -26.63
CA SER A 287 27.10 -11.74 -26.16
C SER A 287 26.15 -11.11 -27.19
N LEU A 288 24.92 -10.84 -26.79
CA LEU A 288 23.88 -10.40 -27.73
C LEU A 288 23.11 -9.15 -27.25
N ALA A 289 23.03 -8.12 -28.10
CA ALA A 289 22.30 -6.91 -27.77
C ALA A 289 21.36 -6.49 -28.91
N GLY A 290 20.13 -6.15 -28.56
CA GLY A 290 19.15 -5.67 -29.54
C GLY A 290 18.76 -6.68 -30.60
N VAL A 291 18.97 -7.96 -30.31
CA VAL A 291 18.90 -9.02 -31.31
C VAL A 291 17.53 -9.68 -31.41
N SER A 292 17.04 -9.91 -32.64
CA SER A 292 15.67 -10.47 -32.87
C SER A 292 15.50 -11.93 -32.47
N ILE A 293 16.46 -12.47 -31.71
CA ILE A 293 16.45 -13.88 -31.33
C ILE A 293 15.23 -14.23 -30.46
N LYS A 294 14.56 -15.32 -30.81
CA LYS A 294 13.32 -15.72 -30.10
C LYS A 294 13.47 -16.99 -29.22
N TYR A 295 14.44 -17.87 -29.50
CA TYR A 295 14.71 -19.08 -28.69
C TYR A 295 16.19 -19.37 -28.66
N LEU A 296 16.63 -20.06 -27.62
CA LEU A 296 18.02 -20.43 -27.53
C LEU A 296 18.14 -21.73 -26.78
N GLU A 297 18.33 -22.82 -27.52
CA GLU A 297 18.43 -24.14 -26.90
C GLU A 297 19.41 -25.07 -27.60
N ASP A 298 19.28 -25.18 -28.91
CA ASP A 298 20.22 -25.96 -29.72
C ASP A 298 21.68 -25.60 -29.40
N VAL A 299 22.12 -25.83 -28.16
CA VAL A 299 23.41 -25.33 -27.77
C VAL A 299 24.32 -26.48 -27.42
N PRO A 300 25.17 -26.90 -28.38
CA PRO A 300 26.14 -27.95 -28.16
C PRO A 300 26.91 -27.81 -26.86
N LYS A 301 26.99 -28.90 -26.10
CA LYS A 301 27.64 -28.87 -24.80
C LYS A 301 29.15 -28.73 -24.89
N HIS A 302 29.70 -28.78 -26.10
CA HIS A 302 31.14 -28.66 -26.26
C HIS A 302 31.60 -27.22 -26.46
N PHE A 303 30.63 -26.31 -26.65
CA PHE A 303 30.93 -24.90 -26.79
C PHE A 303 31.62 -24.40 -25.54
N LYS A 304 32.82 -23.83 -25.69
CA LYS A 304 33.69 -23.53 -24.56
C LYS A 304 33.34 -22.22 -23.81
N TRP A 305 32.22 -21.56 -24.16
CA TRP A 305 31.82 -20.25 -23.59
C TRP A 305 31.89 -20.26 -22.06
N GLN A 306 32.46 -19.20 -21.49
CA GLN A 306 32.53 -19.02 -20.03
C GLN A 306 31.54 -17.96 -19.49
N SER A 307 31.16 -16.97 -20.30
CA SER A 307 30.05 -16.06 -19.96
C SER A 307 29.14 -15.68 -21.12
N LEU A 308 27.85 -15.94 -20.95
CA LEU A 308 26.87 -15.65 -21.96
C LEU A 308 26.11 -14.40 -21.54
N SER A 309 25.94 -13.43 -22.45
CA SER A 309 25.10 -12.27 -22.15
C SER A 309 24.05 -11.97 -23.22
N ILE A 310 22.83 -11.74 -22.79
CA ILE A 310 21.71 -11.48 -23.65
C ILE A 310 21.05 -10.25 -23.10
N ILE A 311 21.00 -9.18 -23.87
CA ILE A 311 20.54 -7.90 -23.36
C ILE A 311 19.62 -7.30 -24.34
N ARG A 312 18.37 -7.11 -23.96
CA ARG A 312 17.41 -6.46 -24.85
C ARG A 312 17.19 -7.28 -26.06
N CYS A 313 17.14 -8.59 -25.91
CA CYS A 313 16.71 -9.43 -26.99
C CYS A 313 15.22 -9.72 -26.87
N GLN A 314 14.72 -10.69 -27.62
CA GLN A 314 13.27 -10.87 -27.82
C GLN A 314 12.85 -12.31 -27.53
N LEU A 315 13.59 -12.96 -26.63
CA LEU A 315 13.31 -14.35 -26.23
C LEU A 315 11.84 -14.58 -25.93
N LYS A 316 11.33 -15.69 -26.42
CA LYS A 316 9.90 -16.02 -26.29
C LYS A 316 9.72 -17.09 -25.23
N GLN A 317 10.80 -17.83 -24.96
CA GLN A 317 10.82 -18.90 -23.98
C GLN A 317 12.19 -18.90 -23.36
N PHE A 318 12.29 -19.29 -22.09
CA PHE A 318 13.55 -19.20 -21.34
C PHE A 318 14.52 -20.19 -21.92
N PRO A 319 15.82 -19.86 -21.95
CA PRO A 319 16.80 -20.87 -22.37
C PRO A 319 16.82 -22.09 -21.49
N THR A 320 16.82 -23.27 -22.10
CA THR A 320 17.32 -24.47 -21.43
C THR A 320 18.78 -24.54 -21.85
N LEU A 321 19.68 -24.54 -20.87
CA LEU A 321 21.13 -24.48 -21.12
C LEU A 321 21.82 -25.53 -20.27
N ASP A 322 22.96 -26.02 -20.76
CA ASP A 322 23.72 -27.05 -20.03
C ASP A 322 25.21 -26.95 -20.36
N LEU A 323 25.68 -25.72 -20.50
CA LEU A 323 27.06 -25.47 -20.76
C LEU A 323 27.81 -25.75 -19.50
N PRO A 324 28.73 -26.70 -19.56
CA PRO A 324 29.50 -27.06 -18.39
C PRO A 324 30.39 -25.94 -17.91
N PHE A 325 30.78 -25.02 -18.78
CA PHE A 325 31.79 -24.04 -18.42
C PHE A 325 31.23 -22.66 -18.16
N LEU A 326 29.93 -22.48 -18.35
CA LEU A 326 29.32 -21.17 -18.17
C LEU A 326 29.48 -20.74 -16.72
N LYS A 327 30.20 -19.64 -16.52
CA LYS A 327 30.52 -19.14 -15.18
C LYS A 327 29.75 -17.87 -14.79
N SER A 328 29.01 -17.30 -15.74
CA SER A 328 28.45 -15.97 -15.59
C SER A 328 27.39 -15.70 -16.66
N LEU A 329 26.12 -15.79 -16.29
CA LEU A 329 25.04 -15.67 -17.26
C LEU A 329 24.29 -14.38 -17.04
N THR A 330 23.94 -13.70 -18.11
CA THR A 330 23.18 -12.47 -17.99
C THR A 330 22.14 -12.45 -19.04
N LEU A 331 20.92 -12.23 -18.61
CA LEU A 331 19.80 -12.23 -19.49
C LEU A 331 18.92 -11.17 -18.89
N THR A 332 18.88 -10.02 -19.54
CA THR A 332 18.37 -8.83 -18.91
C THR A 332 17.64 -8.00 -19.93
N MET A 333 16.58 -7.31 -19.54
CA MET A 333 15.85 -6.44 -20.46
C MET A 333 15.26 -7.17 -21.66
N ASN A 334 14.68 -8.35 -21.46
CA ASN A 334 13.93 -9.01 -22.52
C ASN A 334 12.69 -8.24 -22.94
N LYS A 335 12.18 -8.52 -24.13
CA LYS A 335 10.99 -7.86 -24.60
C LYS A 335 9.85 -8.73 -24.20
N GLY A 336 9.96 -10.01 -24.49
CA GLY A 336 8.98 -10.97 -23.99
C GLY A 336 9.00 -11.01 -22.47
N SER A 337 7.82 -10.95 -21.88
CA SER A 337 7.62 -11.23 -20.46
C SER A 337 7.65 -12.74 -20.20
N ILE A 338 8.83 -13.33 -20.22
CA ILE A 338 9.00 -14.79 -20.09
C ILE A 338 8.89 -15.37 -18.68
N SER A 339 8.87 -16.70 -18.58
CA SER A 339 8.86 -17.40 -17.30
C SER A 339 10.06 -18.34 -17.19
N PHE A 340 10.67 -18.38 -16.02
CA PHE A 340 11.88 -19.15 -15.77
C PHE A 340 11.67 -20.63 -15.90
N LYS A 341 12.61 -21.29 -16.57
CA LYS A 341 12.71 -22.73 -16.65
C LYS A 341 14.08 -23.16 -16.05
N LYS A 342 14.15 -24.35 -15.46
CA LYS A 342 15.40 -24.82 -14.83
C LYS A 342 16.55 -24.88 -15.81
N VAL A 343 17.77 -24.82 -15.26
CA VAL A 343 18.99 -25.04 -16.03
C VAL A 343 19.96 -25.97 -15.31
N ALA A 344 21.11 -26.23 -15.97
CA ALA A 344 22.18 -27.07 -15.44
C ALA A 344 23.56 -26.46 -15.76
N LEU A 345 24.19 -25.74 -14.82
CA LEU A 345 25.36 -24.92 -15.15
C LEU A 345 26.39 -24.96 -14.04
N PRO A 346 27.01 -26.14 -13.83
CA PRO A 346 27.90 -26.40 -12.68
C PRO A 346 29.03 -25.39 -12.47
N SER A 347 29.42 -24.68 -13.53
CA SER A 347 30.46 -23.68 -13.42
C SER A 347 29.97 -22.32 -12.94
N LEU A 348 28.65 -22.17 -12.89
CA LEU A 348 27.99 -20.87 -12.72
C LEU A 348 28.21 -20.28 -11.37
N SER A 349 28.72 -19.05 -11.36
CA SER A 349 28.95 -18.32 -10.10
C SER A 349 28.27 -16.95 -10.03
N TYR A 350 27.83 -16.42 -11.18
CA TYR A 350 27.18 -15.10 -11.31
C TYR A 350 25.94 -15.20 -12.20
N LEU A 351 24.81 -14.74 -11.67
CA LEU A 351 23.56 -14.82 -12.38
C LEU A 351 22.82 -13.51 -12.20
N ASP A 352 22.71 -12.77 -13.29
CA ASP A 352 21.85 -11.59 -13.41
C ASP A 352 20.67 -11.86 -14.37
N LEU A 353 19.47 -12.04 -13.82
CA LEU A 353 18.27 -12.13 -14.61
C LEU A 353 17.35 -10.95 -14.35
N SER A 354 17.93 -9.76 -14.20
CA SER A 354 17.08 -8.67 -13.78
C SER A 354 16.18 -8.22 -14.93
N ARG A 355 15.27 -7.31 -14.65
CA ARG A 355 14.63 -6.46 -15.69
C ARG A 355 14.00 -7.17 -16.90
N ASN A 356 13.61 -8.42 -16.77
CA ASN A 356 12.83 -9.13 -17.75
C ASN A 356 11.51 -9.03 -17.04
N ALA A 357 10.37 -9.43 -17.56
CA ALA A 357 9.24 -9.47 -16.61
C ALA A 357 9.12 -10.89 -16.06
N LEU A 358 10.23 -11.41 -15.54
CA LEU A 358 10.43 -12.84 -15.29
C LEU A 358 9.55 -13.35 -14.19
N SER A 359 8.85 -14.45 -14.45
CA SER A 359 8.10 -15.13 -13.37
C SER A 359 8.92 -16.34 -13.03
N PHE A 360 8.64 -16.98 -11.90
CA PHE A 360 9.62 -17.90 -11.32
C PHE A 360 8.89 -18.64 -10.26
N SER A 361 8.31 -19.75 -10.67
CA SER A 361 7.64 -20.66 -9.77
C SER A 361 8.74 -21.47 -9.07
N GLY A 362 8.72 -21.53 -7.76
CA GLY A 362 9.63 -22.44 -7.05
C GLY A 362 11.06 -22.00 -6.76
N CYS A 363 11.23 -20.77 -6.30
CA CYS A 363 12.53 -20.25 -5.95
C CYS A 363 12.80 -20.59 -4.48
N CYS A 364 13.98 -21.11 -4.14
CA CYS A 364 15.02 -21.54 -5.07
C CYS A 364 16.04 -22.40 -4.32
N SER A 365 16.76 -23.23 -5.09
CA SER A 365 17.62 -24.26 -4.54
C SER A 365 18.49 -24.85 -5.65
N TYR A 366 19.58 -25.51 -5.26
CA TYR A 366 20.47 -26.22 -6.22
C TYR A 366 19.75 -26.71 -7.48
N SER A 367 18.77 -27.57 -7.30
CA SER A 367 18.08 -28.17 -8.44
C SER A 367 17.81 -27.14 -9.54
N ASP A 368 17.53 -25.90 -9.16
CA ASP A 368 17.11 -24.91 -10.15
C ASP A 368 18.17 -24.53 -11.19
N LEU A 369 19.43 -24.62 -10.81
CA LEU A 369 20.52 -24.10 -11.61
C LEU A 369 21.61 -25.13 -11.79
N GLY A 370 21.95 -25.82 -10.71
CA GLY A 370 22.85 -26.92 -10.79
C GLY A 370 24.21 -26.35 -10.60
N THR A 371 24.44 -25.77 -9.42
CA THR A 371 25.77 -25.29 -9.03
C THR A 371 25.84 -25.18 -7.54
N ASN A 372 27.04 -25.33 -6.99
CA ASN A 372 27.28 -25.15 -5.57
C ASN A 372 28.09 -23.91 -5.30
N SER A 373 28.37 -23.13 -6.34
CA SER A 373 29.32 -22.03 -6.25
C SER A 373 28.76 -20.68 -6.66
N LEU A 374 27.43 -20.53 -6.65
CA LEU A 374 26.76 -19.28 -6.98
C LEU A 374 27.00 -18.25 -5.90
N ARG A 375 27.43 -17.06 -6.30
CA ARG A 375 27.75 -16.02 -5.32
C ARG A 375 26.98 -14.74 -5.51
N HIS A 376 26.45 -14.52 -6.70
CA HIS A 376 25.74 -13.29 -7.01
C HIS A 376 24.51 -13.69 -7.77
N LEU A 377 23.34 -13.38 -7.22
CA LEU A 377 22.08 -13.71 -7.87
C LEU A 377 21.19 -12.49 -7.86
N ASP A 378 20.83 -12.00 -9.04
CA ASP A 378 20.03 -10.79 -9.12
C ASP A 378 18.74 -11.09 -9.88
N LEU A 379 17.62 -11.08 -9.15
CA LEU A 379 16.31 -11.26 -9.72
C LEU A 379 15.50 -9.98 -9.62
N SER A 380 16.15 -8.83 -9.70
CA SER A 380 15.40 -7.58 -9.51
C SER A 380 14.51 -7.22 -10.69
N PHE A 381 13.62 -6.29 -10.47
CA PHE A 381 12.71 -5.85 -11.53
C PHE A 381 12.06 -6.95 -12.38
N ASN A 382 11.57 -8.01 -11.77
CA ASN A 382 10.79 -8.96 -12.53
C ASN A 382 9.40 -9.02 -11.92
N GLY A 383 8.74 -10.15 -12.07
CA GLY A 383 7.39 -10.25 -11.66
C GLY A 383 7.24 -11.17 -10.48
N ALA A 384 6.46 -12.23 -10.67
CA ALA A 384 6.05 -13.08 -9.58
C ALA A 384 7.15 -14.06 -9.35
N ILE A 385 7.75 -13.98 -8.18
CA ILE A 385 8.77 -14.89 -7.78
C ILE A 385 8.21 -15.61 -6.58
N ILE A 386 7.83 -16.86 -6.78
CA ILE A 386 7.24 -17.65 -5.68
C ILE A 386 8.27 -18.34 -4.77
N MET A 387 8.50 -17.80 -3.58
CA MET A 387 9.40 -18.45 -2.61
C MET A 387 8.77 -19.74 -2.08
N SER A 388 9.37 -20.84 -2.54
CA SER A 388 8.97 -22.16 -2.16
C SER A 388 10.11 -22.94 -1.52
N ALA A 389 11.32 -22.38 -1.41
CA ALA A 389 12.43 -23.18 -0.91
C ALA A 389 13.60 -22.34 -0.47
N ASN A 390 14.20 -22.71 0.64
CA ASN A 390 15.03 -21.78 1.39
C ASN A 390 16.47 -21.64 0.93
N PHE A 391 16.72 -21.74 -0.35
CA PHE A 391 18.07 -21.65 -0.88
C PHE A 391 18.97 -22.80 -0.48
N MET A 392 18.38 -23.91 -0.05
CA MET A 392 19.16 -25.09 0.31
C MET A 392 20.00 -25.49 -0.88
N GLY A 393 21.30 -25.67 -0.65
CA GLY A 393 22.22 -26.03 -1.74
C GLY A 393 22.77 -24.83 -2.50
N LEU A 394 22.62 -23.64 -1.93
CA LEU A 394 23.15 -22.42 -2.54
C LEU A 394 23.77 -21.58 -1.45
N GLU A 395 24.55 -22.21 -0.57
CA GLU A 395 24.98 -21.50 0.64
C GLU A 395 26.19 -20.63 0.36
N GLU A 396 26.65 -20.60 -0.88
CA GLU A 396 27.78 -19.74 -1.21
C GLU A 396 27.33 -18.33 -1.58
N LEU A 397 26.03 -18.15 -1.81
CA LEU A 397 25.46 -16.87 -2.25
C LEU A 397 25.84 -15.79 -1.28
N GLN A 398 26.36 -14.69 -1.82
CA GLN A 398 26.72 -13.53 -1.01
C GLN A 398 26.09 -12.21 -1.37
N HIS A 399 25.30 -12.19 -2.42
CA HIS A 399 24.65 -11.01 -2.91
C HIS A 399 23.31 -11.46 -3.49
N LEU A 400 22.21 -10.80 -3.11
CA LEU A 400 20.86 -11.25 -3.51
C LEU A 400 19.97 -10.07 -3.66
N ASP A 401 19.41 -9.91 -4.85
CA ASP A 401 18.61 -8.73 -5.18
C ASP A 401 17.23 -9.09 -5.73
N PHE A 402 16.19 -8.72 -4.99
CA PHE A 402 14.83 -8.80 -5.46
C PHE A 402 14.13 -7.43 -5.66
N GLN A 403 14.85 -6.31 -5.76
CA GLN A 403 14.21 -4.98 -5.91
C GLN A 403 13.03 -5.01 -6.86
N HIS A 404 11.96 -4.30 -6.52
CA HIS A 404 10.81 -4.15 -7.43
C HIS A 404 10.21 -5.45 -7.98
N SER A 405 10.45 -6.58 -7.36
CA SER A 405 9.87 -7.82 -7.81
C SER A 405 8.82 -8.27 -6.84
N THR A 406 7.87 -9.08 -7.28
CA THR A 406 6.79 -9.49 -6.41
C THR A 406 7.18 -10.82 -5.79
N LEU A 407 7.74 -10.74 -4.59
CA LEU A 407 8.06 -11.90 -3.79
C LEU A 407 6.79 -12.42 -3.21
N LYS A 408 6.64 -13.74 -3.18
CA LYS A 408 5.42 -14.39 -2.68
C LYS A 408 5.71 -15.55 -1.77
N ARG A 409 4.94 -15.66 -0.71
CA ARG A 409 5.21 -16.69 0.29
C ARG A 409 6.38 -16.38 1.26
N VAL A 410 7.09 -15.26 1.08
CA VAL A 410 8.29 -14.91 1.86
C VAL A 410 8.04 -14.67 3.37
N THR A 411 6.78 -14.40 3.66
CA THR A 411 6.26 -14.12 4.97
C THR A 411 5.67 -15.42 5.57
N GLU A 412 5.66 -16.51 4.79
CA GLU A 412 5.10 -17.79 5.23
C GLU A 412 6.11 -18.60 6.02
N PHE A 413 7.38 -18.37 5.76
CA PHE A 413 8.44 -19.20 6.27
C PHE A 413 9.81 -18.55 6.13
N SER A 414 10.79 -19.14 6.80
CA SER A 414 12.13 -18.63 6.73
C SER A 414 12.76 -19.09 5.42
N ALA A 415 12.47 -18.29 4.41
CA ALA A 415 12.95 -18.47 3.05
C ALA A 415 14.45 -18.22 2.83
N PHE A 416 15.13 -17.50 3.71
CA PHE A 416 16.57 -17.37 3.55
C PHE A 416 17.34 -18.21 4.56
N LEU A 417 16.66 -19.12 5.25
CA LEU A 417 17.29 -19.87 6.33
C LEU A 417 18.68 -20.30 5.96
N SER A 418 18.81 -20.87 4.78
CA SER A 418 20.02 -21.59 4.45
C SER A 418 21.16 -20.66 3.96
N LEU A 419 20.95 -19.35 3.95
CA LEU A 419 21.92 -18.38 3.40
C LEU A 419 22.90 -17.80 4.47
N GLU A 420 23.63 -18.74 5.12
CA GLU A 420 24.52 -18.43 6.27
C GLU A 420 25.61 -17.44 5.93
N LYS A 421 26.05 -17.38 4.67
CA LYS A 421 27.18 -16.54 4.21
C LYS A 421 26.79 -15.21 3.52
N LEU A 422 25.50 -15.01 3.24
CA LEU A 422 25.05 -13.85 2.45
C LEU A 422 25.33 -12.50 3.08
N LEU A 423 25.74 -11.51 2.27
CA LEU A 423 26.15 -10.17 2.74
C LEU A 423 25.29 -8.92 2.40
N TYR A 424 24.64 -8.99 1.23
CA TYR A 424 23.78 -7.93 0.67
C TYR A 424 22.44 -8.59 0.30
N LEU A 425 21.33 -8.01 0.79
CA LEU A 425 20.00 -8.48 0.47
C LEU A 425 19.15 -7.27 0.17
N ASP A 426 18.58 -7.22 -1.02
CA ASP A 426 17.66 -6.13 -1.31
C ASP A 426 16.25 -6.67 -1.57
N ILE A 427 15.34 -6.43 -0.64
CA ILE A 427 13.96 -6.77 -0.94
C ILE A 427 13.08 -5.54 -0.95
N SER A 428 13.65 -4.39 -1.29
CA SER A 428 12.84 -3.19 -1.34
C SER A 428 11.87 -3.17 -2.51
N TYR A 429 10.82 -2.38 -2.35
CA TYR A 429 9.72 -2.31 -3.23
C TYR A 429 9.24 -3.70 -3.66
N THR A 430 9.35 -4.73 -2.83
CA THR A 430 8.75 -6.02 -3.17
C THR A 430 7.34 -6.11 -2.68
N ASN A 431 6.82 -5.04 -2.13
CA ASN A 431 5.47 -5.10 -1.57
C ASN A 431 5.27 -6.18 -0.49
N THR A 432 6.26 -6.43 0.34
CA THR A 432 6.10 -7.40 1.39
C THR A 432 5.49 -6.73 2.59
N LYS A 433 4.42 -7.31 3.15
CA LYS A 433 3.88 -6.86 4.43
C LYS A 433 4.29 -7.92 5.40
N ILE A 434 5.22 -7.58 6.32
CA ILE A 434 5.83 -8.55 7.21
C ILE A 434 4.91 -9.00 8.36
N ASP A 435 4.45 -10.25 8.29
CA ASP A 435 3.65 -10.98 9.29
C ASP A 435 4.51 -11.74 10.33
N PHE A 436 5.82 -11.77 10.18
CA PHE A 436 6.54 -12.98 10.59
C PHE A 436 7.94 -12.75 11.13
N ASP A 437 8.06 -12.75 12.45
CA ASP A 437 9.37 -12.47 13.12
C ASP A 437 10.50 -13.28 12.50
N GLY A 438 10.18 -14.48 12.01
CA GLY A 438 11.15 -15.39 11.40
C GLY A 438 11.54 -15.24 9.92
N ILE A 439 11.13 -14.13 9.33
CA ILE A 439 11.47 -13.83 7.97
C ILE A 439 12.98 -13.76 7.69
N PHE A 440 13.79 -13.29 8.62
CA PHE A 440 15.22 -13.16 8.33
C PHE A 440 16.16 -14.19 9.05
N LEU A 441 15.59 -15.20 9.68
CA LEU A 441 16.43 -16.22 10.25
C LEU A 441 17.31 -16.78 9.15
N GLY A 442 18.51 -17.16 9.52
CA GLY A 442 19.46 -17.71 8.60
C GLY A 442 20.58 -16.75 8.24
N LEU A 443 20.35 -15.44 8.35
CA LEU A 443 21.15 -14.44 7.65
C LEU A 443 22.24 -13.83 8.60
N THR A 444 23.03 -14.71 9.20
CA THR A 444 23.95 -14.32 10.24
C THR A 444 25.15 -13.48 9.78
N SER A 445 25.49 -13.53 8.48
CA SER A 445 26.65 -12.75 7.96
C SER A 445 26.27 -11.42 7.33
N LEU A 446 24.97 -11.13 7.29
CA LEU A 446 24.43 -10.09 6.43
C LEU A 446 24.82 -8.71 6.97
N ASN A 447 25.20 -7.85 6.03
CA ASN A 447 25.74 -6.53 6.29
C ASN A 447 24.85 -5.44 5.86
N THR A 448 24.24 -5.66 4.68
CA THR A 448 23.33 -4.72 4.07
C THR A 448 21.99 -5.31 3.80
N LEU A 449 20.99 -4.63 4.32
CA LEU A 449 19.63 -5.05 4.15
C LEU A 449 18.93 -3.81 3.73
N LYS A 450 18.43 -3.86 2.51
CA LYS A 450 17.64 -2.82 1.93
C LYS A 450 16.19 -3.32 1.75
N MET A 451 15.23 -2.71 2.46
CA MET A 451 13.83 -3.18 2.38
C MET A 451 12.81 -2.03 2.42
N ALA A 452 13.17 -0.91 1.81
CA ALA A 452 12.28 0.24 1.72
C ALA A 452 11.15 -0.09 0.78
N GLY A 453 10.05 0.64 0.92
CA GLY A 453 8.91 0.42 0.14
C GLY A 453 8.02 -0.68 0.64
N ASN A 454 8.37 -1.38 1.68
CA ASN A 454 7.56 -2.46 2.18
C ASN A 454 6.63 -2.02 3.33
N SER A 455 6.04 -2.94 4.08
CA SER A 455 5.11 -2.54 5.16
C SER A 455 5.15 -3.53 6.34
N PHE A 456 4.61 -3.16 7.51
CA PHE A 456 4.65 -4.09 8.66
C PHE A 456 3.25 -4.26 9.23
N LYS A 457 2.86 -5.49 9.54
CA LYS A 457 1.61 -5.75 10.26
C LYS A 457 1.44 -4.79 11.42
N ASP A 458 0.23 -4.33 11.60
CA ASP A 458 -0.09 -3.27 12.54
C ASP A 458 0.80 -2.06 12.39
N ASN A 459 1.46 -1.86 11.26
CA ASN A 459 2.47 -0.78 11.13
C ASN A 459 3.50 -0.63 12.28
N THR A 460 3.91 -1.76 12.79
CA THR A 460 4.73 -1.78 13.93
C THR A 460 5.98 -2.48 13.54
N LEU A 461 7.13 -1.86 13.80
CA LEU A 461 8.41 -2.49 13.49
C LEU A 461 8.64 -3.57 14.51
N SER A 462 8.79 -4.79 14.03
CA SER A 462 8.80 -5.97 14.84
C SER A 462 10.18 -6.61 14.87
N ASN A 463 10.26 -7.72 15.58
CA ASN A 463 11.50 -8.26 16.02
C ASN A 463 12.13 -9.16 14.97
N VAL A 464 12.22 -8.69 13.73
CA VAL A 464 12.82 -9.52 12.68
C VAL A 464 14.34 -9.59 12.59
N PHE A 465 15.06 -8.75 13.34
CA PHE A 465 16.54 -8.65 13.20
C PHE A 465 17.43 -9.43 14.23
N ALA A 466 16.85 -10.33 15.01
CA ALA A 466 17.59 -10.84 16.19
C ALA A 466 18.71 -11.79 15.88
N ASN A 467 18.65 -12.44 14.74
CA ASN A 467 19.71 -13.30 14.27
C ASN A 467 20.44 -12.63 13.07
N THR A 468 20.50 -11.28 13.00
CA THR A 468 21.27 -10.56 11.95
C THR A 468 22.24 -9.51 12.58
N THR A 469 23.08 -10.02 13.46
CA THR A 469 24.00 -9.24 14.29
C THR A 469 24.97 -8.35 13.55
N ASN A 470 25.42 -8.81 12.39
CA ASN A 470 26.41 -8.13 11.54
C ASN A 470 25.92 -7.06 10.63
N LEU A 471 24.71 -6.62 10.83
CA LEU A 471 24.12 -5.66 9.94
C LEU A 471 24.82 -4.38 10.20
N THR A 472 25.32 -3.77 9.14
CA THR A 472 25.92 -2.44 9.20
C THR A 472 25.18 -1.38 8.39
N PHE A 473 24.21 -1.82 7.55
CA PHE A 473 23.33 -0.96 6.74
C PHE A 473 21.89 -1.50 6.68
N LEU A 474 20.94 -0.67 7.08
CA LEU A 474 19.54 -1.04 7.21
C LEU A 474 18.73 0.13 6.74
N ASP A 475 17.99 -0.11 5.66
CA ASP A 475 17.13 0.87 5.01
C ASP A 475 15.66 0.44 5.13
N LEU A 476 14.95 1.12 6.01
CA LEU A 476 13.52 0.83 6.26
C LEU A 476 12.67 2.04 5.92
N SER A 477 13.21 2.94 5.11
CA SER A 477 12.41 4.07 4.64
C SER A 477 11.15 3.64 3.86
N LYS A 478 10.14 4.51 3.84
CA LYS A 478 8.97 4.30 3.01
C LYS A 478 8.31 2.95 3.28
N CYS A 479 8.08 2.68 4.57
CA CYS A 479 7.54 1.40 5.04
C CYS A 479 6.25 1.52 5.87
N GLN A 480 5.70 2.74 5.93
CA GLN A 480 4.49 3.03 6.68
C GLN A 480 4.57 2.52 8.07
N LEU A 481 5.61 2.95 8.79
CA LEU A 481 5.81 2.51 10.19
C LEU A 481 5.26 3.57 11.12
N GLU A 482 4.43 3.15 12.07
CA GLU A 482 4.01 4.04 13.14
C GLU A 482 4.78 3.87 14.41
N GLN A 483 5.35 2.68 14.64
CA GLN A 483 5.96 2.35 15.92
C GLN A 483 6.99 1.24 15.85
N ILE A 484 7.73 1.11 16.92
CA ILE A 484 8.80 0.15 16.95
C ILE A 484 8.58 -0.65 18.20
N SER A 485 8.66 -1.98 18.13
CA SER A 485 8.49 -2.81 19.34
C SER A 485 9.73 -2.73 20.19
N TRP A 486 9.56 -3.20 21.43
CA TRP A 486 10.50 -2.97 22.47
C TRP A 486 11.85 -3.48 22.15
N GLY A 487 11.96 -4.70 21.69
CA GLY A 487 13.35 -5.25 21.68
C GLY A 487 14.27 -4.82 20.54
N VAL A 488 13.65 -4.26 19.53
CA VAL A 488 13.99 -4.49 18.13
C VAL A 488 15.40 -4.19 17.65
N PHE A 489 16.13 -3.28 18.29
CA PHE A 489 17.52 -2.99 17.86
C PHE A 489 18.63 -3.40 18.84
N ASP A 490 18.25 -4.04 19.94
CA ASP A 490 19.21 -4.55 20.91
C ASP A 490 20.44 -5.27 20.32
N THR A 491 20.23 -6.13 19.36
CA THR A 491 21.27 -6.88 18.69
C THR A 491 22.09 -6.11 17.64
N LEU A 492 21.76 -4.87 17.31
CA LEU A 492 22.42 -4.28 16.10
C LEU A 492 23.61 -3.36 16.42
N HIS A 493 24.55 -3.92 17.19
CA HIS A 493 25.72 -3.25 17.68
C HIS A 493 26.74 -2.77 16.63
N ARG A 494 26.71 -3.34 15.44
CA ARG A 494 27.64 -2.95 14.39
C ARG A 494 27.05 -2.01 13.31
N LEU A 495 25.76 -1.65 13.46
CA LEU A 495 25.02 -0.88 12.44
C LEU A 495 25.56 0.55 12.37
N GLN A 496 25.79 1.03 11.14
CA GLN A 496 26.40 2.35 10.89
C GLN A 496 25.37 3.35 10.35
N LEU A 497 24.56 2.87 9.41
CA LEU A 497 23.53 3.67 8.76
C LEU A 497 22.20 3.04 9.10
N LEU A 498 21.27 3.87 9.56
CA LEU A 498 19.90 3.44 9.85
C LEU A 498 18.87 4.39 9.20
N ASN A 499 18.19 3.91 8.18
CA ASN A 499 17.22 4.80 7.56
C ASN A 499 15.80 4.48 7.94
N MET A 500 15.12 5.46 8.48
CA MET A 500 13.69 5.33 8.69
C MET A 500 12.95 6.59 8.27
N SER A 501 13.45 7.26 7.23
CA SER A 501 12.73 8.42 6.71
C SER A 501 11.52 7.98 5.91
N HIS A 502 10.59 8.92 5.70
CA HIS A 502 9.40 8.67 4.95
C HIS A 502 8.65 7.52 5.52
N ASN A 503 8.26 7.66 6.77
CA ASN A 503 7.41 6.70 7.41
C ASN A 503 6.37 7.55 8.12
N ASN A 504 5.59 6.97 9.03
CA ASN A 504 4.63 7.73 9.84
C ASN A 504 4.87 7.56 11.33
N LEU A 505 6.11 7.71 11.72
CA LEU A 505 6.43 7.45 13.09
C LEU A 505 5.72 8.48 13.97
N LEU A 506 5.00 8.01 15.00
CA LEU A 506 4.34 8.91 15.93
C LEU A 506 5.20 9.20 17.14
N PHE A 507 6.15 8.35 17.50
CA PHE A 507 7.00 8.73 18.62
C PHE A 507 8.25 7.91 18.69
N LEU A 508 9.21 8.35 19.48
CA LEU A 508 10.39 7.51 19.73
C LEU A 508 10.41 7.02 21.17
N ASP A 509 11.12 5.92 21.37
CA ASP A 509 11.46 5.46 22.67
C ASP A 509 12.99 5.53 22.80
N SER A 510 13.50 6.13 23.87
CA SER A 510 14.95 6.14 24.03
C SER A 510 15.57 4.75 24.00
N SER A 511 14.85 3.74 24.48
CA SER A 511 15.44 2.43 24.54
C SER A 511 15.81 1.79 23.19
N HIS A 512 15.38 2.37 22.06
CA HIS A 512 15.66 1.77 20.75
C HIS A 512 17.03 2.06 20.22
N TYR A 513 17.71 3.03 20.80
CA TYR A 513 19.01 3.45 20.31
C TYR A 513 20.14 3.18 21.31
N ASN A 514 19.82 2.84 22.55
CA ASN A 514 20.87 2.53 23.52
C ASN A 514 21.97 1.67 22.93
N GLN A 515 21.67 0.52 22.37
CA GLN A 515 22.73 -0.39 21.91
C GLN A 515 23.22 -0.24 20.46
N LEU A 516 22.97 0.91 19.83
CA LEU A 516 23.50 1.21 18.46
C LEU A 516 24.83 1.96 18.56
N TYR A 517 25.73 1.37 19.34
CA TYR A 517 27.07 1.85 19.66
C TYR A 517 27.92 2.40 18.50
N SER A 518 27.58 1.97 17.30
CA SER A 518 28.46 2.03 16.17
C SER A 518 27.84 2.88 15.00
N LEU A 519 26.76 3.58 15.32
CA LEU A 519 25.91 4.29 14.35
C LEU A 519 26.46 5.65 13.91
N LYS A 520 26.94 5.71 12.68
CA LYS A 520 27.31 6.98 12.08
C LYS A 520 26.13 7.79 11.50
N GLU A 521 25.08 7.16 10.96
CA GLU A 521 24.03 7.96 10.28
C GLU A 521 22.62 7.53 10.60
N LEU A 522 21.79 8.52 10.92
CA LEU A 522 20.44 8.25 11.39
C LEU A 522 19.48 9.22 10.78
N ALA A 523 18.61 8.68 9.94
CA ALA A 523 17.60 9.46 9.25
C ALA A 523 16.21 9.13 9.75
N LEU A 524 15.56 10.14 10.32
CA LEU A 524 14.18 10.06 10.82
C LEU A 524 13.27 11.11 10.17
N ASP A 525 13.69 11.61 9.02
CA ASP A 525 13.04 12.75 8.37
C ASP A 525 11.77 12.31 7.68
N THR A 526 10.89 13.28 7.48
CA THR A 526 9.53 13.09 6.96
C THR A 526 8.80 11.95 7.66
N ASN A 527 8.43 12.26 8.91
CA ASN A 527 7.61 11.40 9.77
C ASN A 527 6.59 12.27 10.49
N GLN A 528 6.01 11.79 11.59
CA GLN A 528 5.01 12.58 12.27
C GLN A 528 5.43 12.85 13.71
N LEU A 529 6.74 12.96 13.92
CA LEU A 529 7.22 13.10 15.27
C LEU A 529 6.92 14.51 15.76
N LYS A 530 6.24 14.63 16.88
CA LYS A 530 6.01 15.93 17.47
C LYS A 530 7.06 16.25 18.52
N SER A 531 7.79 15.24 19.00
CA SER A 531 8.76 15.46 20.07
C SER A 531 9.65 14.26 20.32
N VAL A 532 10.64 14.47 21.18
CA VAL A 532 11.64 13.44 21.47
C VAL A 532 11.98 13.28 22.95
N PRO A 533 11.95 12.03 23.48
CA PRO A 533 12.38 11.80 24.87
C PRO A 533 13.69 12.49 25.15
N ASP A 534 13.76 13.11 26.33
CA ASP A 534 14.97 13.79 26.79
C ASP A 534 16.14 12.82 26.72
N GLY A 535 17.26 13.36 26.22
CA GLY A 535 18.52 12.65 26.14
C GLY A 535 18.64 11.52 25.11
N ILE A 536 17.56 11.17 24.43
CA ILE A 536 17.62 10.12 23.42
C ILE A 536 18.88 10.02 22.57
N PHE A 537 19.51 11.15 22.19
CA PHE A 537 20.66 11.08 21.26
C PHE A 537 21.96 11.20 21.98
N ASP A 538 21.90 11.37 23.29
CA ASP A 538 23.09 11.55 24.14
C ASP A 538 24.13 10.44 24.07
N ARG A 539 23.72 9.20 23.86
CA ARG A 539 24.70 8.10 23.81
C ARG A 539 24.92 7.52 22.40
N LEU A 540 24.64 8.30 21.36
CA LEU A 540 25.05 7.97 19.99
C LEU A 540 26.40 8.63 19.70
N THR A 541 27.39 8.14 20.45
CA THR A 541 28.84 8.43 20.39
C THR A 541 29.45 8.72 19.03
N SER A 542 29.06 7.97 18.01
CA SER A 542 29.82 7.90 16.74
C SER A 542 29.03 8.54 15.62
N LEU A 543 27.96 9.24 15.98
CA LEU A 543 27.04 9.80 15.02
C LEU A 543 27.70 10.99 14.30
N GLN A 544 27.67 10.97 12.97
CA GLN A 544 28.18 12.05 12.14
C GLN A 544 27.04 12.85 11.49
N LYS A 545 26.09 12.16 10.88
CA LYS A 545 24.94 12.82 10.28
C LYS A 545 23.65 12.34 10.88
N ILE A 546 22.70 13.27 10.99
CA ILE A 546 21.34 12.95 11.36
C ILE A 546 20.32 13.83 10.62
N TRP A 547 19.24 13.25 10.15
CA TRP A 547 18.22 14.02 9.45
C TRP A 547 16.99 14.02 10.32
N LEU A 548 16.50 15.20 10.68
CA LEU A 548 15.27 15.31 11.46
C LEU A 548 14.17 16.19 10.86
N HIS A 549 14.40 16.77 9.69
CA HIS A 549 13.44 17.73 9.10
C HIS A 549 12.16 17.10 8.63
N THR A 550 11.20 17.94 8.27
CA THR A 550 9.86 17.47 7.84
C THR A 550 9.19 16.59 8.91
N ASN A 551 8.98 17.19 10.07
CA ASN A 551 8.22 16.61 11.19
C ASN A 551 7.66 17.80 11.94
N PRO A 552 6.42 17.70 12.36
CA PRO A 552 5.81 18.83 13.00
C PRO A 552 6.26 18.96 14.43
N TRP A 553 7.49 19.41 14.68
CA TRP A 553 8.01 19.48 16.05
C TRP A 553 7.23 20.50 16.85
N ASP A 554 6.69 20.11 18.00
CA ASP A 554 6.06 21.05 18.94
C ASP A 554 7.19 21.77 19.63
N CYS A 555 7.31 23.08 19.36
CA CYS A 555 8.42 23.88 19.90
C CYS A 555 8.08 24.66 21.16
N SER A 556 7.07 24.22 21.91
CA SER A 556 6.78 24.89 23.17
C SER A 556 7.88 24.53 24.12
N CYS A 557 8.36 25.53 24.87
CA CYS A 557 9.17 25.29 26.07
C CYS A 557 8.24 24.88 27.19
N PRO A 558 8.69 24.01 28.09
CA PRO A 558 10.03 23.44 28.17
C PRO A 558 10.21 22.16 27.33
N ARG A 559 9.12 21.65 26.72
CA ARG A 559 9.20 20.39 25.97
C ARG A 559 10.34 20.33 24.96
N ILE A 560 10.56 21.42 24.25
CA ILE A 560 11.56 21.47 23.21
C ILE A 560 12.95 21.82 23.77
N ASP A 561 13.11 21.82 25.08
CA ASP A 561 14.39 22.22 25.69
C ASP A 561 15.57 21.42 25.15
N TYR A 562 15.59 20.12 25.45
CA TYR A 562 16.66 19.21 24.97
C TYR A 562 16.98 19.28 23.46
N LEU A 563 15.95 19.05 22.64
CA LEU A 563 16.17 18.87 21.21
C LEU A 563 16.72 20.14 20.62
N SER A 564 16.18 21.27 21.07
CA SER A 564 16.61 22.58 20.58
C SER A 564 18.04 22.82 20.97
N ARG A 565 18.37 22.49 22.21
CA ARG A 565 19.76 22.58 22.63
C ARG A 565 20.67 21.55 21.96
N TRP A 566 20.17 20.34 21.73
CA TRP A 566 21.03 19.32 21.13
C TRP A 566 21.43 19.70 19.72
N LEU A 567 20.49 20.27 18.97
CA LEU A 567 20.79 20.66 17.59
C LEU A 567 21.78 21.83 17.56
N ASN A 568 21.60 22.77 18.48
CA ASN A 568 22.46 23.93 18.51
C ASN A 568 23.86 23.52 18.91
N LYS A 569 23.95 22.50 19.75
CA LYS A 569 25.23 21.95 20.17
C LYS A 569 25.87 21.16 19.04
N ASN A 570 25.04 20.64 18.10
CA ASN A 570 25.47 19.63 17.12
C ASN A 570 25.12 19.94 15.67
N SER A 571 25.10 21.23 15.30
CA SER A 571 24.62 21.64 13.96
C SER A 571 25.35 20.93 12.81
N GLN A 572 26.69 20.82 12.93
CA GLN A 572 27.53 20.17 11.91
C GLN A 572 26.97 18.82 11.47
N LYS A 573 26.20 18.15 12.32
CA LYS A 573 25.70 16.80 12.08
C LYS A 573 24.31 16.76 11.46
N GLU A 574 23.46 17.70 11.84
CA GLU A 574 22.10 17.81 11.26
C GLU A 574 22.18 18.07 9.79
N GLN A 575 21.53 17.25 8.99
CA GLN A 575 21.34 17.47 7.55
C GLN A 575 19.95 17.97 7.38
N GLY A 576 19.81 19.01 6.59
CA GLY A 576 18.51 19.62 6.40
C GLY A 576 18.27 20.45 7.63
N SER A 577 17.06 20.94 7.77
CA SER A 577 16.76 21.84 8.84
C SER A 577 15.38 21.55 9.47
N ALA A 578 15.37 21.11 10.73
CA ALA A 578 14.16 20.79 11.42
C ALA A 578 13.43 22.04 11.90
N LYS A 579 12.13 22.08 11.68
CA LYS A 579 11.33 23.29 11.86
C LYS A 579 10.17 23.05 12.82
N CYS A 580 9.71 24.11 13.48
CA CYS A 580 8.55 24.04 14.37
C CYS A 580 7.23 24.02 13.60
N SER A 581 6.26 23.25 14.06
CA SER A 581 4.95 23.26 13.42
C SER A 581 4.35 24.62 13.74
N GLY A 582 3.39 25.06 12.95
CA GLY A 582 2.85 26.41 13.08
C GLY A 582 3.80 27.46 12.51
N SER A 583 4.81 27.87 13.29
CA SER A 583 5.66 29.00 12.95
C SER A 583 6.63 28.73 11.81
N GLY A 584 7.01 27.47 11.63
CA GLY A 584 8.02 27.08 10.64
C GLY A 584 9.44 27.53 10.97
N LYS A 585 9.66 27.95 12.20
CA LYS A 585 10.94 28.47 12.67
C LYS A 585 11.95 27.32 12.90
N PRO A 586 13.27 27.55 12.66
CA PRO A 586 14.25 26.45 12.89
C PRO A 586 14.23 25.95 14.31
N VAL A 587 14.44 24.65 14.52
CA VAL A 587 14.44 24.14 15.89
C VAL A 587 15.73 24.51 16.62
N ARG A 588 16.84 24.65 15.91
CA ARG A 588 18.13 24.96 16.56
C ARG A 588 18.11 26.36 17.17
N SER A 589 17.28 27.22 16.58
CA SER A 589 17.21 28.62 16.94
C SER A 589 16.40 28.89 18.20
N ILE A 590 15.38 28.08 18.50
CA ILE A 590 14.59 28.24 19.72
C ILE A 590 15.48 28.19 20.96
N ILE A 591 15.24 29.10 21.92
CA ILE A 591 15.87 29.04 23.27
C ILE A 591 14.78 29.03 24.33
N CYS A 592 14.98 28.29 25.41
CA CYS A 592 14.01 28.26 26.50
C CYS A 592 14.46 29.10 27.68
N PRO A 593 13.51 29.45 28.57
CA PRO A 593 13.81 30.28 29.74
C PRO A 593 14.46 29.48 30.86
N THR A 594 15.78 29.27 30.75
CA THR A 594 16.61 28.53 31.74
C THR A 594 15.83 27.63 32.72
N GLN B 4 5.58 26.62 -37.37
CA GLN B 4 4.45 25.65 -37.49
C GLN B 4 4.60 24.72 -38.70
N TRP B 5 5.58 23.80 -38.63
CA TRP B 5 5.98 22.98 -39.78
C TRP B 5 5.10 21.75 -40.00
N PHE B 6 4.23 21.80 -41.01
CA PHE B 6 3.24 20.75 -41.23
C PHE B 6 3.21 20.13 -42.64
N CYS B 7 3.00 18.82 -42.66
CA CYS B 7 2.53 18.09 -43.85
C CYS B 7 1.05 17.82 -43.60
N ASN B 8 0.39 17.14 -44.53
CA ASN B 8 -0.95 16.60 -44.26
C ASN B 8 -1.31 15.36 -45.06
N SER B 9 -1.57 14.28 -44.34
CA SER B 9 -2.21 13.10 -44.90
C SER B 9 -3.70 13.43 -45.10
N SER B 10 -4.37 12.69 -45.98
CA SER B 10 -5.76 12.98 -46.34
C SER B 10 -6.76 12.62 -45.21
N ASP B 11 -6.28 11.96 -44.15
CA ASP B 11 -7.11 11.72 -42.95
C ASP B 11 -6.54 12.37 -41.68
N ALA B 12 -5.38 13.00 -41.79
CA ALA B 12 -4.73 13.58 -40.62
C ALA B 12 -3.75 14.68 -41.02
N ILE B 13 -3.81 15.82 -40.32
CA ILE B 13 -2.89 16.93 -40.55
C ILE B 13 -1.90 17.05 -39.36
N ILE B 14 -0.62 16.86 -39.64
CA ILE B 14 0.41 16.90 -38.61
C ILE B 14 1.22 18.19 -38.71
N SER B 15 1.30 18.91 -37.61
CA SER B 15 2.10 20.12 -37.51
C SER B 15 2.92 20.07 -36.23
N TYR B 16 4.12 20.65 -36.27
CA TYR B 16 4.96 20.72 -35.07
C TYR B 16 5.46 22.15 -34.87
N SER B 17 6.00 22.43 -33.69
CA SER B 17 6.73 23.67 -33.45
C SER B 17 7.54 23.53 -32.18
N TYR B 18 8.45 24.46 -31.93
CA TYR B 18 9.26 24.43 -30.72
C TYR B 18 8.39 24.68 -29.51
N CYS B 19 8.90 24.27 -28.35
CA CYS B 19 8.20 24.53 -27.10
C CYS B 19 8.40 25.98 -26.79
N ASP B 20 7.53 26.53 -25.94
CA ASP B 20 7.53 27.98 -25.74
C ASP B 20 8.73 28.49 -24.96
N HIS B 21 9.28 27.66 -24.08
CA HIS B 21 10.47 28.05 -23.33
C HIS B 21 11.72 27.24 -23.69
N LEU B 22 11.62 26.38 -24.70
CA LEU B 22 12.78 25.70 -25.25
C LEU B 22 12.72 25.69 -26.78
N LYS B 23 13.67 26.37 -27.41
CA LYS B 23 13.64 26.59 -28.85
C LYS B 23 15.04 26.37 -29.48
N PHE B 24 15.75 25.32 -29.08
CA PHE B 24 16.99 24.95 -29.81
C PHE B 24 16.58 24.28 -31.12
N PRO B 25 17.46 24.30 -32.13
CA PRO B 25 17.03 24.00 -33.47
C PRO B 25 16.99 22.51 -33.82
N ILE B 26 16.01 22.15 -34.64
CA ILE B 26 15.94 20.84 -35.33
C ILE B 26 15.09 20.88 -36.59
N SER B 27 15.56 20.22 -37.63
CA SER B 27 14.76 20.00 -38.81
C SER B 27 14.35 18.54 -38.74
N ILE B 28 13.07 18.33 -38.49
CA ILE B 28 12.53 17.00 -38.33
C ILE B 28 11.34 16.84 -39.29
N SER B 29 11.18 15.63 -39.84
CA SER B 29 10.29 15.42 -41.00
C SER B 29 9.99 13.93 -41.25
N SER B 30 8.75 13.61 -41.68
CA SER B 30 8.30 12.22 -41.88
C SER B 30 7.84 11.87 -43.30
N GLU B 31 8.19 10.68 -43.77
CA GLU B 31 7.78 10.23 -45.09
C GLU B 31 7.44 8.74 -45.04
N PRO B 32 6.15 8.40 -45.20
CA PRO B 32 5.03 9.31 -45.55
C PRO B 32 4.61 10.26 -44.41
N CYS B 33 3.75 11.22 -44.74
CA CYS B 33 3.08 12.04 -43.73
C CYS B 33 2.03 11.16 -43.07
N ILE B 34 2.07 11.08 -41.74
CA ILE B 34 1.41 10.00 -40.99
C ILE B 34 -0.11 9.99 -41.10
N ARG B 35 -0.66 8.80 -41.33
CA ARG B 35 -2.09 8.53 -41.27
C ARG B 35 -2.43 8.14 -39.83
N LEU B 36 -3.60 8.57 -39.35
CA LEU B 36 -4.05 8.16 -38.01
C LEU B 36 -4.20 6.64 -37.89
N ARG B 37 -4.25 5.95 -39.04
CA ARG B 37 -4.31 4.49 -39.10
C ARG B 37 -3.21 3.92 -40.01
N GLY B 38 -2.03 3.66 -39.43
CA GLY B 38 -0.98 2.87 -40.11
C GLY B 38 -0.07 3.62 -41.08
N THR B 39 1.17 3.84 -40.65
CA THR B 39 2.21 4.42 -41.52
C THR B 39 3.61 3.85 -41.21
N ASN B 40 4.05 2.88 -42.01
CA ASN B 40 5.46 2.46 -41.99
C ASN B 40 6.25 3.35 -42.93
N GLY B 41 7.35 3.90 -42.43
CA GLY B 41 8.12 4.87 -43.21
C GLY B 41 9.35 5.36 -42.48
N PHE B 42 9.71 6.62 -42.71
CA PHE B 42 10.90 7.21 -42.10
C PHE B 42 10.66 8.62 -41.54
N VAL B 43 11.37 8.91 -40.44
CA VAL B 43 11.42 10.23 -39.83
C VAL B 43 12.82 10.79 -40.07
N HIS B 44 12.91 11.87 -40.84
CA HIS B 44 14.19 12.51 -41.16
C HIS B 44 14.47 13.55 -40.11
N VAL B 45 15.67 13.48 -39.54
CA VAL B 45 16.11 14.38 -38.50
C VAL B 45 17.39 15.05 -38.93
N GLU B 46 17.44 16.38 -38.79
CA GLU B 46 18.69 17.12 -38.93
C GLU B 46 18.88 18.17 -37.85
N PHE B 47 19.99 18.07 -37.10
CA PHE B 47 20.36 19.08 -36.09
C PHE B 47 21.74 18.87 -35.54
N ILE B 48 22.16 19.77 -34.66
CA ILE B 48 23.43 19.65 -33.97
C ILE B 48 23.28 19.51 -32.45
N PRO B 49 23.31 18.28 -31.91
CA PRO B 49 23.15 18.05 -30.48
C PRO B 49 23.99 18.93 -29.56
N ARG B 50 23.30 19.57 -28.62
CA ARG B 50 23.93 20.35 -27.57
C ARG B 50 24.68 19.45 -26.58
N GLY B 51 24.51 18.14 -26.67
CA GLY B 51 25.23 17.23 -25.78
C GLY B 51 25.32 15.83 -26.32
N ASN B 52 26.30 15.08 -25.83
CA ASN B 52 26.51 13.71 -26.27
C ASN B 52 25.24 12.91 -26.23
N LEU B 53 24.91 12.35 -27.37
CA LEU B 53 23.65 11.66 -27.56
C LEU B 53 23.63 10.25 -26.99
N LYS B 54 24.76 9.79 -26.46
CA LYS B 54 24.74 8.50 -25.78
C LYS B 54 23.90 8.74 -24.53
N TYR B 55 23.11 7.75 -24.12
CA TYR B 55 22.11 7.99 -23.03
C TYR B 55 20.94 8.95 -23.39
N LEU B 56 20.71 9.20 -24.66
CA LEU B 56 19.55 9.97 -25.08
C LEU B 56 18.24 9.30 -24.67
N TYR B 57 17.27 10.08 -24.19
CA TYR B 57 15.90 9.57 -23.93
C TYR B 57 14.90 10.71 -24.04
N PHE B 58 13.63 10.36 -24.09
CA PHE B 58 12.57 11.35 -24.28
C PHE B 58 11.60 11.37 -23.11
N ASN B 59 10.94 12.52 -22.92
CA ASN B 59 9.83 12.66 -21.98
C ASN B 59 8.61 13.09 -22.74
N LEU B 60 7.64 12.20 -22.89
CA LEU B 60 6.44 12.50 -23.68
C LEU B 60 5.27 12.89 -22.79
N PHE B 61 4.73 14.07 -23.06
CA PHE B 61 3.51 14.52 -22.44
C PHE B 61 2.48 14.61 -23.55
N ILE B 62 1.56 13.66 -23.61
CA ILE B 62 0.58 13.64 -24.70
C ILE B 62 -0.79 14.15 -24.21
N SER B 63 -1.64 14.63 -25.12
CA SER B 63 -3.03 14.98 -24.79
C SER B 63 -4.10 14.67 -25.85
N VAL B 64 -4.76 13.52 -25.70
CA VAL B 64 -5.95 13.21 -26.48
C VAL B 64 -7.11 14.18 -26.16
N ASN B 65 -7.65 14.80 -27.22
CA ASN B 65 -8.72 15.80 -27.13
C ASN B 65 -8.54 16.69 -25.90
N SER B 66 -7.32 17.19 -25.77
CA SER B 66 -6.98 18.13 -24.73
C SER B 66 -7.11 17.55 -23.33
N ILE B 67 -7.26 16.22 -23.22
CA ILE B 67 -7.19 15.52 -21.94
C ILE B 67 -5.73 15.03 -21.82
N GLU B 68 -4.93 15.67 -20.98
CA GLU B 68 -3.49 15.32 -20.89
C GLU B 68 -3.25 14.04 -20.11
N LEU B 69 -2.32 13.22 -20.60
CA LEU B 69 -1.98 11.91 -20.03
C LEU B 69 -0.80 12.01 -19.05
N PRO B 70 -0.47 10.89 -18.40
CA PRO B 70 0.75 10.96 -17.57
C PRO B 70 1.98 11.03 -18.43
N LYS B 71 3.11 11.34 -17.80
CA LYS B 71 4.39 11.44 -18.50
C LYS B 71 4.79 10.05 -18.96
N ARG B 72 5.44 9.97 -20.11
CA ARG B 72 6.00 8.71 -20.60
C ARG B 72 7.47 8.92 -21.00
N LYS B 73 8.33 7.97 -20.64
CA LYS B 73 9.76 8.12 -20.80
C LYS B 73 10.37 7.08 -21.74
N GLU B 74 10.59 7.43 -23.01
CA GLU B 74 11.22 6.53 -23.98
C GLU B 74 12.72 6.76 -24.03
N VAL B 75 13.47 5.67 -23.86
CA VAL B 75 14.90 5.71 -24.05
C VAL B 75 15.16 5.21 -25.44
N LEU B 76 15.98 5.95 -26.18
CA LEU B 76 16.45 5.53 -27.49
C LEU B 76 17.87 5.07 -27.43
N CYS B 77 18.63 5.57 -26.46
CA CYS B 77 20.06 5.22 -26.31
C CYS B 77 20.40 4.81 -24.89
N HIS B 78 20.79 3.56 -24.68
CA HIS B 78 21.13 3.07 -23.35
C HIS B 78 22.61 3.25 -23.05
N GLY B 79 23.37 3.72 -24.05
CA GLY B 79 24.82 3.95 -23.92
C GLY B 79 25.75 2.76 -24.18
N HIS B 80 25.23 1.69 -24.76
CA HIS B 80 26.06 0.49 -24.95
C HIS B 80 25.46 -0.44 -26.02
N ASP B 81 26.07 -0.45 -27.20
CA ASP B 81 25.63 -1.29 -28.33
C ASP B 81 24.24 -0.98 -28.80
N ASP B 82 23.97 0.30 -28.95
CA ASP B 82 22.62 0.75 -29.21
C ASP B 82 22.17 0.52 -30.65
N ASP B 83 20.99 -0.06 -30.76
CA ASP B 83 20.22 -0.07 -32.00
C ASP B 83 20.44 1.11 -32.95
N TYR B 84 20.56 2.33 -32.45
CA TYR B 84 20.56 3.49 -33.32
C TYR B 84 21.94 4.08 -33.53
N SER B 85 22.19 4.55 -34.74
CA SER B 85 23.54 5.02 -35.08
C SER B 85 23.79 6.37 -34.44
N PHE B 86 22.78 7.23 -34.39
CA PHE B 86 22.93 8.56 -33.80
C PHE B 86 23.27 8.56 -32.33
N CYS B 87 23.04 7.44 -31.62
CA CYS B 87 23.51 7.30 -30.22
C CYS B 87 25.01 7.51 -29.98
N ARG B 88 25.85 7.37 -31.00
CA ARG B 88 27.29 7.60 -30.81
C ARG B 88 27.63 9.07 -30.96
N ALA B 89 26.68 9.83 -31.49
CA ALA B 89 26.90 11.24 -31.81
C ALA B 89 27.33 12.03 -30.59
N LEU B 90 28.07 13.12 -30.84
CA LEU B 90 28.65 13.95 -29.79
C LEU B 90 28.19 15.40 -29.85
N LYS B 91 28.48 16.12 -28.78
CA LYS B 91 28.10 17.52 -28.64
C LYS B 91 28.76 18.30 -29.75
N GLY B 92 27.93 18.84 -30.64
CA GLY B 92 28.43 19.69 -31.72
C GLY B 92 28.51 19.03 -33.09
N GLU B 93 28.62 17.72 -33.11
CA GLU B 93 28.65 16.99 -34.35
C GLU B 93 27.30 17.06 -35.03
N THR B 94 27.26 16.95 -36.35
CA THR B 94 25.99 17.00 -37.11
C THR B 94 25.26 15.66 -37.12
N VAL B 95 23.94 15.71 -37.18
CA VAL B 95 23.14 14.49 -37.23
C VAL B 95 22.17 14.59 -38.40
N ASN B 96 22.42 13.76 -39.40
CA ASN B 96 21.54 13.57 -40.50
C ASN B 96 21.28 12.08 -40.45
N THR B 97 20.02 11.72 -40.23
CA THR B 97 19.61 10.33 -40.18
C THR B 97 18.12 10.30 -40.35
N SER B 98 17.66 9.39 -41.18
CA SER B 98 16.25 9.08 -41.25
C SER B 98 16.11 7.82 -40.42
N ILE B 99 15.18 7.83 -39.48
CA ILE B 99 14.89 6.65 -38.67
C ILE B 99 13.61 6.00 -39.21
N PRO B 100 13.62 4.66 -39.39
CA PRO B 100 12.37 4.01 -39.67
C PRO B 100 11.46 4.02 -38.47
N PHE B 101 10.25 4.50 -38.65
CA PHE B 101 9.24 4.49 -37.62
C PHE B 101 8.08 3.67 -38.17
N SER B 102 7.43 2.92 -37.29
CA SER B 102 6.30 2.11 -37.69
C SER B 102 5.13 2.39 -36.76
N PHE B 103 4.14 3.10 -37.29
CA PHE B 103 2.87 3.36 -36.60
C PHE B 103 1.86 2.29 -37.05
N GLU B 104 1.36 1.50 -36.10
CA GLU B 104 0.41 0.41 -36.37
C GLU B 104 -0.99 1.01 -36.54
N GLY B 105 -1.25 2.10 -35.82
CA GLY B 105 -2.45 2.92 -35.97
C GLY B 105 -3.29 3.00 -34.71
N ILE B 106 -4.50 3.52 -34.86
CA ILE B 106 -5.59 3.32 -33.90
C ILE B 106 -6.89 3.21 -34.72
N LEU B 107 -7.41 2.00 -34.91
CA LEU B 107 -8.71 1.81 -35.57
C LEU B 107 -9.80 2.51 -34.74
N PHE B 108 -10.58 3.36 -35.39
CA PHE B 108 -11.47 4.32 -34.69
C PHE B 108 -10.66 5.37 -33.91
N PRO B 109 -9.90 6.24 -34.64
CA PRO B 109 -9.15 7.33 -34.01
C PRO B 109 -10.01 8.58 -33.85
N LYS B 110 -9.59 9.51 -32.98
CA LYS B 110 -10.48 10.62 -32.59
C LYS B 110 -9.83 12.00 -32.42
N GLY B 111 -10.27 12.94 -33.23
CA GLY B 111 -10.14 14.36 -32.95
C GLY B 111 -8.74 14.93 -32.81
N HIS B 112 -8.50 15.62 -31.69
CA HIS B 112 -7.31 16.46 -31.50
C HIS B 112 -6.27 15.81 -30.56
N TYR B 113 -5.27 15.17 -31.16
CA TYR B 113 -4.07 14.73 -30.43
C TYR B 113 -3.07 15.90 -30.35
N ARG B 114 -2.01 15.72 -29.58
CA ARG B 114 -1.15 16.82 -29.21
C ARG B 114 -0.07 16.23 -28.33
N CYS B 115 1.19 16.33 -28.76
CA CYS B 115 2.31 15.71 -28.05
C CYS B 115 3.49 16.64 -27.93
N VAL B 116 4.03 16.78 -26.73
CA VAL B 116 5.30 17.46 -26.57
C VAL B 116 6.38 16.40 -26.33
N ALA B 117 7.63 16.71 -26.67
CA ALA B 117 8.72 15.74 -26.55
C ALA B 117 10.01 16.40 -26.11
N GLU B 118 10.50 16.04 -24.94
CA GLU B 118 11.78 16.54 -24.46
C GLU B 118 12.85 15.50 -24.62
N ALA B 119 13.76 15.74 -25.55
CA ALA B 119 14.94 14.93 -25.65
C ALA B 119 15.79 15.37 -24.49
N ILE B 120 16.29 14.40 -23.75
CA ILE B 120 17.13 14.67 -22.59
C ILE B 120 18.39 13.83 -22.74
N ALA B 121 19.52 14.48 -22.51
CA ALA B 121 20.79 13.80 -22.46
C ALA B 121 20.89 13.21 -21.08
N GLY B 122 20.74 11.90 -20.98
CA GLY B 122 20.79 11.21 -19.70
C GLY B 122 22.09 11.34 -18.92
N ASP B 123 23.20 11.53 -19.61
CA ASP B 123 24.48 11.67 -18.92
C ASP B 123 24.34 12.76 -17.84
N THR B 124 23.89 13.94 -18.26
CA THR B 124 23.93 15.17 -17.47
C THR B 124 22.56 15.73 -17.17
N GLU B 125 21.53 14.97 -17.55
CA GLU B 125 20.14 15.39 -17.42
C GLU B 125 19.85 16.77 -18.01
N GLU B 126 20.69 17.25 -18.94
CA GLU B 126 20.46 18.57 -19.53
C GLU B 126 19.47 18.50 -20.69
N LYS B 127 18.90 19.63 -21.06
CA LYS B 127 17.90 19.66 -22.11
C LYS B 127 18.55 19.74 -23.47
N LEU B 128 18.07 18.92 -24.39
CA LEU B 128 18.59 18.91 -25.75
C LEU B 128 17.71 19.62 -26.75
N PHE B 129 16.41 19.36 -26.65
CA PHE B 129 15.41 20.13 -27.41
C PHE B 129 14.02 19.65 -27.04
N CYS B 130 13.04 20.40 -27.50
CA CYS B 130 11.69 20.21 -27.05
C CYS B 130 10.77 20.49 -28.22
N LEU B 131 9.83 19.59 -28.48
CA LEU B 131 8.94 19.70 -29.63
C LEU B 131 7.49 19.55 -29.26
N ASN B 132 6.72 20.62 -29.54
CA ASN B 132 5.26 20.65 -29.40
C ASN B 132 4.65 20.17 -30.73
N PHE B 133 3.99 19.02 -30.73
CA PHE B 133 3.33 18.51 -31.94
C PHE B 133 1.84 18.75 -31.92
N THR B 134 1.20 18.46 -33.04
CA THR B 134 -0.26 18.46 -33.15
C THR B 134 -0.67 17.48 -34.25
N ILE B 135 -1.80 16.79 -34.03
CA ILE B 135 -2.36 15.87 -35.02
C ILE B 135 -3.89 16.02 -34.95
N ILE B 136 -4.51 16.36 -36.08
CA ILE B 136 -5.95 16.61 -36.10
C ILE B 136 -6.58 15.70 -37.16
N HIS B 137 -7.86 15.39 -36.96
CA HIS B 137 -8.60 14.47 -37.84
C HIS B 137 -9.53 15.23 -38.82
N ARG B 138 -9.77 14.63 -39.99
CA ARG B 138 -10.80 15.08 -40.97
C ARG B 138 -10.88 16.61 -41.18
N ARG B 139 -12.08 17.18 -41.29
CA ARG B 139 -12.26 18.63 -41.26
C ARG B 139 -12.15 19.14 -39.83
N PRO C 2 -33.76 29.11 22.46
CA PRO C 2 -34.41 28.18 23.37
C PRO C 2 -33.77 26.78 23.49
N CYS C 3 -33.78 25.97 22.42
CA CYS C 3 -33.28 24.57 22.48
C CYS C 3 -32.16 24.32 21.46
N ILE C 4 -31.78 23.04 21.29
CA ILE C 4 -30.91 22.61 20.20
C ILE C 4 -31.70 21.79 19.20
N GLU C 5 -31.98 22.38 18.05
CA GLU C 5 -32.68 21.70 16.98
C GLU C 5 -31.73 20.75 16.26
N VAL C 6 -32.02 19.47 16.35
CA VAL C 6 -31.11 18.44 15.85
C VAL C 6 -31.41 18.10 14.37
N VAL C 7 -32.69 18.05 14.01
CA VAL C 7 -33.12 17.81 12.64
C VAL C 7 -34.35 18.70 12.36
N PRO C 8 -34.44 19.32 11.14
CA PRO C 8 -35.45 20.33 10.73
C PRO C 8 -36.88 20.23 11.31
N ASN C 9 -37.07 20.82 12.49
CA ASN C 9 -38.33 20.82 13.26
C ASN C 9 -38.80 19.43 13.67
N ILE C 10 -37.89 18.45 13.59
CA ILE C 10 -38.22 17.04 13.82
C ILE C 10 -37.84 16.61 15.25
N THR C 11 -36.81 17.23 15.85
CA THR C 11 -36.51 17.01 17.27
C THR C 11 -35.53 18.04 17.86
N TYR C 12 -35.71 18.27 19.16
CA TYR C 12 -34.87 19.20 19.91
C TYR C 12 -34.27 18.51 21.14
N GLN C 13 -32.95 18.54 21.24
CA GLN C 13 -32.31 18.16 22.47
C GLN C 13 -32.43 19.38 23.38
N CYS C 14 -32.77 19.17 24.67
CA CYS C 14 -32.97 20.29 25.61
C CYS C 14 -32.62 19.94 27.07
N MET C 15 -31.39 19.46 27.30
CA MET C 15 -31.01 18.91 28.61
C MET C 15 -30.21 19.89 29.48
N ASP C 16 -30.19 19.60 30.79
CA ASP C 16 -29.65 20.46 31.86
C ASP C 16 -29.82 21.96 31.58
N GLN C 17 -30.99 22.30 31.04
CA GLN C 17 -31.36 23.70 30.80
C GLN C 17 -31.90 24.31 32.09
N LYS C 18 -31.83 23.54 33.19
CA LYS C 18 -32.23 23.99 34.52
C LYS C 18 -33.64 24.59 34.47
N LEU C 19 -34.55 23.85 33.83
CA LEU C 19 -35.92 24.30 33.55
C LEU C 19 -36.92 23.87 34.62
N SER C 20 -37.44 24.85 35.36
CA SER C 20 -38.65 24.68 36.17
C SER C 20 -39.91 24.78 35.29
N LYS C 21 -39.74 24.62 33.96
CA LYS C 21 -40.82 24.81 32.99
C LYS C 21 -40.59 24.07 31.66
N VAL C 22 -41.68 23.60 31.07
CA VAL C 22 -41.69 23.13 29.68
C VAL C 22 -41.56 24.36 28.77
N PRO C 23 -40.84 24.25 27.64
CA PRO C 23 -40.63 25.45 26.83
C PRO C 23 -41.82 25.85 25.95
N ASP C 24 -42.14 27.15 25.91
CA ASP C 24 -43.34 27.66 25.26
C ASP C 24 -43.20 27.85 23.73
N ASP C 25 -42.31 28.74 23.28
CA ASP C 25 -42.19 29.04 21.84
C ASP C 25 -41.48 27.93 21.04
N ILE C 26 -41.76 26.68 21.43
CA ILE C 26 -41.37 25.51 20.65
C ILE C 26 -42.35 25.44 19.48
N PRO C 27 -41.84 25.38 18.24
CA PRO C 27 -42.70 24.99 17.11
C PRO C 27 -43.34 23.60 17.34
N SER C 28 -44.64 23.49 17.07
CA SER C 28 -45.48 22.44 17.66
C SER C 28 -45.69 21.14 16.85
N SER C 29 -45.41 21.14 15.54
CA SER C 29 -45.60 19.92 14.72
C SER C 29 -44.34 19.03 14.74
N THR C 30 -43.85 18.74 15.94
CA THR C 30 -42.57 18.02 16.16
C THR C 30 -42.76 16.48 16.24
N LYS C 31 -41.68 15.74 16.51
CA LYS C 31 -41.73 14.27 16.62
C LYS C 31 -41.13 13.67 17.90
N ASN C 32 -40.00 14.20 18.38
CA ASN C 32 -39.40 13.72 19.62
C ASN C 32 -38.79 14.85 20.43
N ILE C 33 -38.78 14.71 21.75
CA ILE C 33 -38.23 15.73 22.63
C ILE C 33 -37.32 15.10 23.67
N ASP C 34 -36.18 15.77 23.88
CA ASP C 34 -35.29 15.41 24.95
C ASP C 34 -35.50 16.48 26.02
N LEU C 35 -35.78 16.06 27.25
CA LEU C 35 -36.01 17.02 28.35
C LEU C 35 -35.65 16.37 29.68
N SER C 36 -34.35 16.15 29.85
CA SER C 36 -33.84 15.39 30.98
C SER C 36 -33.03 16.30 31.90
N PHE C 37 -32.92 15.92 33.18
CA PHE C 37 -32.13 16.64 34.21
C PHE C 37 -32.62 18.04 34.62
N ASN C 38 -33.71 18.50 34.02
CA ASN C 38 -34.29 19.80 34.35
C ASN C 38 -35.02 19.65 35.69
N PRO C 39 -34.72 20.51 36.67
CA PRO C 39 -35.51 20.52 37.91
C PRO C 39 -37.01 20.85 37.69
N LEU C 40 -37.78 19.92 37.12
CA LEU C 40 -39.24 20.14 36.82
C LEU C 40 -40.21 19.73 37.96
N LYS C 41 -39.70 19.69 39.20
CA LYS C 41 -40.49 19.52 40.46
C LYS C 41 -41.74 18.61 40.47
N ILE C 42 -42.76 18.97 39.69
CA ILE C 42 -44.02 18.18 39.55
C ILE C 42 -44.40 18.09 38.06
N LEU C 43 -45.16 17.06 37.70
CA LEU C 43 -45.75 17.03 36.38
C LEU C 43 -47.17 17.54 36.46
N LYS C 44 -47.36 18.82 36.13
CA LYS C 44 -48.65 19.50 36.25
C LYS C 44 -49.63 19.04 35.16
N SER C 45 -50.93 19.26 35.39
CA SER C 45 -51.97 18.97 34.40
C SER C 45 -51.66 19.69 33.09
N TYR C 46 -52.12 19.12 31.98
CA TYR C 46 -51.78 19.62 30.65
C TYR C 46 -50.28 19.77 30.46
N SER C 47 -49.47 18.96 31.15
CA SER C 47 -48.02 19.21 31.27
C SER C 47 -47.32 19.41 29.91
N PHE C 48 -47.82 18.76 28.85
CA PHE C 48 -47.30 18.91 27.48
C PHE C 48 -48.43 18.91 26.46
N SER C 49 -49.51 19.62 26.77
CA SER C 49 -50.76 19.48 26.02
C SER C 49 -50.66 19.80 24.53
N ASN C 50 -50.14 20.98 24.19
CA ASN C 50 -50.01 21.42 22.79
C ASN C 50 -49.33 20.37 21.88
N PHE C 51 -48.19 19.85 22.36
CA PHE C 51 -47.43 18.87 21.60
C PHE C 51 -48.17 17.52 21.63
N SER C 52 -48.51 16.97 20.47
CA SER C 52 -49.29 15.72 20.38
C SER C 52 -48.99 14.78 19.19
N GLU C 53 -47.92 15.05 18.43
CA GLU C 53 -47.50 14.20 17.31
C GLU C 53 -46.14 13.53 17.60
N LEU C 54 -45.89 13.28 18.88
CA LEU C 54 -44.60 12.83 19.39
C LEU C 54 -44.46 11.29 19.28
N GLN C 55 -43.22 10.80 19.37
CA GLN C 55 -42.94 9.35 19.42
C GLN C 55 -41.82 9.00 20.41
N TRP C 56 -41.49 9.93 21.31
CA TRP C 56 -40.40 9.76 22.27
C TRP C 56 -40.41 10.92 23.27
N LEU C 57 -40.37 10.60 24.55
CA LEU C 57 -40.18 11.61 25.60
C LEU C 57 -39.33 11.04 26.74
N ASP C 58 -38.32 11.80 27.15
CA ASP C 58 -37.52 11.44 28.30
C ASP C 58 -37.69 12.45 29.42
N LEU C 59 -38.24 12.00 30.54
CA LEU C 59 -38.32 12.81 31.76
C LEU C 59 -37.35 12.21 32.77
N SER C 60 -36.15 11.92 32.29
CA SER C 60 -35.19 11.19 33.08
C SER C 60 -34.43 12.14 34.00
N ARG C 61 -34.31 11.69 35.25
CA ARG C 61 -33.82 12.48 36.37
C ARG C 61 -34.29 13.94 36.37
N CYS C 62 -35.59 14.14 36.18
CA CYS C 62 -36.18 15.49 36.23
C CYS C 62 -36.74 15.84 37.60
N GLU C 63 -36.10 15.34 38.66
CA GLU C 63 -36.42 15.70 40.06
C GLU C 63 -37.95 15.73 40.38
N ILE C 64 -38.72 14.83 39.76
CA ILE C 64 -40.20 14.80 39.96
C ILE C 64 -40.57 13.94 41.19
N GLU C 65 -41.49 14.45 42.02
CA GLU C 65 -42.09 13.70 43.14
C GLU C 65 -43.61 13.45 43.00
N THR C 66 -44.24 14.00 41.96
CA THR C 66 -45.64 13.70 41.66
C THR C 66 -46.02 13.87 40.19
N ILE C 67 -46.57 12.81 39.61
CA ILE C 67 -47.33 12.93 38.38
C ILE C 67 -48.72 13.32 38.82
N GLU C 68 -49.23 14.40 38.26
CA GLU C 68 -50.61 14.81 38.48
C GLU C 68 -51.48 14.11 37.44
N ASP C 69 -52.76 13.96 37.77
CA ASP C 69 -53.70 13.33 36.85
C ASP C 69 -53.92 14.25 35.64
N LYS C 70 -54.24 13.64 34.51
CA LYS C 70 -54.39 14.36 33.24
C LYS C 70 -53.18 15.23 32.91
N ALA C 71 -52.02 14.92 33.51
CA ALA C 71 -50.79 15.63 33.19
C ALA C 71 -50.38 15.34 31.75
N TRP C 72 -50.81 14.18 31.25
CA TRP C 72 -50.49 13.75 29.90
C TRP C 72 -51.48 14.33 28.91
N HIS C 73 -52.76 14.11 29.17
CA HIS C 73 -53.85 14.74 28.42
C HIS C 73 -53.61 14.78 26.91
N GLY C 74 -52.79 15.73 26.45
CA GLY C 74 -52.61 16.00 25.02
C GLY C 74 -52.00 14.89 24.17
N LEU C 75 -51.29 13.97 24.81
CA LEU C 75 -50.56 12.92 24.09
C LEU C 75 -51.52 11.81 23.62
N HIS C 76 -51.38 11.35 22.37
CA HIS C 76 -52.26 10.30 21.83
C HIS C 76 -51.82 9.50 20.57
N HIS C 77 -50.54 9.54 20.19
CA HIS C 77 -50.02 8.63 19.13
C HIS C 77 -48.54 8.29 19.31
N LEU C 78 -48.16 8.07 20.57
CA LEU C 78 -46.77 7.82 20.97
C LEU C 78 -46.42 6.34 20.74
N SER C 79 -45.14 6.02 20.84
CA SER C 79 -44.69 4.63 20.92
C SER C 79 -43.65 4.43 22.01
N ASN C 80 -43.05 5.51 22.49
CA ASN C 80 -41.92 5.43 23.41
C ASN C 80 -41.95 6.54 24.48
N LEU C 81 -42.35 6.16 25.69
CA LEU C 81 -42.37 7.09 26.82
C LEU C 81 -41.30 6.64 27.82
N ILE C 82 -40.60 7.61 28.41
CA ILE C 82 -39.48 7.34 29.28
C ILE C 82 -39.51 8.30 30.47
N LEU C 83 -39.62 7.74 31.69
CA LEU C 83 -39.71 8.53 32.92
C LEU C 83 -38.68 8.00 33.92
N THR C 84 -37.44 7.97 33.50
CA THR C 84 -36.39 7.35 34.29
C THR C 84 -35.95 8.24 35.46
N GLY C 85 -35.89 7.68 36.66
CA GLY C 85 -35.19 8.34 37.79
C GLY C 85 -35.80 9.57 38.46
N ASN C 86 -37.09 9.52 38.81
CA ASN C 86 -37.77 10.57 39.58
C ASN C 86 -38.47 9.90 40.78
N PRO C 87 -38.23 10.34 42.03
CA PRO C 87 -38.92 9.70 43.18
C PRO C 87 -40.47 9.83 43.25
N ILE C 88 -41.15 9.63 42.10
CA ILE C 88 -42.60 9.87 41.94
C ILE C 88 -43.49 8.75 42.51
N GLN C 89 -43.50 8.63 43.83
CA GLN C 89 -44.34 7.64 44.50
C GLN C 89 -45.84 7.88 44.23
N SER C 90 -46.23 9.15 44.06
CA SER C 90 -47.63 9.53 43.80
C SER C 90 -48.15 9.05 42.43
N PHE C 91 -48.85 7.92 42.45
CA PHE C 91 -49.53 7.41 41.27
C PHE C 91 -51.02 7.34 41.52
N SER C 92 -51.72 8.41 41.14
CA SER C 92 -53.17 8.39 41.10
C SER C 92 -53.63 7.31 40.12
N PRO C 93 -54.86 6.80 40.30
CA PRO C 93 -55.42 5.99 39.21
C PRO C 93 -55.65 6.92 38.03
N GLY C 94 -55.13 6.54 36.87
CA GLY C 94 -54.98 7.49 35.78
C GLY C 94 -53.87 8.50 36.09
N SER C 95 -52.82 8.08 36.81
CA SER C 95 -51.58 8.85 36.88
C SER C 95 -51.07 8.94 35.44
N PHE C 96 -51.28 7.87 34.67
CA PHE C 96 -50.87 7.79 33.26
C PHE C 96 -52.02 8.00 32.28
N SER C 97 -53.16 8.53 32.74
CA SER C 97 -54.39 8.54 31.92
C SER C 97 -54.38 9.64 30.86
N GLY C 98 -54.79 9.26 29.64
CA GLY C 98 -54.68 10.11 28.45
C GLY C 98 -53.86 9.45 27.36
N LEU C 99 -52.94 8.58 27.77
CA LEU C 99 -52.12 7.80 26.84
C LEU C 99 -53.03 6.90 26.01
N THR C 100 -52.67 6.63 24.76
CA THR C 100 -53.60 5.94 23.84
C THR C 100 -53.01 5.16 22.65
N SER C 101 -51.68 5.08 22.51
CA SER C 101 -51.06 4.30 21.42
C SER C 101 -49.58 3.89 21.65
N LEU C 102 -49.17 3.80 22.91
CA LEU C 102 -47.75 3.60 23.26
C LEU C 102 -47.25 2.20 22.86
N GLU C 103 -45.93 2.02 22.89
CA GLU C 103 -45.29 0.72 22.65
C GLU C 103 -44.10 0.46 23.59
N ASN C 104 -43.83 1.38 24.50
CA ASN C 104 -42.74 1.23 25.47
C ASN C 104 -42.81 2.25 26.60
N LEU C 105 -42.97 1.74 27.81
CA LEU C 105 -42.91 2.54 29.03
C LEU C 105 -41.63 2.19 29.77
N VAL C 106 -41.09 3.15 30.52
CA VAL C 106 -39.87 2.95 31.28
C VAL C 106 -39.98 3.66 32.63
N ALA C 107 -40.28 2.88 33.67
CA ALA C 107 -40.47 3.43 35.02
C ALA C 107 -39.33 2.99 35.95
N VAL C 108 -38.13 3.27 35.47
CA VAL C 108 -36.90 2.89 36.12
C VAL C 108 -36.57 3.90 37.21
N GLU C 109 -36.19 3.39 38.38
CA GLU C 109 -35.83 4.22 39.55
C GLU C 109 -36.96 5.17 40.04
N THR C 110 -38.22 4.83 39.75
CA THR C 110 -39.37 5.65 40.17
C THR C 110 -39.93 5.26 41.55
N LYS C 111 -39.03 4.82 42.45
CA LYS C 111 -39.39 4.30 43.79
C LYS C 111 -40.75 3.60 43.82
N LEU C 112 -41.09 2.94 42.71
CA LEU C 112 -42.42 2.38 42.52
C LEU C 112 -42.51 1.09 43.33
N ALA C 113 -43.61 0.94 44.05
CA ALA C 113 -43.81 -0.11 45.05
C ALA C 113 -44.19 -1.46 44.45
N SER C 114 -45.22 -1.48 43.60
CA SER C 114 -45.70 -2.74 43.02
C SER C 114 -46.43 -2.54 41.70
N LEU C 115 -46.54 -3.62 40.94
CA LEU C 115 -47.27 -3.63 39.67
C LEU C 115 -48.78 -3.54 39.87
N GLU C 116 -49.25 -4.15 40.96
CA GLU C 116 -50.69 -4.20 41.29
C GLU C 116 -51.20 -2.77 41.29
N SER C 117 -50.62 -1.94 42.17
CA SER C 117 -50.97 -0.53 42.30
C SER C 117 -50.43 0.32 41.15
N PHE C 118 -49.47 -0.19 40.38
CA PHE C 118 -48.99 0.50 39.19
C PHE C 118 -50.13 0.56 38.18
N PRO C 119 -50.78 1.73 38.07
CA PRO C 119 -52.05 1.83 37.38
C PRO C 119 -51.85 2.03 35.87
N ILE C 120 -51.89 0.93 35.13
CA ILE C 120 -51.63 0.95 33.68
C ILE C 120 -52.50 -0.08 32.94
N GLY C 121 -53.74 -0.27 33.41
CA GLY C 121 -54.64 -1.29 32.87
C GLY C 121 -55.07 -1.09 31.41
N GLN C 122 -55.62 0.07 31.09
CA GLN C 122 -56.21 0.32 29.76
C GLN C 122 -55.19 0.82 28.71
N LEU C 123 -53.90 0.56 28.97
CA LEU C 123 -52.82 0.84 28.02
C LEU C 123 -52.70 -0.38 27.07
N ILE C 124 -53.23 -0.25 25.85
CA ILE C 124 -53.69 -1.40 25.06
C ILE C 124 -52.65 -1.99 24.11
N THR C 125 -52.10 -1.14 23.24
CA THR C 125 -51.18 -1.56 22.17
C THR C 125 -49.69 -1.53 22.63
N LEU C 126 -49.47 -1.88 23.89
CA LEU C 126 -48.14 -1.82 24.52
C LEU C 126 -47.39 -3.13 24.33
N LYS C 127 -46.11 -3.01 23.99
CA LYS C 127 -45.27 -4.17 23.74
C LYS C 127 -44.15 -4.38 24.77
N LYS C 128 -43.64 -3.28 25.36
CA LYS C 128 -42.51 -3.35 26.29
C LYS C 128 -42.79 -2.62 27.58
N LEU C 129 -42.45 -3.26 28.70
CA LEU C 129 -42.42 -2.58 29.98
C LEU C 129 -41.04 -2.74 30.61
N ASN C 130 -40.32 -1.62 30.68
CA ASN C 130 -39.14 -1.57 31.51
C ASN C 130 -39.52 -0.93 32.82
N VAL C 131 -39.40 -1.69 33.90
CA VAL C 131 -39.71 -1.20 35.22
C VAL C 131 -38.63 -1.65 36.20
N ALA C 132 -37.40 -1.70 35.70
CA ALA C 132 -36.26 -2.17 36.47
C ALA C 132 -35.84 -1.11 37.48
N HIS C 133 -35.08 -1.50 38.51
CA HIS C 133 -34.59 -0.55 39.53
C HIS C 133 -35.77 0.09 40.26
N ASN C 134 -36.05 -0.37 41.47
CA ASN C 134 -37.24 0.04 42.21
C ASN C 134 -37.28 -0.63 43.59
N PHE C 135 -38.32 -0.33 44.36
CA PHE C 135 -38.56 -1.06 45.59
C PHE C 135 -39.71 -2.06 45.36
N ILE C 136 -39.64 -2.82 44.25
CA ILE C 136 -40.60 -3.90 43.98
C ILE C 136 -40.13 -5.21 44.63
N HIS C 137 -40.88 -5.63 45.66
CA HIS C 137 -40.58 -6.85 46.37
C HIS C 137 -41.31 -8.05 45.74
N SER C 138 -42.22 -7.77 44.79
CA SER C 138 -43.26 -8.72 44.37
C SER C 138 -43.26 -9.15 42.90
N CYS C 139 -43.04 -10.45 42.68
CA CYS C 139 -43.13 -11.07 41.35
C CYS C 139 -44.56 -11.13 40.78
N LYS C 140 -45.54 -11.32 41.66
CA LYS C 140 -46.94 -11.51 41.26
C LYS C 140 -47.29 -10.66 40.06
N LEU C 141 -47.56 -11.31 38.93
CA LEU C 141 -48.04 -10.61 37.74
C LEU C 141 -49.46 -10.13 37.92
N PRO C 142 -49.70 -8.84 37.69
CA PRO C 142 -51.05 -8.30 37.83
C PRO C 142 -52.08 -9.04 37.02
N ALA C 143 -53.26 -9.21 37.62
CA ALA C 143 -54.38 -9.83 36.94
C ALA C 143 -54.79 -9.06 35.68
N TYR C 144 -54.54 -7.74 35.64
CA TYR C 144 -54.90 -6.90 34.49
C TYR C 144 -54.09 -7.18 33.21
N PHE C 145 -53.06 -8.02 33.32
CA PHE C 145 -52.16 -8.36 32.20
C PHE C 145 -52.87 -8.83 30.92
N SER C 146 -54.04 -9.48 31.06
CA SER C 146 -54.79 -10.00 29.92
C SER C 146 -55.35 -8.90 29.00
N ASN C 147 -55.54 -7.70 29.56
CA ASN C 147 -55.90 -6.52 28.76
C ASN C 147 -54.71 -6.04 27.94
N LEU C 148 -53.50 -6.28 28.46
CA LEU C 148 -52.25 -5.85 27.83
C LEU C 148 -51.86 -6.88 26.77
N THR C 149 -52.64 -6.92 25.69
CA THR C 149 -52.54 -8.01 24.71
C THR C 149 -51.20 -8.06 23.98
N ASN C 150 -50.71 -6.93 23.46
CA ASN C 150 -49.47 -6.95 22.68
C ASN C 150 -48.18 -7.02 23.50
N LEU C 151 -48.32 -7.11 24.83
CA LEU C 151 -47.17 -7.10 25.75
C LEU C 151 -46.29 -8.36 25.64
N VAL C 152 -45.10 -8.16 25.08
CA VAL C 152 -44.13 -9.23 24.86
C VAL C 152 -42.95 -9.24 25.82
N HIS C 153 -42.63 -8.09 26.44
CA HIS C 153 -41.42 -8.01 27.27
C HIS C 153 -41.59 -7.13 28.52
N VAL C 154 -41.24 -7.70 29.66
CA VAL C 154 -41.30 -6.96 30.93
C VAL C 154 -40.01 -7.11 31.72
N ASP C 155 -39.31 -6.00 31.97
CA ASP C 155 -38.06 -6.07 32.71
C ASP C 155 -38.28 -5.75 34.18
N LEU C 156 -37.96 -6.67 35.08
CA LEU C 156 -38.03 -6.39 36.51
C LEU C 156 -36.67 -6.56 37.22
N SER C 157 -35.62 -6.04 36.60
CA SER C 157 -34.27 -6.25 37.10
C SER C 157 -33.92 -5.34 38.24
N TYR C 158 -33.20 -5.89 39.21
CA TYR C 158 -32.57 -5.09 40.28
C TYR C 158 -33.54 -4.66 41.38
N ASN C 159 -34.75 -5.21 41.39
CA ASN C 159 -35.71 -4.90 42.45
C ASN C 159 -35.38 -5.71 43.71
N TYR C 160 -36.34 -5.89 44.63
CA TYR C 160 -36.05 -6.60 45.89
C TYR C 160 -36.79 -7.96 45.98
N ILE C 161 -37.12 -8.54 44.83
CA ILE C 161 -37.84 -9.82 44.77
C ILE C 161 -37.01 -10.92 45.42
N GLN C 162 -37.61 -11.58 46.41
CA GLN C 162 -37.00 -12.71 47.07
C GLN C 162 -37.69 -14.02 46.73
N THR C 163 -38.93 -13.95 46.22
CA THR C 163 -39.70 -15.14 45.96
C THR C 163 -40.50 -15.13 44.65
N ILE C 164 -40.56 -16.31 44.04
CA ILE C 164 -41.46 -16.56 42.94
C ILE C 164 -42.32 -17.75 43.35
N THR C 165 -43.59 -17.46 43.69
CA THR C 165 -44.56 -18.47 44.15
C THR C 165 -45.51 -18.89 43.03
N VAL C 166 -46.36 -19.85 43.37
CA VAL C 166 -47.47 -20.31 42.50
C VAL C 166 -48.47 -19.20 42.18
N ASN C 167 -48.93 -18.48 43.20
CA ASN C 167 -49.87 -17.38 43.02
C ASN C 167 -49.25 -16.36 42.07
N ASP C 168 -47.97 -16.06 42.28
CA ASP C 168 -47.23 -15.07 41.50
C ASP C 168 -47.38 -15.22 40.01
N LEU C 169 -47.26 -16.47 39.55
CA LEU C 169 -47.19 -16.75 38.12
C LEU C 169 -48.49 -17.26 37.58
N GLN C 170 -49.53 -17.24 38.40
CA GLN C 170 -50.76 -17.89 38.03
C GLN C 170 -51.42 -17.25 36.83
N PHE C 171 -51.17 -15.97 36.58
CA PHE C 171 -51.77 -15.35 35.40
C PHE C 171 -51.45 -16.12 34.12
N LEU C 172 -50.23 -16.60 34.00
CA LEU C 172 -49.77 -17.32 32.78
C LEU C 172 -50.38 -18.70 32.63
N ARG C 173 -50.71 -19.37 33.75
CA ARG C 173 -51.36 -20.70 33.69
C ARG C 173 -52.67 -20.60 32.97
N GLU C 174 -53.39 -19.53 33.27
CA GLU C 174 -54.66 -19.22 32.64
C GLU C 174 -54.49 -18.46 31.32
N ASN C 175 -53.31 -18.55 30.73
CA ASN C 175 -53.01 -17.84 29.52
C ASN C 175 -51.86 -18.50 28.78
N PRO C 176 -52.03 -19.78 28.43
CA PRO C 176 -50.97 -20.50 27.72
C PRO C 176 -50.78 -20.06 26.25
N GLN C 177 -51.64 -19.14 25.77
CA GLN C 177 -51.57 -18.59 24.41
C GLN C 177 -50.80 -17.27 24.34
N VAL C 178 -50.18 -16.86 25.45
CA VAL C 178 -49.47 -15.58 25.55
C VAL C 178 -47.99 -15.75 25.24
N ASN C 179 -47.41 -14.77 24.54
CA ASN C 179 -45.97 -14.70 24.31
C ASN C 179 -45.35 -13.64 25.22
N LEU C 180 -44.92 -14.08 26.41
CA LEU C 180 -44.27 -13.19 27.39
C LEU C 180 -42.78 -13.53 27.64
N SER C 181 -41.95 -12.49 27.78
CA SER C 181 -40.55 -12.64 28.19
C SER C 181 -40.27 -11.84 29.45
N LEU C 182 -39.35 -12.36 30.27
CA LEU C 182 -39.05 -11.77 31.57
C LEU C 182 -37.56 -11.48 31.73
N ASP C 183 -37.23 -10.40 32.44
CA ASP C 183 -35.86 -10.27 32.91
C ASP C 183 -35.91 -10.00 34.39
N MET C 184 -35.12 -10.76 35.13
CA MET C 184 -35.21 -10.76 36.57
C MET C 184 -33.84 -10.90 37.18
N SER C 185 -32.94 -10.09 36.63
CA SER C 185 -31.55 -10.06 37.04
C SER C 185 -31.39 -9.07 38.18
N LEU C 186 -30.51 -9.43 39.11
CA LEU C 186 -30.15 -8.61 40.30
C LEU C 186 -31.24 -8.53 41.37
N ASN C 187 -32.22 -9.43 41.31
CA ASN C 187 -33.12 -9.65 42.43
C ASN C 187 -32.49 -10.72 43.31
N PRO C 188 -32.45 -10.49 44.63
CA PRO C 188 -31.89 -11.51 45.52
C PRO C 188 -32.88 -12.66 45.80
N ILE C 189 -33.21 -13.42 44.76
CA ILE C 189 -34.14 -14.51 44.88
C ILE C 189 -33.46 -15.62 45.64
N ASP C 190 -34.16 -16.15 46.64
CA ASP C 190 -33.69 -17.31 47.41
C ASP C 190 -34.77 -18.38 47.62
N PHE C 191 -35.92 -18.22 47.00
CA PHE C 191 -37.02 -19.17 47.18
C PHE C 191 -38.03 -19.09 46.04
N ILE C 192 -38.14 -20.19 45.31
CA ILE C 192 -39.18 -20.39 44.31
C ILE C 192 -40.07 -21.53 44.80
N GLN C 193 -41.32 -21.21 45.15
CA GLN C 193 -42.21 -22.15 45.86
C GLN C 193 -42.29 -23.47 45.10
N ASP C 194 -42.54 -24.56 45.82
CA ASP C 194 -42.61 -25.87 45.18
C ASP C 194 -43.66 -25.82 44.09
N GLN C 195 -43.32 -26.42 42.95
CA GLN C 195 -44.22 -26.48 41.82
C GLN C 195 -44.76 -25.10 41.43
N ALA C 196 -43.96 -24.05 41.67
CA ALA C 196 -44.36 -22.68 41.37
C ALA C 196 -44.36 -22.46 39.86
N PHE C 197 -43.64 -23.31 39.14
CA PHE C 197 -43.39 -23.16 37.71
C PHE C 197 -44.08 -24.20 36.82
N GLN C 198 -45.04 -24.92 37.38
CA GLN C 198 -45.74 -25.96 36.61
C GLN C 198 -46.80 -25.34 35.71
N GLY C 199 -46.84 -25.81 34.47
CA GLY C 199 -47.81 -25.36 33.50
C GLY C 199 -47.58 -23.95 32.99
N ILE C 200 -46.41 -23.36 33.24
CA ILE C 200 -46.16 -21.99 32.78
C ILE C 200 -45.19 -21.98 31.60
N LYS C 201 -45.46 -21.07 30.65
CA LYS C 201 -44.76 -21.01 29.37
C LYS C 201 -44.15 -19.61 29.18
N LEU C 202 -42.81 -19.55 29.11
CA LEU C 202 -42.08 -18.29 28.91
C LEU C 202 -41.22 -18.33 27.66
N HIS C 203 -40.95 -17.15 27.10
CA HIS C 203 -40.15 -17.05 25.89
C HIS C 203 -38.70 -16.89 26.32
N GLU C 204 -38.28 -15.67 26.57
CA GLU C 204 -36.99 -15.43 27.12
C GLU C 204 -37.20 -15.21 28.61
N LEU C 205 -36.31 -15.78 29.41
CA LEU C 205 -36.28 -15.50 30.84
C LEU C 205 -34.81 -15.35 31.24
N THR C 206 -34.49 -14.23 31.88
CA THR C 206 -33.12 -13.91 32.21
C THR C 206 -33.03 -14.01 33.71
N LEU C 207 -32.06 -14.77 34.20
CA LEU C 207 -31.85 -14.97 35.62
C LEU C 207 -30.37 -14.77 35.89
N ARG C 208 -29.92 -13.54 35.66
CA ARG C 208 -28.52 -13.17 35.86
C ARG C 208 -28.27 -12.41 37.16
N GLY C 209 -27.25 -12.85 37.90
CA GLY C 209 -26.79 -12.18 39.10
C GLY C 209 -27.77 -12.25 40.25
N ASN C 210 -28.42 -13.41 40.40
CA ASN C 210 -29.45 -13.58 41.44
C ASN C 210 -28.99 -14.35 42.67
N PHE C 211 -27.81 -14.94 42.63
CA PHE C 211 -27.49 -15.93 43.64
C PHE C 211 -26.16 -15.69 44.37
N ASN C 212 -26.25 -15.60 45.69
CA ASN C 212 -25.08 -15.46 46.59
C ASN C 212 -24.39 -16.82 46.75
N SER C 213 -25.17 -17.89 46.90
CA SER C 213 -24.63 -19.26 47.08
C SER C 213 -25.09 -20.28 46.02
N SER C 214 -24.24 -21.27 45.83
CA SER C 214 -24.52 -22.40 44.95
C SER C 214 -25.73 -23.16 45.42
N ASN C 215 -25.79 -23.42 46.73
CA ASN C 215 -26.92 -24.14 47.35
C ASN C 215 -28.26 -23.60 46.91
N ILE C 216 -28.46 -22.31 47.15
CA ILE C 216 -29.71 -21.63 46.82
C ILE C 216 -30.02 -21.80 45.34
N MET C 217 -29.02 -21.48 44.52
CA MET C 217 -29.13 -21.57 43.08
C MET C 217 -29.65 -22.94 42.71
N LYS C 218 -29.00 -23.96 43.25
CA LYS C 218 -29.28 -25.32 42.81
C LYS C 218 -30.74 -25.62 43.06
N THR C 219 -31.18 -25.32 44.27
CA THR C 219 -32.58 -25.51 44.65
C THR C 219 -33.47 -24.57 43.86
N CYS C 220 -33.10 -23.30 43.78
CA CYS C 220 -33.87 -22.35 42.96
C CYS C 220 -34.11 -22.85 41.54
N LEU C 221 -33.07 -23.37 40.90
CA LEU C 221 -33.18 -23.94 39.57
C LEU C 221 -34.09 -25.15 39.57
N GLN C 222 -33.93 -26.01 40.57
CA GLN C 222 -34.78 -27.19 40.71
C GLN C 222 -36.25 -26.84 40.59
N ASN C 223 -36.62 -25.71 41.20
CA ASN C 223 -38.00 -25.27 41.29
C ASN C 223 -38.46 -24.47 40.08
N LEU C 224 -37.64 -24.45 39.02
CA LEU C 224 -38.14 -24.08 37.71
C LEU C 224 -38.94 -25.21 37.11
N ALA C 225 -38.79 -26.41 37.67
CA ALA C 225 -39.37 -27.62 37.07
C ALA C 225 -40.80 -27.37 36.58
N GLY C 226 -41.06 -27.73 35.33
CA GLY C 226 -42.39 -27.60 34.73
C GLY C 226 -42.50 -26.43 33.78
N LEU C 227 -41.37 -25.76 33.56
CA LEU C 227 -41.30 -24.55 32.77
C LEU C 227 -40.95 -24.89 31.31
N HIS C 228 -41.64 -24.26 30.36
CA HIS C 228 -41.26 -24.26 28.95
C HIS C 228 -40.66 -22.89 28.67
N VAL C 229 -39.32 -22.78 28.62
CA VAL C 229 -38.66 -21.52 28.15
C VAL C 229 -38.08 -21.73 26.78
N HIS C 230 -38.21 -20.71 25.94
CA HIS C 230 -37.57 -20.73 24.64
C HIS C 230 -36.09 -20.40 24.77
N ARG C 231 -35.76 -19.39 25.57
CA ARG C 231 -34.40 -18.99 25.78
C ARG C 231 -34.19 -18.65 27.24
N LEU C 232 -33.24 -19.33 27.88
CA LEU C 232 -32.94 -19.11 29.28
C LEU C 232 -31.53 -18.57 29.41
N ILE C 233 -31.41 -17.38 29.95
CA ILE C 233 -30.11 -16.77 30.14
C ILE C 233 -29.72 -17.04 31.60
N LEU C 234 -28.43 -17.11 31.87
CA LEU C 234 -27.96 -17.45 33.20
C LEU C 234 -26.54 -16.91 33.41
N GLY C 235 -26.05 -16.97 34.64
CA GLY C 235 -24.73 -16.46 34.97
C GLY C 235 -24.77 -15.14 35.72
N GLU C 236 -23.59 -14.54 35.89
CA GLU C 236 -23.39 -13.43 36.81
C GLU C 236 -22.66 -12.27 36.13
N PHE C 237 -22.31 -11.25 36.90
CA PHE C 237 -21.55 -10.11 36.40
C PHE C 237 -20.27 -9.93 37.17
N LYS C 238 -19.29 -9.29 36.54
CA LYS C 238 -18.00 -9.11 37.21
C LYS C 238 -18.06 -8.13 38.41
N ASP C 239 -19.01 -7.20 38.37
CA ASP C 239 -19.09 -6.09 39.32
C ASP C 239 -20.17 -6.27 40.38
N GLU C 240 -20.61 -7.51 40.60
CA GLU C 240 -21.73 -7.77 41.50
C GLU C 240 -21.46 -9.07 42.25
N ARG C 241 -22.51 -9.57 42.91
CA ARG C 241 -22.57 -10.89 43.58
C ARG C 241 -22.09 -12.09 42.74
N ASN C 242 -21.00 -12.73 43.19
CA ASN C 242 -20.43 -13.91 42.51
C ASN C 242 -20.48 -15.18 43.38
N LEU C 243 -20.67 -16.34 42.75
CA LEU C 243 -20.75 -17.62 43.46
C LEU C 243 -19.36 -18.09 43.88
N GLU C 244 -19.28 -18.76 45.03
CA GLU C 244 -18.04 -19.37 45.50
C GLU C 244 -17.60 -20.39 44.46
N ILE C 245 -18.50 -21.32 44.15
CA ILE C 245 -18.22 -22.32 43.13
C ILE C 245 -19.37 -22.50 42.13
N PHE C 246 -19.04 -23.18 41.04
CA PHE C 246 -20.02 -23.52 40.02
C PHE C 246 -19.70 -24.90 39.52
N GLU C 247 -20.25 -25.90 40.21
CA GLU C 247 -20.16 -27.28 39.78
C GLU C 247 -21.28 -27.49 38.76
N PRO C 248 -21.01 -28.29 37.72
CA PRO C 248 -22.08 -28.70 36.79
C PRO C 248 -23.34 -29.23 37.47
N SER C 249 -23.17 -29.85 38.65
CA SER C 249 -24.27 -30.39 39.46
C SER C 249 -25.33 -29.36 39.86
N ILE C 250 -24.96 -28.08 39.94
CA ILE C 250 -25.94 -27.00 40.15
C ILE C 250 -27.02 -26.95 39.05
N MET C 251 -26.70 -27.48 37.86
CA MET C 251 -27.59 -27.44 36.71
C MET C 251 -28.72 -28.42 36.88
N GLU C 252 -28.53 -29.45 37.72
CA GLU C 252 -29.60 -30.41 37.98
C GLU C 252 -30.83 -29.57 38.28
N GLY C 253 -31.91 -29.86 37.57
CA GLY C 253 -33.14 -29.13 37.74
C GLY C 253 -33.56 -28.70 36.38
N LEU C 254 -32.57 -28.49 35.53
CA LEU C 254 -32.84 -28.12 34.18
C LEU C 254 -33.40 -29.32 33.45
N CYS C 255 -33.04 -30.52 33.87
CA CYS C 255 -33.56 -31.75 33.24
C CYS C 255 -35.08 -31.70 33.25
N ASP C 256 -35.61 -31.19 34.35
CA ASP C 256 -37.04 -31.01 34.48
C ASP C 256 -37.59 -29.77 33.78
N VAL C 257 -36.75 -28.78 33.45
CA VAL C 257 -37.22 -27.70 32.56
C VAL C 257 -37.05 -28.19 31.12
N THR C 258 -37.86 -27.68 30.19
CA THR C 258 -37.57 -27.89 28.77
C THR C 258 -37.13 -26.55 28.23
N ILE C 259 -35.97 -26.56 27.57
CA ILE C 259 -35.28 -25.35 27.08
C ILE C 259 -35.01 -25.43 25.57
N ASP C 260 -35.58 -24.53 24.77
CA ASP C 260 -35.21 -24.46 23.34
C ASP C 260 -33.78 -23.90 23.14
N GLU C 261 -33.50 -22.70 23.64
CA GLU C 261 -32.14 -22.15 23.61
C GLU C 261 -31.61 -21.93 25.03
N PHE C 262 -30.41 -22.40 25.29
CA PHE C 262 -29.78 -22.10 26.55
C PHE C 262 -28.57 -21.25 26.24
N ARG C 263 -28.43 -20.15 26.99
CA ARG C 263 -27.34 -19.22 26.79
C ARG C 263 -26.68 -18.86 28.10
N LEU C 264 -25.44 -19.28 28.26
CA LEU C 264 -24.69 -18.94 29.46
C LEU C 264 -23.86 -17.69 29.22
N THR C 265 -23.67 -16.91 30.28
CA THR C 265 -22.88 -15.69 30.26
C THR C 265 -21.84 -15.71 31.36
N TYR C 266 -21.12 -14.61 31.57
CA TYR C 266 -19.98 -14.63 32.47
C TYR C 266 -20.31 -15.32 33.77
N THR C 267 -19.42 -16.23 34.18
CA THR C 267 -19.52 -16.95 35.43
C THR C 267 -18.15 -16.90 36.07
N ASN C 268 -18.06 -16.43 37.32
CA ASN C 268 -16.77 -16.23 37.98
C ASN C 268 -16.01 -17.53 38.06
N ASP C 269 -16.64 -18.54 38.63
CA ASP C 269 -16.07 -19.87 38.59
C ASP C 269 -16.47 -20.50 37.25
N PHE C 270 -15.63 -21.37 36.72
CA PHE C 270 -16.02 -22.12 35.53
C PHE C 270 -15.21 -23.38 35.38
N SER C 271 -15.88 -24.42 34.88
CA SER C 271 -15.28 -25.69 34.52
C SER C 271 -15.74 -25.91 33.09
N ASP C 272 -14.82 -26.19 32.19
CA ASP C 272 -15.19 -26.38 30.79
C ASP C 272 -16.29 -27.45 30.63
N ASP C 273 -16.36 -28.39 31.57
CA ASP C 273 -17.35 -29.47 31.49
C ASP C 273 -18.77 -29.11 31.95
N ILE C 274 -19.03 -27.86 32.27
CA ILE C 274 -20.40 -27.48 32.67
C ILE C 274 -21.30 -27.29 31.45
N VAL C 275 -20.70 -27.21 30.26
CA VAL C 275 -21.46 -27.13 29.00
C VAL C 275 -21.69 -28.52 28.40
N LYS C 276 -21.05 -29.53 28.97
CA LYS C 276 -21.25 -30.91 28.57
C LYS C 276 -22.22 -31.58 29.55
N PHE C 277 -22.63 -30.84 30.57
CA PHE C 277 -23.52 -31.37 31.59
C PHE C 277 -24.79 -31.93 30.95
N HIS C 278 -25.22 -33.09 31.43
CA HIS C 278 -26.15 -33.95 30.70
C HIS C 278 -27.53 -33.37 30.46
N CYS C 279 -27.98 -32.45 31.31
CA CYS C 279 -29.36 -31.97 31.21
C CYS C 279 -29.49 -30.89 30.12
N LEU C 280 -28.37 -30.59 29.47
CA LEU C 280 -28.27 -29.67 28.33
C LEU C 280 -28.39 -30.36 26.97
N ALA C 281 -28.07 -31.64 26.92
CA ALA C 281 -28.07 -32.45 25.69
C ALA C 281 -29.25 -32.36 24.71
N ASN C 282 -30.44 -31.95 25.17
CA ASN C 282 -31.63 -31.89 24.29
C ASN C 282 -32.08 -30.46 24.15
N VAL C 283 -31.17 -29.63 23.71
CA VAL C 283 -31.43 -28.22 23.52
C VAL C 283 -31.12 -27.95 22.07
N SER C 284 -32.03 -27.27 21.37
CA SER C 284 -31.82 -26.98 19.97
C SER C 284 -30.71 -25.92 19.71
N ALA C 285 -30.40 -25.10 20.70
CA ALA C 285 -29.43 -24.03 20.52
C ALA C 285 -28.65 -23.72 21.79
N MET C 286 -27.33 -23.89 21.75
CA MET C 286 -26.46 -23.65 22.91
C MET C 286 -25.64 -22.41 22.60
N SER C 287 -25.41 -21.56 23.59
CA SER C 287 -24.77 -20.26 23.39
C SER C 287 -23.91 -19.87 24.56
N LEU C 288 -22.61 -19.85 24.37
CA LEU C 288 -21.72 -19.30 25.36
C LEU C 288 -21.42 -17.85 25.03
N ALA C 289 -21.31 -17.00 26.04
CA ALA C 289 -21.03 -15.58 25.81
C ALA C 289 -20.33 -14.92 27.00
N GLY C 290 -19.05 -14.60 26.85
CA GLY C 290 -18.27 -14.03 27.94
C GLY C 290 -17.66 -15.11 28.81
N VAL C 291 -17.81 -16.36 28.39
CA VAL C 291 -17.53 -17.50 29.23
C VAL C 291 -16.06 -17.80 29.20
N SER C 292 -15.48 -18.13 30.36
CA SER C 292 -14.05 -18.44 30.50
C SER C 292 -13.70 -19.84 30.01
N ILE C 293 -14.42 -20.35 29.02
CA ILE C 293 -14.19 -21.73 28.55
C ILE C 293 -12.87 -21.78 27.80
N LYS C 294 -11.98 -22.69 28.20
CA LYS C 294 -10.67 -22.80 27.56
C LYS C 294 -10.61 -23.88 26.46
N TYR C 295 -11.37 -24.97 26.60
CA TYR C 295 -11.49 -25.97 25.54
C TYR C 295 -12.92 -26.48 25.43
N LEU C 296 -13.23 -27.05 24.28
CA LEU C 296 -14.55 -27.54 23.99
C LEU C 296 -14.36 -28.68 23.01
N GLU C 297 -14.50 -29.93 23.45
CA GLU C 297 -14.12 -31.03 22.55
C GLU C 297 -14.85 -32.35 22.71
N ASP C 298 -14.76 -32.99 23.87
CA ASP C 298 -15.35 -34.32 23.96
C ASP C 298 -16.85 -34.17 24.19
N VAL C 299 -17.53 -33.65 23.17
CA VAL C 299 -18.93 -33.32 23.29
C VAL C 299 -19.76 -34.51 22.85
N PRO C 300 -20.50 -35.11 23.80
CA PRO C 300 -21.28 -36.31 23.47
C PRO C 300 -22.01 -36.20 22.13
N LYS C 301 -21.79 -37.22 21.30
CA LYS C 301 -22.26 -37.22 19.92
C LYS C 301 -23.78 -37.34 19.81
N HIS C 302 -24.43 -37.61 20.95
CA HIS C 302 -25.90 -37.71 21.03
C HIS C 302 -26.59 -36.40 21.38
N PHE C 303 -25.83 -35.33 21.60
CA PHE C 303 -26.43 -34.01 21.91
C PHE C 303 -27.17 -33.54 20.69
N LYS C 304 -28.32 -32.92 20.91
CA LYS C 304 -29.22 -32.59 19.83
C LYS C 304 -29.05 -31.13 19.38
N TRP C 305 -27.95 -30.45 19.76
CA TRP C 305 -27.73 -29.02 19.41
C TRP C 305 -27.80 -28.77 17.90
N GLN C 306 -28.80 -28.01 17.46
CA GLN C 306 -28.90 -27.61 16.04
C GLN C 306 -28.03 -26.40 15.70
N SER C 307 -27.70 -25.59 16.72
CA SER C 307 -26.87 -24.41 16.55
C SER C 307 -26.06 -24.11 17.81
N LEU C 308 -24.82 -23.73 17.58
CA LEU C 308 -23.87 -23.46 18.65
C LEU C 308 -23.29 -22.11 18.39
N SER C 309 -23.26 -21.26 19.40
CA SER C 309 -22.60 -19.96 19.30
C SER C 309 -21.61 -19.72 20.47
N ILE C 310 -20.35 -19.40 20.15
CA ILE C 310 -19.35 -19.01 21.15
C ILE C 310 -18.90 -17.59 20.82
N ILE C 311 -18.96 -16.69 21.80
CA ILE C 311 -18.67 -15.26 21.63
C ILE C 311 -17.91 -14.68 22.82
N ARG C 312 -16.82 -13.98 22.55
CA ARG C 312 -15.99 -13.37 23.62
C ARG C 312 -15.59 -14.39 24.68
N CYS C 313 -15.30 -15.62 24.28
CA CYS C 313 -14.81 -16.64 25.20
C CYS C 313 -13.31 -16.71 25.08
N GLN C 314 -12.70 -17.68 25.75
CA GLN C 314 -11.26 -17.71 25.83
C GLN C 314 -10.69 -19.03 25.37
N LEU C 315 -11.22 -19.59 24.30
CA LEU C 315 -10.67 -20.86 23.78
C LEU C 315 -9.17 -20.74 23.52
N LYS C 316 -8.46 -21.78 23.94
CA LYS C 316 -7.03 -21.88 23.72
C LYS C 316 -6.74 -22.67 22.46
N GLN C 317 -7.72 -23.47 22.02
CA GLN C 317 -7.60 -24.39 20.88
C GLN C 317 -8.87 -24.32 20.09
N PHE C 318 -8.79 -24.67 18.82
CA PHE C 318 -9.98 -24.73 18.04
C PHE C 318 -10.78 -25.94 18.51
N PRO C 319 -12.10 -25.77 18.71
CA PRO C 319 -12.93 -26.88 19.15
C PRO C 319 -12.97 -27.96 18.12
N THR C 320 -12.56 -29.14 18.52
CA THR C 320 -12.66 -30.28 17.66
C THR C 320 -14.07 -30.85 17.88
N LEU C 321 -14.90 -30.73 16.85
CA LEU C 321 -16.32 -31.05 16.94
C LEU C 321 -16.76 -32.06 15.92
N ASP C 322 -17.87 -32.71 16.23
CA ASP C 322 -18.44 -33.76 15.38
C ASP C 322 -19.88 -34.03 15.77
N LEU C 323 -20.66 -32.96 15.91
CA LEU C 323 -22.06 -33.07 16.27
C LEU C 323 -22.89 -33.13 14.99
N PRO C 324 -23.68 -34.21 14.85
CA PRO C 324 -24.28 -34.51 13.57
C PRO C 324 -25.54 -33.72 13.26
N PHE C 325 -26.08 -32.99 14.22
CA PHE C 325 -27.25 -32.17 13.95
C PHE C 325 -26.92 -30.69 13.96
N LEU C 326 -25.64 -30.34 14.08
CA LEU C 326 -25.23 -28.94 14.17
C LEU C 326 -25.28 -28.31 12.80
N LYS C 327 -26.25 -27.43 12.63
CA LYS C 327 -26.54 -26.78 11.36
C LYS C 327 -25.92 -25.39 11.27
N SER C 328 -25.35 -24.93 12.38
CA SER C 328 -24.98 -23.54 12.47
C SER C 328 -24.02 -23.26 13.63
N LEU C 329 -22.83 -22.80 13.29
CA LEU C 329 -21.76 -22.58 14.27
C LEU C 329 -21.21 -21.18 14.18
N THR C 330 -21.18 -20.49 15.29
CA THR C 330 -20.52 -19.22 15.35
C THR C 330 -19.48 -19.30 16.44
N LEU C 331 -18.31 -18.79 16.14
CA LEU C 331 -17.25 -18.72 17.13
C LEU C 331 -16.50 -17.42 16.87
N THR C 332 -16.85 -16.39 17.63
CA THR C 332 -16.43 -15.02 17.29
C THR C 332 -15.71 -14.36 18.47
N MET C 333 -14.90 -13.35 18.18
CA MET C 333 -14.28 -12.52 19.22
C MET C 333 -13.48 -13.23 20.32
N ASN C 334 -12.88 -14.36 19.98
CA ASN C 334 -12.22 -15.16 20.98
C ASN C 334 -11.07 -14.39 21.55
N LYS C 335 -10.85 -14.56 22.86
CA LYS C 335 -9.93 -13.70 23.61
C LYS C 335 -8.54 -13.77 23.02
N GLY C 336 -8.05 -14.99 22.84
CA GLY C 336 -6.68 -15.16 22.41
C GLY C 336 -6.46 -15.02 20.91
N SER C 337 -6.07 -16.13 20.30
CA SER C 337 -5.71 -16.18 18.88
C SER C 337 -5.32 -17.61 18.56
N ILE C 338 -6.34 -18.43 18.45
CA ILE C 338 -6.23 -19.79 17.97
C ILE C 338 -5.98 -19.92 16.45
N SER C 339 -5.92 -21.15 15.97
CA SER C 339 -5.75 -21.46 14.60
C SER C 339 -6.72 -22.57 14.26
N PHE C 340 -7.21 -22.59 13.03
CA PHE C 340 -8.20 -23.55 12.59
C PHE C 340 -7.73 -24.99 12.79
N LYS C 341 -8.69 -25.92 12.77
CA LYS C 341 -8.49 -27.36 12.98
C LYS C 341 -9.67 -28.09 12.29
N LYS C 342 -9.37 -29.11 11.48
CA LYS C 342 -10.42 -29.91 10.82
C LYS C 342 -11.55 -30.29 11.77
N VAL C 343 -12.75 -30.25 11.23
CA VAL C 343 -13.97 -30.54 11.95
C VAL C 343 -14.95 -31.30 11.01
N ALA C 344 -15.75 -32.19 11.59
CA ALA C 344 -16.63 -33.06 10.83
C ALA C 344 -18.09 -32.80 11.20
N LEU C 345 -18.73 -31.91 10.47
CA LEU C 345 -20.09 -31.48 10.81
C LEU C 345 -20.99 -31.68 9.63
N PRO C 346 -21.51 -32.89 9.47
CA PRO C 346 -22.25 -33.21 8.23
C PRO C 346 -23.56 -32.43 7.99
N SER C 347 -24.11 -31.79 9.02
CA SER C 347 -25.33 -30.97 8.87
C SER C 347 -25.09 -29.48 8.63
N LEU C 348 -23.83 -29.03 8.58
CA LEU C 348 -23.54 -27.58 8.67
C LEU C 348 -23.95 -26.76 7.45
N SER C 349 -24.71 -25.68 7.67
CA SER C 349 -24.98 -24.67 6.63
C SER C 349 -24.45 -23.25 6.90
N TYR C 350 -24.11 -22.89 8.13
CA TYR C 350 -23.68 -21.52 8.51
C TYR C 350 -22.48 -21.55 9.45
N LEU C 351 -21.40 -20.88 9.01
CA LEU C 351 -20.15 -20.87 9.72
C LEU C 351 -19.65 -19.43 9.80
N ASP C 352 -19.60 -18.90 11.03
CA ASP C 352 -19.00 -17.57 11.31
C ASP C 352 -17.76 -17.78 12.21
N LEU C 353 -16.57 -17.61 11.65
CA LEU C 353 -15.36 -17.69 12.46
C LEU C 353 -14.75 -16.32 12.50
N SER C 354 -15.58 -15.29 12.44
CA SER C 354 -15.05 -13.96 12.28
C SER C 354 -14.48 -13.47 13.58
N ARG C 355 -13.55 -12.52 13.46
CA ARG C 355 -13.16 -11.66 14.56
C ARG C 355 -12.39 -12.36 15.69
N ASN C 356 -11.76 -13.47 15.37
CA ASN C 356 -10.78 -14.07 16.26
C ASN C 356 -9.46 -13.55 15.75
N ALA C 357 -8.41 -14.32 15.83
CA ALA C 357 -7.27 -13.96 15.00
C ALA C 357 -6.88 -15.27 14.40
N LEU C 358 -7.92 -15.85 13.84
CA LEU C 358 -7.94 -17.20 13.36
C LEU C 358 -6.87 -17.22 12.33
N SER C 359 -6.13 -18.31 12.28
CA SER C 359 -5.07 -18.51 11.30
C SER C 359 -5.47 -19.79 10.64
N PHE C 360 -5.45 -19.82 9.33
CA PHE C 360 -6.04 -20.96 8.61
C PHE C 360 -5.10 -21.30 7.47
N SER C 361 -4.38 -22.41 7.60
CA SER C 361 -3.36 -22.75 6.63
C SER C 361 -3.79 -23.94 5.76
N GLY C 362 -4.58 -23.68 4.73
CA GLY C 362 -5.14 -24.73 3.89
C GLY C 362 -6.56 -24.50 3.39
N CYS C 363 -7.01 -23.25 3.31
CA CYS C 363 -8.37 -22.96 2.88
C CYS C 363 -8.54 -23.32 1.44
N CYS C 364 -9.65 -23.94 1.06
CA CYS C 364 -10.59 -24.61 1.94
C CYS C 364 -11.29 -25.60 1.04
N SER C 365 -11.64 -26.75 1.61
CA SER C 365 -12.20 -27.84 0.85
C SER C 365 -13.24 -28.59 1.68
N TYR C 366 -13.81 -29.64 1.12
CA TYR C 366 -14.72 -30.51 1.86
C TYR C 366 -14.04 -31.15 3.08
N SER C 367 -12.81 -31.63 2.93
CA SER C 367 -12.15 -32.30 4.06
C SER C 367 -12.03 -31.40 5.30
N ASP C 368 -12.13 -30.08 5.13
CA ASP C 368 -11.93 -29.17 6.26
C ASP C 368 -13.14 -29.10 7.18
N LEU C 369 -14.31 -29.41 6.68
CA LEU C 369 -15.55 -29.23 7.42
C LEU C 369 -16.53 -30.40 7.27
N GLY C 370 -16.18 -31.39 6.44
CA GLY C 370 -17.02 -32.56 6.22
C GLY C 370 -18.49 -32.24 6.16
N THR C 371 -18.83 -31.31 5.28
CA THR C 371 -20.21 -30.91 5.03
C THR C 371 -20.42 -30.55 3.58
N ASN C 372 -21.55 -30.98 3.04
CA ASN C 372 -21.85 -30.75 1.65
C ASN C 372 -22.70 -29.54 1.45
N SER C 373 -23.48 -29.16 2.46
CA SER C 373 -24.42 -28.05 2.30
C SER C 373 -24.01 -26.76 3.05
N LEU C 374 -22.73 -26.40 2.97
CA LEU C 374 -22.28 -25.11 3.52
C LEU C 374 -22.69 -23.97 2.63
N ARG C 375 -23.43 -23.01 3.18
CA ARG C 375 -24.02 -21.93 2.40
C ARG C 375 -23.54 -20.53 2.81
N HIS C 376 -22.95 -20.42 3.98
CA HIS C 376 -22.51 -19.11 4.48
C HIS C 376 -21.23 -19.31 5.22
N LEU C 377 -20.17 -18.66 4.77
CA LEU C 377 -18.85 -18.82 5.38
C LEU C 377 -18.23 -17.46 5.60
N ASP C 378 -17.86 -17.19 6.85
CA ASP C 378 -17.32 -15.91 7.20
C ASP C 378 -15.97 -16.08 7.94
N LEU C 379 -14.89 -15.63 7.32
CA LEU C 379 -13.58 -15.64 7.97
C LEU C 379 -13.01 -14.23 8.13
N SER C 380 -13.88 -13.24 8.21
CA SER C 380 -13.42 -11.86 8.38
C SER C 380 -12.68 -11.63 9.70
N PHE C 381 -11.96 -10.52 9.74
CA PHE C 381 -11.21 -10.05 10.90
C PHE C 381 -10.42 -11.17 11.57
N ASN C 382 -9.66 -11.87 10.75
CA ASN C 382 -8.82 -12.95 11.19
C ASN C 382 -7.38 -12.68 10.71
N GLY C 383 -6.49 -13.65 10.78
CA GLY C 383 -5.11 -13.41 10.42
C GLY C 383 -4.77 -14.01 9.09
N ALA C 384 -3.71 -14.84 9.06
CA ALA C 384 -3.20 -15.46 7.84
C ALA C 384 -3.97 -16.66 7.40
N ILE C 385 -4.81 -16.44 6.39
CA ILE C 385 -5.56 -17.47 5.71
C ILE C 385 -4.85 -17.81 4.41
N ILE C 386 -4.39 -19.05 4.31
CA ILE C 386 -3.60 -19.54 3.19
C ILE C 386 -4.49 -20.29 2.21
N MET C 387 -4.96 -19.58 1.20
CA MET C 387 -5.68 -20.22 0.12
C MET C 387 -4.76 -21.24 -0.49
N SER C 388 -5.11 -22.52 -0.40
CA SER C 388 -4.36 -23.57 -1.11
C SER C 388 -5.25 -24.56 -1.84
N ALA C 389 -6.56 -24.34 -1.83
CA ALA C 389 -7.50 -25.25 -2.47
C ALA C 389 -8.73 -24.47 -2.91
N ASN C 390 -9.12 -24.63 -4.17
CA ASN C 390 -10.19 -23.80 -4.72
C ASN C 390 -11.62 -24.17 -4.36
N PHE C 391 -11.86 -24.69 -3.16
CA PHE C 391 -13.21 -24.88 -2.67
C PHE C 391 -13.92 -26.11 -3.22
N MET C 392 -13.16 -27.07 -3.74
CA MET C 392 -13.72 -28.37 -4.11
C MET C 392 -14.47 -28.93 -2.92
N GLY C 393 -15.70 -29.36 -3.17
CA GLY C 393 -16.55 -29.90 -2.11
C GLY C 393 -17.58 -28.90 -1.62
N LEU C 394 -17.35 -27.63 -1.92
CA LEU C 394 -18.10 -26.55 -1.30
C LEU C 394 -18.84 -25.68 -2.32
N GLU C 395 -19.15 -26.30 -3.45
CA GLU C 395 -19.88 -25.68 -4.58
C GLU C 395 -21.20 -25.06 -4.17
N GLU C 396 -21.77 -25.47 -3.04
CA GLU C 396 -23.01 -24.87 -2.55
C GLU C 396 -22.84 -23.47 -1.94
N LEU C 397 -21.60 -23.08 -1.63
CA LEU C 397 -21.29 -21.79 -0.98
C LEU C 397 -21.87 -20.68 -1.81
N GLN C 398 -22.63 -19.80 -1.16
CA GLN C 398 -23.14 -18.55 -1.79
C GLN C 398 -22.96 -17.27 -0.96
N HIS C 399 -22.08 -17.29 0.04
CA HIS C 399 -21.68 -16.08 0.81
C HIS C 399 -20.34 -16.33 1.52
N LEU C 400 -19.31 -15.59 1.09
CA LEU C 400 -17.92 -15.80 1.52
C LEU C 400 -17.35 -14.49 1.96
N ASP C 401 -17.01 -14.37 3.24
CA ASP C 401 -16.47 -13.10 3.77
C ASP C 401 -15.08 -13.27 4.35
N PHE C 402 -14.12 -12.60 3.71
CA PHE C 402 -12.70 -12.57 4.05
C PHE C 402 -12.20 -11.17 4.44
N GLN C 403 -13.12 -10.25 4.69
CA GLN C 403 -12.81 -8.83 4.88
C GLN C 403 -11.74 -8.66 5.96
N HIS C 404 -10.82 -7.71 5.81
CA HIS C 404 -9.77 -7.46 6.85
C HIS C 404 -9.00 -8.70 7.31
N SER C 405 -8.76 -9.67 6.44
CA SER C 405 -7.94 -10.80 6.79
C SER C 405 -6.84 -10.96 5.76
N THR C 406 -5.78 -11.69 6.14
CA THR C 406 -4.65 -11.88 5.28
C THR C 406 -4.84 -13.13 4.44
N LEU C 407 -5.17 -12.91 3.17
CA LEU C 407 -5.43 -13.95 2.23
C LEU C 407 -4.15 -14.18 1.47
N LYS C 408 -3.40 -15.18 1.90
CA LYS C 408 -2.20 -15.58 1.19
C LYS C 408 -2.54 -16.45 0.00
N ARG C 409 -1.76 -16.29 -1.05
CA ARG C 409 -1.75 -17.12 -2.27
C ARG C 409 -2.92 -16.95 -3.22
N VAL C 410 -3.75 -15.96 -2.97
CA VAL C 410 -4.97 -15.79 -3.73
C VAL C 410 -4.73 -15.19 -5.12
N THR C 411 -3.48 -14.94 -5.50
CA THR C 411 -3.13 -14.55 -6.89
C THR C 411 -2.24 -15.58 -7.60
N GLU C 412 -1.89 -16.65 -6.93
CA GLU C 412 -1.07 -17.64 -7.54
C GLU C 412 -1.90 -18.59 -8.32
N PHE C 413 -3.22 -18.58 -8.04
CA PHE C 413 -4.18 -19.41 -8.77
C PHE C 413 -5.64 -18.90 -8.67
N SER C 414 -6.58 -19.61 -9.29
CA SER C 414 -7.97 -19.24 -9.21
C SER C 414 -8.51 -19.93 -7.98
N ALA C 415 -8.31 -19.28 -6.85
CA ALA C 415 -8.69 -19.89 -5.58
C ALA C 415 -10.20 -20.03 -5.42
N PHE C 416 -11.00 -19.48 -6.33
CA PHE C 416 -12.45 -19.54 -6.18
C PHE C 416 -13.12 -20.32 -7.30
N LEU C 417 -12.35 -21.18 -7.95
CA LEU C 417 -12.81 -21.84 -9.17
C LEU C 417 -14.11 -22.58 -8.97
N SER C 418 -14.18 -23.40 -7.93
CA SER C 418 -15.32 -24.26 -7.77
C SER C 418 -16.60 -23.63 -7.25
N LEU C 419 -16.71 -22.31 -7.21
CA LEU C 419 -17.82 -21.71 -6.49
C LEU C 419 -18.90 -21.16 -7.43
N GLU C 420 -19.31 -21.99 -8.40
CA GLU C 420 -20.29 -21.63 -9.45
C GLU C 420 -21.62 -21.00 -8.92
N LYS C 421 -22.05 -21.33 -7.70
CA LYS C 421 -23.18 -20.66 -7.05
C LYS C 421 -22.78 -19.51 -6.08
N LEU C 422 -21.58 -18.96 -6.16
CA LEU C 422 -21.26 -17.89 -5.21
C LEU C 422 -21.92 -16.59 -5.63
N LEU C 423 -22.58 -15.96 -4.64
CA LEU C 423 -23.31 -14.72 -4.82
C LEU C 423 -22.78 -13.50 -4.13
N TYR C 424 -22.13 -13.64 -2.98
CA TYR C 424 -21.52 -12.51 -2.27
C TYR C 424 -20.08 -12.86 -1.91
N LEU C 425 -19.16 -11.97 -2.28
CA LEU C 425 -17.72 -12.08 -1.96
C LEU C 425 -17.07 -10.77 -1.45
N ASP C 426 -16.48 -10.83 -0.25
CA ASP C 426 -15.72 -9.70 0.29
C ASP C 426 -14.24 -10.02 0.44
N ILE C 427 -13.38 -9.43 -0.38
CA ILE C 427 -11.96 -9.41 -0.07
C ILE C 427 -11.45 -8.01 0.29
N SER C 428 -12.35 -7.15 0.74
CA SER C 428 -11.91 -5.83 1.12
C SER C 428 -10.81 -5.82 2.19
N TYR C 429 -9.91 -4.87 2.07
CA TYR C 429 -8.85 -4.65 3.09
C TYR C 429 -8.21 -5.96 3.41
N THR C 430 -7.99 -6.80 2.42
CA THR C 430 -7.25 -8.04 2.61
C THR C 430 -5.85 -7.81 2.18
N ASN C 431 -5.54 -6.60 1.76
CA ASN C 431 -4.19 -6.31 1.26
C ASN C 431 -3.77 -7.13 0.05
N THR C 432 -4.67 -7.32 -0.89
CA THR C 432 -4.34 -8.13 -2.04
C THR C 432 -3.96 -7.24 -3.20
N LYS C 433 -2.87 -7.58 -3.86
CA LYS C 433 -2.44 -6.84 -5.03
C LYS C 433 -2.65 -7.66 -6.30
N ILE C 434 -3.65 -7.34 -7.13
CA ILE C 434 -4.05 -8.25 -8.18
C ILE C 434 -2.97 -8.29 -9.27
N ASP C 435 -2.36 -9.46 -9.43
CA ASP C 435 -1.27 -9.76 -10.35
C ASP C 435 -1.80 -10.39 -11.57
N PHE C 436 -3.05 -10.84 -11.47
CA PHE C 436 -3.48 -12.08 -12.09
C PHE C 436 -4.95 -12.06 -12.60
N ASP C 437 -5.13 -11.95 -13.91
CA ASP C 437 -6.49 -11.90 -14.53
C ASP C 437 -7.49 -12.99 -14.08
N GLY C 438 -6.97 -14.18 -13.76
CA GLY C 438 -7.79 -15.30 -13.30
C GLY C 438 -8.09 -15.42 -11.82
N ILE C 439 -7.88 -14.33 -11.08
CA ILE C 439 -8.25 -14.33 -9.69
C ILE C 439 -9.74 -14.75 -9.51
N PHE C 440 -10.68 -14.11 -10.22
CA PHE C 440 -12.15 -14.35 -10.03
C PHE C 440 -12.82 -15.35 -10.99
N LEU C 441 -12.01 -16.27 -11.47
CA LEU C 441 -12.46 -17.24 -12.40
C LEU C 441 -13.43 -18.16 -11.72
N GLY C 442 -14.55 -18.45 -12.39
CA GLY C 442 -15.51 -19.38 -11.85
C GLY C 442 -16.57 -18.79 -10.93
N LEU C 443 -16.57 -17.47 -10.72
CA LEU C 443 -17.58 -16.83 -9.89
C LEU C 443 -18.72 -16.33 -10.80
N THR C 444 -19.30 -17.29 -11.53
CA THR C 444 -20.31 -17.04 -12.55
C THR C 444 -21.68 -16.58 -12.04
N SER C 445 -22.12 -17.03 -10.87
CA SER C 445 -23.36 -16.49 -10.27
C SER C 445 -23.18 -15.15 -9.55
N LEU C 446 -21.94 -14.65 -9.41
CA LEU C 446 -21.62 -13.63 -8.40
C LEU C 446 -22.27 -12.26 -8.64
N ASN C 447 -22.92 -11.72 -7.61
CA ASN C 447 -23.65 -10.45 -7.68
C ASN C 447 -23.01 -9.33 -6.96
N THR C 448 -22.38 -9.66 -5.85
CA THR C 448 -21.80 -8.66 -4.95
C THR C 448 -20.31 -8.91 -4.74
N LEU C 449 -19.50 -7.95 -5.18
CA LEU C 449 -18.06 -8.06 -5.07
C LEU C 449 -17.53 -6.82 -4.44
N LYS C 450 -17.15 -6.97 -3.16
CA LYS C 450 -16.54 -5.93 -2.33
C LYS C 450 -15.06 -6.18 -2.29
N MET C 451 -14.24 -5.27 -2.82
CA MET C 451 -12.76 -5.42 -2.76
C MET C 451 -12.00 -4.11 -2.58
N ALA C 452 -12.46 -3.33 -1.62
CA ALA C 452 -11.91 -2.02 -1.41
C ALA C 452 -10.69 -2.19 -0.57
N GLY C 453 -9.79 -1.23 -0.71
CA GLY C 453 -8.58 -1.22 0.04
C GLY C 453 -7.56 -2.24 -0.38
N ASN C 454 -7.70 -2.81 -1.56
CA ASN C 454 -6.62 -3.59 -2.14
C ASN C 454 -5.92 -2.72 -3.22
N SER C 455 -5.26 -3.31 -4.21
CA SER C 455 -4.49 -2.56 -5.19
C SER C 455 -4.15 -3.45 -6.39
N PHE C 456 -3.48 -2.89 -7.41
CA PHE C 456 -3.23 -3.62 -8.66
C PHE C 456 -1.81 -3.39 -9.25
N LYS C 457 -1.19 -4.47 -9.74
CA LYS C 457 -0.03 -4.29 -10.60
C LYS C 457 -0.13 -3.00 -11.41
N ASP C 458 0.96 -2.29 -11.50
CA ASP C 458 1.04 -0.98 -12.12
C ASP C 458 -0.13 -0.08 -11.83
N ASN C 459 -0.75 -0.22 -10.67
CA ASN C 459 -1.90 0.65 -10.39
C ASN C 459 -2.92 0.76 -11.57
N THR C 460 -3.10 -0.34 -12.30
CA THR C 460 -3.92 -0.33 -13.50
C THR C 460 -5.05 -1.37 -13.40
N LEU C 461 -6.32 -0.94 -13.48
CA LEU C 461 -7.42 -1.88 -13.32
C LEU C 461 -7.45 -2.84 -14.45
N SER C 462 -7.23 -4.12 -14.17
CA SER C 462 -6.96 -5.09 -15.20
C SER C 462 -8.19 -5.94 -15.46
N ASN C 463 -8.05 -6.87 -16.39
CA ASN C 463 -9.14 -7.62 -16.93
C ASN C 463 -9.52 -8.76 -16.02
N VAL C 464 -9.97 -8.45 -14.83
CA VAL C 464 -10.32 -9.49 -13.89
C VAL C 464 -11.77 -9.85 -13.96
N PHE C 465 -12.61 -9.12 -14.68
CA PHE C 465 -14.07 -9.39 -14.59
C PHE C 465 -14.75 -10.13 -15.75
N ALA C 466 -13.95 -10.82 -16.56
CA ALA C 466 -14.47 -11.46 -17.76
C ALA C 466 -15.62 -12.46 -17.52
N ASN C 467 -15.56 -13.23 -16.43
CA ASN C 467 -16.60 -14.19 -16.03
C ASN C 467 -17.58 -13.71 -14.96
N THR C 468 -17.70 -12.44 -14.69
CA THR C 468 -18.49 -12.09 -13.52
C THR C 468 -19.62 -11.25 -14.06
N THR C 469 -20.32 -11.91 -14.95
CA THR C 469 -21.30 -11.30 -15.78
C THR C 469 -22.50 -10.86 -14.98
N ASN C 470 -22.81 -11.61 -13.93
CA ASN C 470 -24.01 -11.34 -13.14
C ASN C 470 -23.74 -10.31 -12.06
N LEU C 471 -22.61 -9.63 -12.14
CA LEU C 471 -22.23 -8.71 -11.09
C LEU C 471 -23.18 -7.54 -11.14
N THR C 472 -23.73 -7.21 -9.97
CA THR C 472 -24.63 -6.08 -9.81
C THR C 472 -24.04 -5.02 -8.91
N PHE C 473 -23.20 -5.44 -7.95
CA PHE C 473 -22.56 -4.52 -6.98
C PHE C 473 -21.05 -4.67 -7.06
N LEU C 474 -20.35 -3.55 -7.24
CA LEU C 474 -18.89 -3.58 -7.32
C LEU C 474 -18.18 -2.40 -6.62
N ASP C 475 -17.47 -2.77 -5.55
CA ASP C 475 -16.64 -1.82 -4.81
C ASP C 475 -15.13 -1.94 -5.10
N LEU C 476 -14.59 -0.87 -5.68
CA LEU C 476 -13.19 -0.73 -6.00
C LEU C 476 -12.59 0.53 -5.41
N SER C 477 -13.29 1.13 -4.44
CA SER C 477 -12.73 2.27 -3.72
C SER C 477 -11.43 1.91 -3.00
N LYS C 478 -10.58 2.90 -2.86
CA LYS C 478 -9.31 2.76 -2.15
C LYS C 478 -8.50 1.61 -2.67
N CYS C 479 -8.34 1.54 -3.98
CA CYS C 479 -7.41 0.61 -4.52
C CYS C 479 -6.35 1.37 -5.29
N GLN C 480 -6.23 2.66 -5.02
CA GLN C 480 -5.04 3.36 -5.48
C GLN C 480 -4.83 3.18 -6.94
N LEU C 481 -5.93 3.21 -7.69
CA LEU C 481 -5.89 3.03 -9.13
C LEU C 481 -5.59 4.34 -9.82
N GLU C 482 -4.87 4.25 -10.92
CA GLU C 482 -4.59 5.42 -11.72
C GLU C 482 -5.27 5.33 -13.06
N GLN C 483 -5.17 4.17 -13.69
CA GLN C 483 -5.75 3.95 -15.02
C GLN C 483 -6.67 2.74 -15.06
N ILE C 484 -7.36 2.56 -16.16
CA ILE C 484 -8.15 1.36 -16.36
C ILE C 484 -7.88 0.82 -17.75
N SER C 485 -7.74 -0.50 -17.87
CA SER C 485 -7.39 -1.11 -19.15
C SER C 485 -8.60 -1.21 -19.97
N TRP C 486 -8.40 -1.56 -21.23
CA TRP C 486 -9.40 -1.36 -22.25
C TRP C 486 -10.63 -2.23 -22.05
N GLY C 487 -10.53 -3.54 -22.01
CA GLY C 487 -11.82 -4.31 -22.18
C GLY C 487 -12.72 -4.43 -20.93
N VAL C 488 -12.38 -3.66 -19.91
CA VAL C 488 -12.53 -4.11 -18.53
C VAL C 488 -13.97 -4.16 -18.06
N PHE C 489 -14.84 -3.33 -18.60
CA PHE C 489 -16.21 -3.34 -18.14
C PHE C 489 -17.17 -3.88 -19.20
N ASP C 490 -16.68 -4.23 -20.39
CA ASP C 490 -17.53 -4.75 -21.48
C ASP C 490 -18.55 -5.83 -21.10
N THR C 491 -18.24 -6.72 -20.16
CA THR C 491 -19.16 -7.78 -19.79
C THR C 491 -20.05 -7.44 -18.58
N LEU C 492 -19.97 -6.23 -18.06
CA LEU C 492 -20.73 -5.93 -16.85
C LEU C 492 -22.08 -5.27 -17.15
N HIS C 493 -22.88 -5.97 -17.91
CA HIS C 493 -24.09 -5.37 -18.41
C HIS C 493 -25.20 -5.34 -17.37
N ARG C 494 -25.08 -6.12 -16.31
CA ARG C 494 -26.05 -6.10 -15.21
C ARG C 494 -25.59 -5.18 -14.06
N LEU C 495 -24.36 -4.74 -14.09
CA LEU C 495 -23.87 -3.96 -12.96
C LEU C 495 -24.72 -2.73 -12.65
N GLN C 496 -25.05 -2.56 -11.37
CA GLN C 496 -25.91 -1.48 -10.87
C GLN C 496 -25.21 -0.43 -10.05
N LEU C 497 -24.26 -0.86 -9.21
CA LEU C 497 -23.45 0.04 -8.34
C LEU C 497 -22.03 -0.13 -8.75
N LEU C 498 -21.35 0.98 -9.04
CA LEU C 498 -19.87 0.95 -9.26
C LEU C 498 -19.12 2.02 -8.43
N ASN C 499 -18.40 1.58 -7.39
CA ASN C 499 -17.67 2.52 -6.48
C ASN C 499 -16.22 2.61 -6.84
N MET C 500 -15.82 3.72 -7.44
CA MET C 500 -14.42 3.97 -7.67
C MET C 500 -13.97 5.21 -6.94
N SER C 501 -14.63 5.55 -5.84
CA SER C 501 -14.19 6.72 -5.11
C SER C 501 -12.94 6.39 -4.31
N HIS C 502 -12.27 7.43 -3.84
CA HIS C 502 -11.02 7.34 -3.10
C HIS C 502 -9.96 6.57 -3.84
N ASN C 503 -9.74 6.96 -5.07
CA ASN C 503 -8.65 6.40 -5.82
C ASN C 503 -7.84 7.53 -6.35
N ASN C 504 -6.84 7.26 -7.16
CA ASN C 504 -6.08 8.32 -7.83
C ASN C 504 -6.27 8.39 -9.31
N LEU C 505 -7.51 8.32 -9.77
CA LEU C 505 -7.74 8.31 -11.22
C LEU C 505 -7.26 9.61 -11.84
N LEU C 506 -6.41 9.53 -12.87
CA LEU C 506 -5.96 10.74 -13.55
C LEU C 506 -6.94 11.12 -14.67
N PHE C 507 -7.53 10.15 -15.33
CA PHE C 507 -8.44 10.45 -16.42
C PHE C 507 -9.43 9.31 -16.68
N LEU C 508 -10.61 9.66 -17.18
CA LEU C 508 -11.57 8.60 -17.55
C LEU C 508 -11.53 8.44 -19.05
N ASP C 509 -11.85 7.25 -19.55
CA ASP C 509 -12.11 7.07 -20.96
C ASP C 509 -13.61 6.77 -21.20
N SER C 510 -14.18 7.29 -22.28
CA SER C 510 -15.62 7.07 -22.56
C SER C 510 -15.98 5.65 -22.94
N SER C 511 -14.98 4.85 -23.31
CA SER C 511 -15.18 3.48 -23.73
C SER C 511 -15.53 2.55 -22.57
N HIS C 512 -15.11 2.88 -21.35
CA HIS C 512 -15.33 1.96 -20.23
C HIS C 512 -16.77 1.98 -19.74
N TYR C 513 -17.48 3.08 -19.95
CA TYR C 513 -18.79 3.25 -19.36
C TYR C 513 -19.89 2.90 -20.31
N ASN C 514 -19.66 3.22 -21.57
CA ASN C 514 -20.36 2.59 -22.68
C ASN C 514 -20.42 1.04 -22.45
N GLN C 515 -21.64 0.47 -22.49
CA GLN C 515 -21.97 -0.92 -22.12
C GLN C 515 -22.36 -1.14 -20.61
N LEU C 516 -22.27 -0.12 -19.73
CA LEU C 516 -22.75 -0.33 -18.33
C LEU C 516 -24.23 -0.04 -18.28
N TYR C 517 -24.97 -0.66 -19.20
CA TYR C 517 -26.32 -0.23 -19.57
C TYR C 517 -27.31 -0.34 -18.38
N SER C 518 -27.08 -1.37 -17.59
CA SER C 518 -27.85 -1.63 -16.40
C SER C 518 -27.59 -0.72 -15.20
N LEU C 519 -26.71 0.28 -15.31
CA LEU C 519 -26.07 0.93 -14.13
C LEU C 519 -26.82 2.10 -13.51
N LYS C 520 -26.94 2.11 -12.20
CA LYS C 520 -27.72 3.13 -11.48
C LYS C 520 -26.87 4.12 -10.67
N GLU C 521 -25.96 3.61 -9.81
CA GLU C 521 -25.10 4.47 -8.94
C GLU C 521 -23.64 4.37 -9.29
N LEU C 522 -23.03 5.50 -9.67
CA LEU C 522 -21.60 5.59 -10.04
C LEU C 522 -20.86 6.59 -9.15
N ALA C 523 -19.93 6.09 -8.33
CA ALA C 523 -19.08 6.95 -7.47
C ALA C 523 -17.70 7.22 -8.06
N LEU C 524 -17.39 8.49 -8.31
CA LEU C 524 -16.06 8.93 -8.77
C LEU C 524 -15.46 10.03 -7.90
N ASP C 525 -15.94 10.13 -6.66
CA ASP C 525 -15.52 11.18 -5.75
C ASP C 525 -14.12 10.92 -5.20
N THR C 526 -13.49 12.01 -4.80
CA THR C 526 -12.14 12.07 -4.24
C THR C 526 -11.16 11.26 -5.09
N ASN C 527 -10.87 11.82 -6.25
CA ASN C 527 -9.89 11.30 -7.14
C ASN C 527 -9.09 12.50 -7.60
N GLN C 528 -8.27 12.36 -8.64
CA GLN C 528 -7.52 13.47 -9.19
C GLN C 528 -7.98 13.74 -10.60
N LEU C 529 -9.28 13.72 -10.83
CA LEU C 529 -9.78 14.00 -12.17
C LEU C 529 -9.85 15.49 -12.45
N LYS C 530 -9.11 15.91 -13.49
CA LYS C 530 -9.14 17.29 -13.94
C LYS C 530 -10.34 17.55 -14.86
N SER C 531 -10.78 16.56 -15.61
CA SER C 531 -11.75 16.80 -16.67
C SER C 531 -12.37 15.50 -17.14
N VAL C 532 -13.16 15.58 -18.21
CA VAL C 532 -13.87 14.41 -18.72
C VAL C 532 -14.15 14.49 -20.21
N PRO C 533 -13.99 13.37 -20.92
CA PRO C 533 -14.45 13.37 -22.32
C PRO C 533 -15.93 13.73 -22.42
N ASP C 534 -16.27 14.54 -23.42
CA ASP C 534 -17.68 14.94 -23.62
C ASP C 534 -18.48 13.68 -23.92
N GLY C 535 -19.73 13.68 -23.51
CA GLY C 535 -20.61 12.52 -23.72
C GLY C 535 -20.17 11.21 -23.08
N ILE C 536 -19.48 11.30 -21.94
CA ILE C 536 -19.09 10.10 -21.20
C ILE C 536 -20.25 9.56 -20.40
N PHE C 537 -21.15 10.41 -19.90
CA PHE C 537 -22.30 9.90 -19.16
C PHE C 537 -23.53 9.77 -20.05
N ASP C 538 -23.30 9.86 -21.36
CA ASP C 538 -24.39 9.93 -22.30
C ASP C 538 -25.10 8.60 -22.43
N ARG C 539 -24.37 7.51 -22.25
CA ARG C 539 -24.99 6.18 -22.36
C ARG C 539 -25.37 5.60 -21.02
N LEU C 540 -25.30 6.38 -19.95
CA LEU C 540 -25.77 5.90 -18.67
C LEU C 540 -27.20 6.35 -18.42
N THR C 541 -28.04 6.01 -19.38
CA THR C 541 -29.40 5.59 -19.16
C THR C 541 -29.38 4.86 -17.87
N SER C 542 -30.52 4.74 -17.21
CA SER C 542 -30.53 3.99 -15.90
C SER C 542 -29.89 4.71 -14.70
N LEU C 543 -28.89 5.56 -14.90
CA LEU C 543 -28.22 6.24 -13.80
C LEU C 543 -29.13 7.07 -12.89
N GLN C 544 -29.19 6.75 -11.61
CA GLN C 544 -30.00 7.50 -10.64
C GLN C 544 -29.21 8.46 -9.71
N LYS C 545 -28.02 8.02 -9.29
CA LYS C 545 -27.09 8.85 -8.52
C LYS C 545 -25.67 8.75 -9.08
N ILE C 546 -24.94 9.85 -9.03
CA ILE C 546 -23.53 9.84 -9.38
C ILE C 546 -22.79 10.69 -8.36
N TRP C 547 -21.54 10.37 -8.02
CA TRP C 547 -20.70 11.27 -7.19
C TRP C 547 -19.48 11.76 -7.96
N LEU C 548 -19.30 13.07 -7.97
CA LEU C 548 -18.17 13.65 -8.68
C LEU C 548 -17.30 14.57 -7.80
N HIS C 549 -17.68 14.72 -6.53
CA HIS C 549 -17.07 15.72 -5.67
C HIS C 549 -15.69 15.36 -5.17
N THR C 550 -14.96 16.38 -4.74
CA THR C 550 -13.57 16.30 -4.36
C THR C 550 -12.67 15.89 -5.51
N ASN C 551 -12.82 16.56 -6.65
CA ASN C 551 -11.84 16.50 -7.75
C ASN C 551 -11.43 17.91 -8.22
N PRO C 552 -10.14 18.10 -8.54
CA PRO C 552 -9.68 19.39 -9.03
C PRO C 552 -10.18 19.66 -10.45
N TRP C 553 -11.46 19.93 -10.57
CA TRP C 553 -12.03 20.21 -11.88
C TRP C 553 -11.46 21.51 -12.44
N ASP C 554 -11.05 21.46 -13.71
CA ASP C 554 -10.55 22.61 -14.43
C ASP C 554 -11.77 23.23 -15.13
N CYS C 555 -12.14 24.41 -14.66
CA CYS C 555 -13.31 25.09 -15.17
C CYS C 555 -12.99 26.12 -16.24
N SER C 556 -11.96 25.87 -17.05
CA SER C 556 -11.75 26.68 -18.24
C SER C 556 -12.72 26.28 -19.37
N CYS C 557 -13.66 27.18 -19.70
CA CYS C 557 -14.45 27.03 -20.93
C CYS C 557 -13.50 27.22 -22.12
N PRO C 558 -13.67 26.43 -23.19
CA PRO C 558 -14.76 25.53 -23.54
C PRO C 558 -14.60 24.08 -23.02
N ARG C 559 -13.49 23.82 -22.32
CA ARG C 559 -13.07 22.46 -21.97
C ARG C 559 -13.92 21.85 -20.87
N ILE C 560 -14.66 22.70 -20.17
CA ILE C 560 -15.59 22.28 -19.14
C ILE C 560 -17.04 22.38 -19.65
N ASP C 561 -17.27 22.30 -20.96
CA ASP C 561 -18.61 22.59 -21.49
C ASP C 561 -19.61 21.49 -21.14
N TYR C 562 -19.37 20.29 -21.66
CA TYR C 562 -20.25 19.13 -21.45
C TYR C 562 -20.65 18.96 -19.99
N LEU C 563 -19.62 18.87 -19.14
CA LEU C 563 -19.81 18.55 -17.74
C LEU C 563 -20.62 19.60 -17.01
N SER C 564 -20.51 20.85 -17.45
CA SER C 564 -21.32 21.95 -16.89
C SER C 564 -22.80 21.71 -17.15
N ARG C 565 -23.18 21.74 -18.43
CA ARG C 565 -24.57 21.63 -18.84
C ARG C 565 -25.14 20.34 -18.30
N TRP C 566 -24.32 19.29 -18.31
CA TRP C 566 -24.74 17.96 -17.86
C TRP C 566 -25.18 17.94 -16.40
N LEU C 567 -24.43 18.60 -15.53
CA LEU C 567 -24.77 18.53 -14.10
C LEU C 567 -25.99 19.38 -13.77
N ASN C 568 -26.16 20.46 -14.53
CA ASN C 568 -27.31 21.32 -14.39
C ASN C 568 -28.56 20.50 -14.76
N LYS C 569 -28.52 19.93 -15.97
CA LYS C 569 -29.57 19.02 -16.50
C LYS C 569 -29.90 17.90 -15.53
N ASN C 570 -28.84 17.22 -15.07
CA ASN C 570 -28.93 16.05 -14.20
C ASN C 570 -28.74 16.40 -12.71
N SER C 571 -29.21 17.60 -12.36
CA SER C 571 -29.09 18.19 -11.02
C SER C 571 -29.47 17.29 -9.84
N GLN C 572 -30.54 16.52 -9.97
CA GLN C 572 -31.03 15.71 -8.86
C GLN C 572 -30.31 14.38 -8.71
N LYS C 573 -29.37 14.12 -9.61
CA LYS C 573 -28.62 12.87 -9.59
C LYS C 573 -27.29 13.06 -8.89
N GLU C 574 -26.59 14.15 -9.22
CA GLU C 574 -25.34 14.51 -8.53
C GLU C 574 -25.60 14.41 -7.04
N GLN C 575 -24.73 13.70 -6.33
CA GLN C 575 -24.75 13.63 -4.86
C GLN C 575 -23.57 14.42 -4.38
N GLY C 576 -23.84 15.44 -3.58
CA GLY C 576 -22.80 16.34 -3.12
C GLY C 576 -22.31 17.17 -4.28
N SER C 577 -21.60 18.25 -3.97
CA SER C 577 -21.30 19.26 -4.98
C SER C 577 -19.89 19.13 -5.56
N ALA C 578 -19.80 19.10 -6.87
CA ALA C 578 -18.53 19.12 -7.58
C ALA C 578 -18.13 20.57 -7.85
N LYS C 579 -17.02 21.00 -7.25
CA LYS C 579 -16.60 22.41 -7.30
C LYS C 579 -15.37 22.61 -8.18
N CYS C 580 -15.14 23.83 -8.66
CA CYS C 580 -14.01 24.08 -9.55
C CYS C 580 -12.75 24.34 -8.73
N SER C 581 -11.61 23.89 -9.24
CA SER C 581 -10.34 24.40 -8.71
C SER C 581 -10.23 25.80 -9.29
N GLY C 582 -9.60 26.71 -8.56
CA GLY C 582 -9.49 28.10 -9.00
C GLY C 582 -10.63 29.03 -8.56
N SER C 583 -11.72 28.46 -8.04
CA SER C 583 -12.81 29.28 -7.48
C SER C 583 -13.55 28.64 -6.28
N GLY C 584 -14.16 27.48 -6.48
CA GLY C 584 -15.00 26.85 -5.45
C GLY C 584 -16.48 26.86 -5.80
N LYS C 585 -16.78 27.35 -7.00
CA LYS C 585 -18.15 27.35 -7.49
C LYS C 585 -18.53 25.94 -7.91
N PRO C 586 -19.76 25.53 -7.59
CA PRO C 586 -20.30 24.29 -8.15
C PRO C 586 -20.19 24.31 -9.66
N VAL C 587 -19.86 23.17 -10.26
CA VAL C 587 -19.64 23.12 -11.70
C VAL C 587 -20.97 23.23 -12.46
N ARG C 588 -22.07 23.04 -11.75
CA ARG C 588 -23.39 23.13 -12.35
C ARG C 588 -23.79 24.58 -12.68
N SER C 589 -23.10 25.55 -12.08
CA SER C 589 -23.35 26.98 -12.33
C SER C 589 -22.50 27.59 -13.45
N ILE C 590 -21.36 26.98 -13.77
CA ILE C 590 -20.48 27.49 -14.83
C ILE C 590 -21.15 27.48 -16.21
N ILE C 591 -20.88 28.51 -17.00
CA ILE C 591 -21.49 28.71 -18.32
C ILE C 591 -20.41 29.05 -19.35
N CYS C 592 -20.62 28.61 -20.59
CA CYS C 592 -19.68 28.84 -21.67
C CYS C 592 -20.10 30.05 -22.51
N PRO C 593 -19.38 30.32 -23.61
CA PRO C 593 -19.86 31.30 -24.59
C PRO C 593 -20.82 30.67 -25.61
N GLN D 4 -8.73 17.62 42.35
CA GLN D 4 -7.71 16.56 42.63
C GLN D 4 -8.11 15.61 43.77
N TRP D 5 -8.67 14.45 43.41
CA TRP D 5 -9.03 13.39 44.37
C TRP D 5 -7.95 12.28 44.37
N PHE D 6 -7.06 12.30 45.36
CA PHE D 6 -5.76 11.58 45.30
C PHE D 6 -5.62 10.34 46.19
N CYS D 7 -4.45 9.70 46.13
CA CYS D 7 -3.98 8.77 47.17
C CYS D 7 -2.48 8.46 47.06
N ASN D 8 -1.86 8.03 48.16
CA ASN D 8 -0.43 7.69 48.14
C ASN D 8 -0.24 6.18 48.24
N SER D 9 0.24 5.58 47.15
CA SER D 9 0.59 4.16 47.15
C SER D 9 1.99 3.95 47.72
N SER D 10 2.35 2.69 47.99
CA SER D 10 3.71 2.36 48.42
C SER D 10 4.77 2.82 47.41
N ASP D 11 4.48 2.70 46.11
CA ASP D 11 5.43 3.08 45.05
C ASP D 11 4.88 4.05 43.97
N ALA D 12 3.81 4.79 44.27
CA ALA D 12 3.21 5.72 43.29
C ALA D 12 2.24 6.72 43.94
N ILE D 13 2.04 7.87 43.29
CA ILE D 13 1.02 8.84 43.74
C ILE D 13 0.08 9.24 42.60
N ILE D 14 -1.18 8.84 42.74
CA ILE D 14 -2.19 9.00 41.70
C ILE D 14 -3.13 10.16 42.07
N SER D 15 -3.80 10.68 41.06
CA SER D 15 -4.89 11.63 41.28
C SER D 15 -5.74 11.68 40.02
N TYR D 16 -6.74 12.54 40.00
CA TYR D 16 -7.50 12.75 38.77
C TYR D 16 -8.34 14.00 38.84
N SER D 17 -8.61 14.56 37.66
CA SER D 17 -9.53 15.66 37.53
C SER D 17 -10.35 15.49 36.25
N TYR D 18 -11.39 16.30 36.10
CA TYR D 18 -12.20 16.30 34.88
C TYR D 18 -11.38 16.96 33.79
N CYS D 19 -11.90 16.99 32.57
CA CYS D 19 -11.13 17.44 31.42
C CYS D 19 -11.39 18.91 31.14
N ASP D 20 -10.61 19.48 30.22
CA ASP D 20 -10.65 20.90 29.90
C ASP D 20 -12.06 21.38 29.58
N HIS D 21 -12.68 20.79 28.56
CA HIS D 21 -14.02 21.19 28.15
C HIS D 21 -15.04 20.05 28.29
N LEU D 22 -14.85 19.22 29.31
CA LEU D 22 -15.88 18.26 29.72
C LEU D 22 -15.79 17.97 31.22
N LYS D 23 -16.78 18.49 31.95
CA LYS D 23 -16.81 18.38 33.40
C LYS D 23 -18.21 17.95 33.84
N PHE D 24 -18.61 16.72 33.48
CA PHE D 24 -19.83 16.11 34.01
C PHE D 24 -19.44 15.18 35.16
N PRO D 25 -20.33 15.04 36.17
CA PRO D 25 -19.88 14.56 37.49
C PRO D 25 -19.65 13.04 37.58
N ILE D 26 -18.68 12.64 38.40
CA ILE D 26 -18.43 11.24 38.74
C ILE D 26 -17.67 11.12 40.07
N SER D 27 -18.13 10.21 40.92
CA SER D 27 -17.38 9.82 42.12
C SER D 27 -16.60 8.53 41.86
N ILE D 28 -15.29 8.66 41.65
CA ILE D 28 -14.42 7.50 41.39
C ILE D 28 -13.50 7.26 42.60
N SER D 29 -13.07 6.01 42.78
CA SER D 29 -12.27 5.62 43.94
C SER D 29 -11.68 4.22 43.75
N SER D 30 -10.64 3.88 44.53
CA SER D 30 -10.05 2.53 44.46
C SER D 30 -9.84 1.89 45.84
N GLU D 31 -9.71 0.57 45.88
CA GLU D 31 -9.48 -0.19 47.11
C GLU D 31 -8.56 -1.40 46.85
N PRO D 32 -7.25 -1.31 47.21
CA PRO D 32 -6.53 -0.16 47.77
C PRO D 32 -6.05 0.80 46.68
N CYS D 33 -5.28 1.82 47.06
CA CYS D 33 -4.69 2.77 46.11
C CYS D 33 -3.65 2.07 45.25
N ILE D 34 -3.63 2.38 43.95
CA ILE D 34 -2.93 1.54 42.97
C ILE D 34 -1.43 1.78 42.95
N ARG D 35 -0.68 0.67 42.87
CA ARG D 35 0.77 0.65 42.74
C ARG D 35 1.15 0.58 41.25
N LEU D 36 2.30 1.15 40.91
CA LEU D 36 2.83 1.02 39.55
C LEU D 36 3.40 -0.37 39.32
N ARG D 37 3.72 -1.08 40.41
CA ARG D 37 4.09 -2.50 40.34
C ARG D 37 2.96 -3.39 40.87
N GLY D 38 1.77 -3.22 40.28
CA GLY D 38 0.67 -4.16 40.43
C GLY D 38 -0.31 -3.93 41.58
N THR D 39 -1.61 -3.91 41.26
CA THR D 39 -2.67 -3.87 42.27
C THR D 39 -3.92 -4.64 41.81
N ASN D 40 -4.35 -5.56 42.67
CA ASN D 40 -5.65 -6.20 42.57
C ASN D 40 -6.57 -5.49 43.55
N GLY D 41 -7.81 -5.25 43.13
CA GLY D 41 -8.74 -4.46 43.93
C GLY D 41 -10.01 -4.07 43.21
N PHE D 42 -10.59 -2.95 43.65
CA PHE D 42 -11.94 -2.56 43.26
C PHE D 42 -11.97 -1.07 42.85
N VAL D 43 -12.79 -0.74 41.84
CA VAL D 43 -12.93 0.63 41.37
C VAL D 43 -14.34 1.14 41.60
N HIS D 44 -14.54 1.88 42.69
CA HIS D 44 -15.88 2.33 43.06
C HIS D 44 -16.31 3.51 42.20
N VAL D 45 -17.51 3.45 41.67
CA VAL D 45 -17.96 4.46 40.72
C VAL D 45 -19.41 4.76 40.97
N GLU D 46 -19.71 6.03 41.21
CA GLU D 46 -21.08 6.44 41.50
C GLU D 46 -21.45 7.61 40.63
N PHE D 47 -22.39 7.44 39.71
CA PHE D 47 -22.76 8.55 38.85
C PHE D 47 -24.04 8.33 38.08
N ILE D 48 -24.42 9.36 37.32
CA ILE D 48 -25.72 9.45 36.69
C ILE D 48 -25.51 9.78 35.20
N PRO D 49 -25.45 8.75 34.34
CA PRO D 49 -24.99 8.92 32.95
C PRO D 49 -25.91 9.70 32.01
N ARG D 50 -25.28 10.48 31.13
CA ARG D 50 -25.98 11.35 30.19
C ARG D 50 -26.52 10.60 28.97
N GLY D 51 -26.70 9.29 29.09
CA GLY D 51 -26.97 8.43 27.93
C GLY D 51 -26.80 6.95 28.24
N ASN D 52 -27.26 6.12 27.31
CA ASN D 52 -27.33 4.67 27.55
C ASN D 52 -25.97 4.00 27.56
N LEU D 53 -25.75 3.15 28.56
CA LEU D 53 -24.47 2.45 28.74
C LEU D 53 -24.34 1.18 27.88
N LYS D 54 -25.43 0.77 27.25
CA LYS D 54 -25.36 -0.17 26.14
C LYS D 54 -24.39 0.42 25.09
N TYR D 55 -23.38 -0.34 24.70
CA TYR D 55 -22.34 0.16 23.76
C TYR D 55 -21.42 1.23 24.37
N LEU D 56 -21.18 1.16 25.67
CA LEU D 56 -20.18 2.03 26.31
C LEU D 56 -18.74 1.64 25.97
N TYR D 57 -17.91 2.63 25.61
CA TYR D 57 -16.46 2.40 25.47
C TYR D 57 -15.60 3.57 25.94
N PHE D 58 -14.28 3.38 25.91
CA PHE D 58 -13.32 4.42 26.28
C PHE D 58 -12.33 4.75 25.18
N ASN D 59 -12.18 6.04 24.90
CA ASN D 59 -10.97 6.54 24.28
C ASN D 59 -9.97 6.83 25.37
N LEU D 60 -8.80 6.21 25.26
CA LEU D 60 -7.72 6.32 26.24
C LEU D 60 -6.48 7.00 25.66
N PHE D 61 -6.41 8.32 25.81
CA PHE D 61 -5.23 9.09 25.40
C PHE D 61 -4.19 9.15 26.54
N ILE D 62 -3.09 8.42 26.38
CA ILE D 62 -2.04 8.33 27.39
C ILE D 62 -0.78 9.16 27.07
N SER D 63 -0.09 9.63 28.12
CA SER D 63 1.23 10.26 27.99
C SER D 63 2.24 9.56 28.91
N VAL D 64 3.49 9.50 28.46
CA VAL D 64 4.54 8.92 29.25
C VAL D 64 5.63 9.95 29.25
N ASN D 65 5.73 10.68 30.36
CA ASN D 65 6.61 11.82 30.46
C ASN D 65 6.28 12.86 29.40
N SER D 66 4.98 13.12 29.24
CA SER D 66 4.47 14.07 28.24
C SER D 66 4.56 13.55 26.79
N ILE D 67 5.55 12.71 26.49
CA ILE D 67 5.56 11.94 25.24
C ILE D 67 4.23 11.17 25.21
N GLU D 68 3.27 11.69 24.46
CA GLU D 68 1.95 11.08 24.42
C GLU D 68 1.83 10.01 23.34
N LEU D 69 1.17 8.89 23.72
CA LEU D 69 0.98 7.73 22.85
C LEU D 69 -0.27 7.86 21.94
N PRO D 70 -0.40 7.01 20.93
CA PRO D 70 -1.61 7.05 20.13
C PRO D 70 -2.86 6.60 20.91
N LYS D 71 -3.99 7.20 20.54
CA LYS D 71 -5.31 6.80 21.03
C LYS D 71 -5.51 5.29 21.02
N ARG D 72 -6.07 4.77 22.12
CA ARG D 72 -6.43 3.36 22.19
C ARG D 72 -7.89 3.22 22.62
N LYS D 73 -8.62 2.32 21.97
CA LYS D 73 -10.04 2.16 22.21
C LYS D 73 -10.28 0.97 23.16
N GLU D 74 -11.11 1.16 24.19
CA GLU D 74 -11.47 0.06 25.11
C GLU D 74 -12.96 -0.13 25.17
N VAL D 75 -13.45 -1.27 24.65
CA VAL D 75 -14.86 -1.54 24.71
C VAL D 75 -15.12 -2.26 26.03
N LEU D 76 -16.19 -1.87 26.72
CA LEU D 76 -16.61 -2.50 27.99
C LEU D 76 -17.95 -3.15 27.81
N CYS D 77 -18.76 -2.51 26.99
CA CYS D 77 -20.05 -3.02 26.68
C CYS D 77 -20.22 -3.12 25.15
N HIS D 78 -20.53 -4.32 24.67
CA HIS D 78 -20.85 -4.52 23.28
C HIS D 78 -22.36 -4.61 23.03
N GLY D 79 -23.22 -4.22 23.96
CA GLY D 79 -24.67 -4.25 23.72
C GLY D 79 -25.26 -5.61 23.32
N HIS D 80 -24.74 -6.66 23.92
CA HIS D 80 -25.29 -7.99 23.80
C HIS D 80 -25.19 -8.51 25.24
N ASP D 81 -24.63 -9.68 25.51
CA ASP D 81 -24.74 -10.22 26.86
C ASP D 81 -23.48 -9.87 27.66
N ASP D 82 -23.44 -8.61 28.07
CA ASP D 82 -22.24 -7.99 28.58
C ASP D 82 -21.93 -8.42 29.99
N ASP D 83 -20.72 -8.10 30.43
CA ASP D 83 -20.15 -8.68 31.62
C ASP D 83 -20.37 -7.83 32.85
N TYR D 84 -20.84 -6.61 32.64
CA TYR D 84 -20.97 -5.62 33.70
C TYR D 84 -22.40 -5.18 33.86
N SER D 85 -22.90 -5.20 35.09
CA SER D 85 -24.25 -4.77 35.39
C SER D 85 -24.54 -3.38 34.82
N PHE D 86 -23.52 -2.52 34.78
CA PHE D 86 -23.76 -1.18 34.32
C PHE D 86 -24.08 -1.05 32.83
N CYS D 87 -23.97 -2.13 32.05
CA CYS D 87 -24.28 -2.01 30.61
C CYS D 87 -25.76 -1.89 30.30
N ARG D 88 -26.62 -2.37 31.19
CA ARG D 88 -28.06 -2.27 30.95
C ARG D 88 -28.64 -0.95 31.43
N ALA D 89 -27.81 -0.16 32.13
CA ALA D 89 -28.26 1.07 32.75
C ALA D 89 -28.56 2.11 31.68
N LEU D 90 -29.68 2.82 31.87
CA LEU D 90 -30.12 3.81 30.89
C LEU D 90 -29.82 5.20 31.38
N LYS D 91 -29.99 6.17 30.47
CA LYS D 91 -29.83 7.58 30.79
C LYS D 91 -30.58 7.99 32.06
N GLY D 92 -29.98 8.88 32.85
CA GLY D 92 -30.65 9.44 34.02
C GLY D 92 -30.88 8.46 35.17
N GLU D 93 -29.99 7.49 35.29
CA GLU D 93 -30.14 6.44 36.30
C GLU D 93 -28.95 6.40 37.25
N THR D 94 -29.22 6.19 38.53
CA THR D 94 -28.15 6.04 39.51
C THR D 94 -27.35 4.75 39.23
N VAL D 95 -26.04 4.90 39.17
CA VAL D 95 -25.12 3.80 39.01
C VAL D 95 -24.18 3.93 40.18
N ASN D 96 -23.95 2.84 40.91
CA ASN D 96 -23.12 2.88 42.12
C ASN D 96 -22.18 1.68 42.21
N THR D 97 -21.93 1.03 41.08
CA THR D 97 -21.22 -0.24 41.10
C THR D 97 -19.73 -0.09 41.41
N SER D 98 -19.14 -1.17 41.91
CA SER D 98 -17.70 -1.25 42.18
C SER D 98 -17.11 -2.37 41.31
N ILE D 99 -16.14 -2.02 40.47
CA ILE D 99 -15.63 -2.91 39.45
C ILE D 99 -14.26 -3.44 39.81
N PRO D 100 -14.10 -4.78 39.92
CA PRO D 100 -12.77 -5.33 40.23
C PRO D 100 -11.81 -5.21 39.05
N PHE D 101 -10.52 -5.26 39.33
CA PHE D 101 -9.52 -4.99 38.32
C PHE D 101 -8.15 -5.50 38.72
N SER D 102 -7.45 -6.11 37.76
CA SER D 102 -6.03 -6.36 37.89
C SER D 102 -5.32 -5.19 37.25
N PHE D 103 -4.10 -4.93 37.71
CA PHE D 103 -3.18 -4.03 37.03
C PHE D 103 -1.83 -4.75 36.95
N GLU D 104 -1.33 -4.91 35.72
CA GLU D 104 -0.16 -5.75 35.43
C GLU D 104 1.07 -5.28 36.21
N GLY D 105 1.49 -4.03 35.96
CA GLY D 105 2.63 -3.41 36.65
C GLY D 105 3.89 -3.30 35.80
N ILE D 106 4.64 -2.22 35.99
CA ILE D 106 5.76 -1.89 35.12
C ILE D 106 7.12 -2.16 35.81
N LEU D 107 8.09 -2.62 35.02
CA LEU D 107 9.47 -2.70 35.45
C LEU D 107 10.09 -1.30 35.30
N PHE D 108 10.91 -0.90 36.26
CA PHE D 108 11.41 0.48 36.33
C PHE D 108 10.29 1.41 35.87
N PRO D 109 9.17 1.46 36.61
CA PRO D 109 8.04 2.25 36.15
C PRO D 109 8.45 3.70 35.91
N LYS D 110 8.34 4.16 34.65
CA LYS D 110 8.80 5.50 34.26
C LYS D 110 8.11 6.61 35.06
N GLY D 111 8.69 7.81 34.99
CA GLY D 111 8.37 8.89 35.91
C GLY D 111 6.94 9.39 35.90
N HIS D 112 6.58 10.10 34.84
CA HIS D 112 5.28 10.79 34.77
C HIS D 112 4.33 10.14 33.74
N TYR D 113 3.26 9.56 34.26
CA TYR D 113 2.17 9.07 33.42
C TYR D 113 0.94 9.99 33.46
N ARG D 114 0.15 9.90 32.41
CA ARG D 114 -1.05 10.69 32.25
C ARG D 114 -1.97 9.84 31.38
N CYS D 115 -3.26 9.93 31.66
CA CYS D 115 -4.24 9.18 30.94
C CYS D 115 -5.58 9.84 31.05
N VAL D 116 -5.96 10.64 30.06
CA VAL D 116 -7.34 11.09 30.01
C VAL D 116 -8.13 9.88 29.50
N ALA D 117 -9.30 9.66 30.08
CA ALA D 117 -10.13 8.52 29.74
C ALA D 117 -11.54 9.01 29.42
N GLU D 118 -11.83 9.15 28.13
CA GLU D 118 -13.12 9.63 27.64
C GLU D 118 -14.14 8.50 27.53
N ALA D 119 -15.27 8.63 28.22
CA ALA D 119 -16.33 7.63 28.13
C ALA D 119 -17.33 8.02 27.06
N ILE D 120 -17.56 7.13 26.11
CA ILE D 120 -18.35 7.42 24.93
C ILE D 120 -19.39 6.35 24.73
N ALA D 121 -20.61 6.77 24.43
CA ALA D 121 -21.74 5.87 24.14
C ALA D 121 -21.74 5.48 22.67
N GLY D 122 -21.40 4.24 22.38
CA GLY D 122 -21.17 3.79 21.01
C GLY D 122 -22.31 4.01 20.04
N ASP D 123 -23.54 3.75 20.49
CA ASP D 123 -24.73 3.92 19.63
C ASP D 123 -24.78 5.32 19.02
N THR D 124 -25.07 6.31 19.86
CA THR D 124 -25.28 7.67 19.40
C THR D 124 -23.99 8.37 19.05
N GLU D 125 -22.94 8.07 19.82
CA GLU D 125 -21.58 8.64 19.72
C GLU D 125 -21.44 9.91 20.50
N GLU D 126 -21.79 9.85 21.79
CA GLU D 126 -21.84 11.05 22.62
C GLU D 126 -20.85 10.96 23.76
N LYS D 127 -20.04 11.99 23.94
CA LYS D 127 -19.14 12.04 25.08
C LYS D 127 -19.97 12.11 26.35
N LEU D 128 -19.88 11.06 27.15
CA LEU D 128 -20.67 10.91 28.36
C LEU D 128 -19.93 11.50 29.55
N PHE D 129 -18.63 11.24 29.63
CA PHE D 129 -17.75 11.95 30.57
C PHE D 129 -16.27 11.90 30.16
N CYS D 130 -15.41 12.51 30.98
CA CYS D 130 -13.97 12.59 30.72
C CYS D 130 -13.18 12.73 32.02
N LEU D 131 -12.05 12.05 32.12
CA LEU D 131 -11.22 12.11 33.31
C LEU D 131 -9.76 12.36 32.94
N ASN D 132 -9.18 13.43 33.49
CA ASN D 132 -7.77 13.79 33.25
C ASN D 132 -6.89 13.20 34.36
N PHE D 133 -6.59 11.90 34.26
CA PHE D 133 -5.81 11.19 35.28
C PHE D 133 -4.32 11.53 35.23
N THR D 134 -3.61 11.08 36.27
CA THR D 134 -2.21 11.44 36.49
C THR D 134 -1.58 10.44 37.45
N ILE D 135 -0.37 9.98 37.12
CA ILE D 135 0.42 9.15 38.02
C ILE D 135 1.85 9.68 38.07
N ILE D 136 2.39 9.79 39.28
CA ILE D 136 3.75 10.23 39.45
C ILE D 136 4.48 9.17 40.26
N HIS D 137 5.71 8.89 39.83
CA HIS D 137 6.59 7.89 40.46
C HIS D 137 7.13 8.39 41.82
C1 NAG E . 16.84 7.30 3.31
C2 NAG E . 18.05 7.86 2.58
C3 NAG E . 17.66 8.94 1.58
C4 NAG E . 16.57 8.45 0.70
C5 NAG E . 15.42 8.09 1.61
C6 NAG E . 14.17 7.67 0.88
C7 NAG E . 20.33 7.80 3.46
C8 NAG E . 20.63 6.64 2.53
N2 NAG E . 19.12 8.32 3.48
O3 NAG E . 18.79 9.13 0.77
O4 NAG E . 16.23 9.58 -0.05
O5 NAG E . 15.81 6.98 2.37
O6 NAG E . 14.23 6.28 0.76
O7 NAG E . 21.21 8.21 4.20
C1 NAG E . 16.55 9.53 -1.47
C2 NAG E . 15.43 10.18 -2.26
C3 NAG E . 15.76 10.40 -3.73
C4 NAG E . 17.16 10.95 -3.95
C5 NAG E . 18.11 10.07 -3.12
C6 NAG E . 19.60 10.43 -3.22
C7 NAG E . 13.08 10.00 -1.72
C8 NAG E . 11.85 9.13 -1.64
N2 NAG E . 14.21 9.41 -2.15
O3 NAG E . 14.91 11.39 -4.24
O4 NAG E . 17.40 11.03 -5.36
O5 NAG E . 17.69 10.28 -1.78
O6 NAG E . 20.07 11.07 -2.05
O7 NAG E . 12.99 11.19 -1.38
C1 NAG F . 2.37 23.86 -26.79
C2 NAG F . 2.75 25.12 -26.01
C3 NAG F . 1.66 25.51 -25.03
C4 NAG F . 0.31 25.79 -25.72
C5 NAG F . 0.14 24.93 -27.01
C6 NAG F . -0.38 25.70 -28.21
C7 NAG F . 4.70 24.10 -24.80
C8 NAG F . 4.07 22.73 -24.67
N2 NAG F . 4.07 25.10 -25.40
O3 NAG F . 2.14 26.60 -24.25
O4 NAG F . -0.58 25.33 -24.84
O5 NAG F . 1.26 24.25 -27.58
O6 NAG F . 0.43 26.82 -28.35
O7 NAG F . 5.83 24.29 -24.35
C1 NAG F . -0.89 26.66 -25.05
C2 NAG F . -2.39 26.91 -25.34
C3 NAG F . -2.98 28.16 -24.65
C4 NAG F . -2.15 28.60 -23.44
C5 NAG F . -0.70 28.85 -23.90
C6 NAG F . 0.18 29.17 -22.69
C7 NAG F . -3.75 26.35 -27.29
C8 NAG F . -4.01 26.57 -28.77
N2 NAG F . -2.74 27.03 -26.74
O3 NAG F . -4.31 27.93 -24.28
O4 NAG F . -2.69 29.77 -22.87
O5 NAG F . -0.09 27.79 -24.66
O6 NAG F . 0.01 28.16 -21.73
O7 NAG F . -4.44 25.56 -26.64
C1 NAG G . -42.42 -13.73 20.94
C2 NAG G . -42.29 -13.87 19.42
C3 NAG G . -40.83 -13.89 19.00
C4 NAG G . -40.23 -12.54 19.41
C5 NAG G . -40.51 -12.27 20.90
C6 NAG G . -40.17 -10.82 21.26
C7 NAG G . -43.97 -14.89 17.92
C8 NAG G . -44.31 -13.57 17.27
N2 NAG G . -43.05 -14.99 18.89
O3 NAG G . -40.74 -14.08 17.60
O4 NAG G . -38.83 -12.48 19.13
O5 NAG G . -41.85 -12.48 21.28
O6 NAG G . -40.50 -10.58 22.61
O7 NAG G . -44.55 -15.90 17.53
C1 NAG G . -38.47 -11.51 18.12
C2 NAG G . -37.00 -11.10 18.30
C3 NAG G . -36.55 -10.15 17.16
C4 NAG G . -36.86 -10.82 15.82
C5 NAG G . -38.33 -11.21 15.75
C6 NAG G . -38.58 -12.08 14.52
C7 NAG G . -36.50 -11.35 20.71
C8 NAG G . -36.29 -10.68 22.04
N2 NAG G . -36.78 -10.57 19.64
O3 NAG G . -35.17 -9.82 17.19
O4 NAG G . -36.48 -9.98 14.74
O5 NAG G . -38.67 -12.04 16.84
O6 NAG G . -38.16 -13.38 14.88
O7 NAG G . -36.42 -12.59 20.65
C1 NAG H . -14.10 -16.62 -18.47
C2 NAG H . -12.68 -16.80 -19.11
C3 NAG H . -12.90 -16.94 -20.61
C4 NAG H . -13.93 -18.06 -20.81
C5 NAG H . -15.26 -17.66 -20.21
C6 NAG H . -16.39 -18.63 -20.53
C7 NAG H . -10.60 -15.13 -19.17
C8 NAG H . -10.38 -14.98 -20.65
N2 NAG H . -11.60 -15.88 -18.61
O3 NAG H . -11.66 -17.28 -21.20
O4 NAG H . -14.08 -18.58 -22.10
O5 NAG H . -14.94 -17.70 -18.84
O6 NAG H . -16.81 -18.50 -21.87
O7 NAG H . -9.82 -14.47 -18.45
C1 NAG H . -12.85 -19.23 -22.51
C2 NAG H . -12.39 -20.48 -21.71
C3 NAG H . -10.95 -20.70 -22.14
C4 NAG H . -10.81 -20.71 -23.69
C5 NAG H . -11.63 -19.63 -24.44
C6 NAG H . -11.75 -19.87 -25.94
C7 NAG H . -13.23 -21.27 -19.46
C8 NAG H . -13.15 -21.22 -17.96
N2 NAG H . -12.43 -20.49 -20.23
O3 NAG H . -10.47 -21.88 -21.52
O4 NAG H . -9.46 -20.51 -24.02
O5 NAG H . -12.92 -19.55 -23.89
O6 NAG H . -10.90 -18.96 -26.63
O7 NAG H . -14.06 -22.05 -19.93
C1 NAG I . -18.00 4.38 -1.93
C2 NAG I . -19.22 4.44 -1.03
C3 NAG I . -19.17 5.36 0.19
C4 NAG I . -17.90 5.35 1.04
C5 NAG I . -16.74 5.05 0.06
C6 NAG I . -15.44 4.58 0.72
C7 NAG I . -21.29 3.75 -2.13
C8 NAG I . -21.01 2.29 -1.79
N2 NAG I . -20.43 4.70 -1.77
O3 NAG I . -20.27 4.95 0.97
O4 NAG I . -17.71 6.61 1.43
O5 NAG I . -16.98 4.10 -0.98
O6 NAG I . -14.68 4.16 -0.36
O7 NAG I . -22.29 4.10 -2.75
C1 NAG I . -17.90 5.91 2.59
C2 NAG I . -17.12 6.69 3.66
C3 NAG I . -17.53 6.58 5.14
C4 NAG I . -18.86 5.90 5.46
C5 NAG I . -19.50 5.23 4.26
C6 NAG I . -21.02 5.08 4.42
C7 NAG I . -14.74 7.16 3.53
C8 NAG I . -13.37 6.54 3.61
N2 NAG I . -15.74 6.30 3.68
O3 NAG I . -17.52 7.86 5.74
O4 NAG I . -18.66 4.97 6.51
O5 NAG I . -19.24 5.99 3.09
O6 NAG I . -21.69 6.30 4.26
O7 NAG I . -14.88 8.36 3.31
C1 NAG J . -33.73 -36.34 24.93
C2 NAG J . -34.22 -37.54 24.09
C3 NAG J . -34.32 -38.83 24.89
C4 NAG J . -33.50 -38.91 26.20
C5 NAG J . -33.37 -37.54 26.85
C6 NAG J . -32.48 -37.44 28.07
C7 NAG J . -36.11 -37.93 22.48
C8 NAG J . -35.34 -38.92 21.65
N2 NAG J . -35.57 -37.32 23.56
O3 NAG J . -33.92 -39.86 24.01
O4 NAG J . -34.13 -39.75 27.16
O5 NAG J . -32.77 -36.77 25.86
O6 NAG J . -32.47 -36.08 28.46
O7 NAG J . -37.27 -37.66 22.15
C1 NAG J . -34.57 -41.02 26.62
C2 NAG J . -34.12 -42.12 27.58
C3 NAG J . -35.24 -42.87 28.35
C4 NAG J . -36.67 -42.70 27.80
C5 NAG J . -36.64 -42.21 26.36
C6 NAG J . -38.04 -42.05 25.78
C7 NAG J . -31.93 -42.94 26.79
C8 NAG J . -31.16 -43.97 25.99
N2 NAG J . -33.26 -43.05 26.83
O3 NAG J . -35.25 -42.47 29.69
O4 NAG J . -37.38 -43.91 27.91
O5 NAG J . -35.97 -40.97 26.36
O6 NAG J . -37.93 -41.90 24.38
O7 NAG J . -31.30 -42.05 27.37
C1 NAG K . 44.39 -3.47 -23.72
C2 NAG K . 44.31 -4.56 -22.65
C3 NAG K . 42.99 -4.62 -21.84
C4 NAG K . 42.30 -3.26 -21.65
C5 NAG K . 42.36 -2.55 -22.98
C6 NAG K . 41.58 -1.24 -22.98
C7 NAG K . 45.38 -6.76 -23.03
C8 NAG K . 45.36 -8.02 -23.87
N2 NAG K . 44.47 -5.83 -23.34
O3 NAG K . 43.23 -5.25 -20.60
O4 NAG K . 40.95 -3.33 -21.18
O5 NAG K . 43.72 -2.32 -23.26
O6 NAG K . 42.16 -0.34 -23.91
O7 NAG K . 46.19 -6.62 -22.11
C1 NAG L . 23.09 -1.19 -51.43
C2 NAG L . 22.45 -1.90 -52.61
C3 NAG L . 23.19 -1.47 -53.87
C4 NAG L . 22.85 -0.01 -54.08
C5 NAG L . 23.21 0.86 -52.87
C6 NAG L . 22.27 2.07 -52.75
C7 NAG L . 21.61 -4.00 -51.64
C8 NAG L . 21.70 -5.50 -51.58
N2 NAG L . 22.45 -3.37 -52.46
O3 NAG L . 22.76 -2.26 -54.95
O4 NAG L . 23.52 0.42 -55.24
O5 NAG L . 23.18 0.22 -51.58
O6 NAG L . 22.58 3.06 -53.71
O7 NAG L . 20.77 -3.43 -50.94
C1 NAG M . 18.52 -16.73 17.12
C2 NAG M . 18.18 -17.08 18.61
C3 NAG M . 18.87 -18.30 19.25
C4 NAG M . 19.67 -19.26 18.38
C5 NAG M . 20.05 -18.58 17.04
C6 NAG M . 20.68 -19.50 15.96
C7 NAG M . 18.03 -15.97 20.85
C8 NAG M . 18.23 -14.70 21.64
N2 NAG M . 18.33 -15.93 19.53
O3 NAG M . 17.88 -19.05 19.93
O4 NAG M . 20.81 -19.75 19.09
O5 NAG M . 18.88 -17.98 16.52
O6 NAG M . 20.58 -20.89 16.22
O7 NAG M . 17.63 -16.97 21.48
C1 NAG N . 21.09 15.42 -45.18
C2 NAG N . 22.20 16.38 -45.65
C3 NAG N . 21.78 17.10 -46.93
C4 NAG N . 21.46 16.05 -48.01
C5 NAG N . 20.51 14.96 -47.52
C6 NAG N . 20.58 13.77 -48.48
C7 NAG N . 23.80 17.27 -43.99
C8 NAG N . 24.12 18.36 -43.00
N2 NAG N . 22.64 17.36 -44.66
O3 NAG N . 22.83 17.93 -47.35
O4 NAG N . 20.87 16.68 -49.13
O5 NAG N . 20.79 14.48 -46.22
O6 NAG N . 20.71 14.21 -49.82
O7 NAG N . 24.59 16.35 -44.13
C1 NAG O . -5.27 17.54 31.10
C2 NAG O . -5.68 18.40 29.90
C3 NAG O . -4.52 19.19 29.27
C4 NAG O . -3.75 19.98 30.33
C5 NAG O . -3.33 19.00 31.44
C6 NAG O . -2.63 19.75 32.58
C7 NAG O . -7.73 17.49 28.83
C8 NAG O . -8.29 16.66 27.71
N2 NAG O . -6.39 17.63 28.88
O3 NAG O . -4.99 20.10 28.31
O4 NAG O . -2.67 20.70 29.75
O5 NAG O . -4.43 18.28 31.99
O6 NAG O . -3.57 20.55 33.28
O7 NAG O . -8.51 18.00 29.63
C1 NAG P . -23.63 4.39 46.93
C2 NAG P . -24.86 4.49 47.86
C3 NAG P . -24.56 4.37 49.37
C4 NAG P . -23.15 3.94 49.79
C5 NAG P . -22.09 4.25 48.74
C6 NAG P . -20.74 3.64 49.16
C7 NAG P . -26.39 5.99 46.57
C8 NAG P . -27.05 7.35 46.49
N2 NAG P . -25.58 5.75 47.61
O3 NAG P . -25.44 3.46 49.98
O4 NAG P . -22.85 4.57 51.03
O5 NAG P . -22.52 3.71 47.50
O6 NAG P . -19.95 4.61 49.82
O7 NAG P . -26.62 5.17 45.69
#